data_8E5L
#
_entry.id   8E5L
#
loop_
_entity.id
_entity.type
_entity.pdbx_description
1 polymer 'RNA with 21 nt long spacer'
2 polymer 'Transcription termination factor Rho'
3 non-polymer "ADENOSINE-5'-DIPHOSPHATE"
4 non-polymer 'MAGNESIUM ION'
5 non-polymer 'BERYLLIUM TRIFLUORIDE ION'
#
loop_
_entity_poly.entity_id
_entity_poly.type
_entity_poly.pdbx_seq_one_letter_code
_entity_poly.pdbx_strand_id
1 'polyribonucleotide' AUGUUUUUUUUUUUUUUUUUUUUUGAUUUGGUGAGAGG 7
2 'polypeptide(L)'
;MNLTELKNTPVSELITLGENMGLENLARMRKQDIIFAILKQHAKSGEDIFGDGVLEILQDGFGFLRSADSSYLAGPDDIY
VSPSQIRRFNLRTGDTISGKIRPPKEGERYFALLKVNEVNFDKPENARNKILFENLTPLHANSRLRMERGNGSTEDLTAR
VLDLASPIGRGQRGLIVAPPKAGKTMLLQNIAQSIAYNHPDCVLMVLLIDERPEEVTEMQRLVKGEVVASTFDEPASRHV
QVAEMVIEKAKRLVEHKKDVIILLDSITRLARAYNTVVPASGKVLTGGVDANALHRPKRFFGAARNVEEGGSLTIIATAL
IDTGSKMDEVIYEEFKGTGNMELHLSRKIAEKRVFPAIDYNRSGTRKEELLTTQEELQKMWILRKIIHPMGEIDAMEFLI
NKLAMTKTNDDFFEMMKRS
;
e,f,c,b,a,d
#
loop_
_chem_comp.id
_chem_comp.type
_chem_comp.name
_chem_comp.formula
A RNA linking ADENOSINE-5'-MONOPHOSPHATE 'C10 H14 N5 O7 P'
ADP non-polymer ADENOSINE-5'-DIPHOSPHATE 'C10 H15 N5 O10 P2'
BEF non-polymer 'BERYLLIUM TRIFLUORIDE ION' 'Be F3 -1'
G RNA linking GUANOSINE-5'-MONOPHOSPHATE 'C10 H14 N5 O8 P'
MG non-polymer 'MAGNESIUM ION' 'Mg 2'
U RNA linking URIDINE-5'-MONOPHOSPHATE 'C9 H13 N2 O9 P'
#
# COMPACT_ATOMS: atom_id res chain seq x y z
N MET B 1 52.77 30.94 -16.86
CA MET B 1 51.81 30.21 -17.68
C MET B 1 51.00 29.23 -16.85
N ASN B 2 49.89 29.71 -16.30
CA ASN B 2 49.01 28.90 -15.47
C ASN B 2 47.63 28.83 -16.12
N LEU B 3 46.95 27.69 -15.93
CA LEU B 3 45.65 27.49 -16.54
C LEU B 3 44.60 28.40 -15.92
N THR B 4 44.57 28.46 -14.58
CA THR B 4 43.58 29.29 -13.90
C THR B 4 43.76 30.77 -14.21
N GLU B 5 45.01 31.22 -14.39
CA GLU B 5 45.25 32.61 -14.74
C GLU B 5 44.65 32.95 -16.10
N LEU B 6 44.77 32.06 -17.07
CA LEU B 6 44.16 32.29 -18.37
C LEU B 6 42.65 32.13 -18.32
N LYS B 7 42.15 31.29 -17.41
CA LYS B 7 40.71 31.14 -17.24
C LYS B 7 40.07 32.37 -16.60
N ASN B 8 40.81 33.08 -15.73
CA ASN B 8 40.26 34.26 -15.09
C ASN B 8 40.30 35.48 -16.00
N THR B 9 41.14 35.46 -17.03
CA THR B 9 41.23 36.59 -17.95
C THR B 9 39.94 36.72 -18.76
N PRO B 10 39.56 37.94 -19.14
CA PRO B 10 38.33 38.11 -19.93
C PRO B 10 38.52 37.64 -21.37
N VAL B 11 37.41 37.65 -22.11
CA VAL B 11 37.42 37.15 -23.49
C VAL B 11 38.14 38.13 -24.41
N SER B 12 37.93 39.43 -24.19
CA SER B 12 38.48 40.44 -25.09
C SER B 12 40.01 40.43 -25.06
N GLU B 13 40.60 40.38 -23.86
CA GLU B 13 42.05 40.36 -23.76
C GLU B 13 42.63 39.08 -24.35
N LEU B 14 41.96 37.95 -24.19
CA LEU B 14 42.44 36.71 -24.78
C LEU B 14 42.38 36.76 -26.30
N ILE B 15 41.30 37.34 -26.85
CA ILE B 15 41.20 37.49 -28.30
C ILE B 15 42.31 38.40 -28.81
N THR B 16 42.57 39.50 -28.09
CA THR B 16 43.63 40.42 -28.50
C THR B 16 44.99 39.73 -28.47
N LEU B 17 45.26 38.97 -27.40
CA LEU B 17 46.53 38.26 -27.29
C LEU B 17 46.69 37.23 -28.41
N GLY B 18 45.61 36.50 -28.70
CA GLY B 18 45.68 35.52 -29.78
C GLY B 18 45.88 36.16 -31.15
N GLU B 19 45.25 37.31 -31.39
CA GLU B 19 45.47 38.01 -32.65
C GLU B 19 46.89 38.56 -32.74
N ASN B 20 47.47 38.99 -31.61
CA ASN B 20 48.86 39.43 -31.61
C ASN B 20 49.81 38.26 -31.84
N MET B 21 49.46 37.07 -31.36
CA MET B 21 50.33 35.91 -31.56
C MET B 21 50.32 35.43 -33.01
N GLY B 22 49.35 35.90 -33.80
CA GLY B 22 49.29 35.52 -35.20
C GLY B 22 48.72 34.13 -35.44
N LEU B 23 47.46 33.93 -35.08
CA LEU B 23 46.76 32.66 -35.26
C LEU B 23 45.48 32.91 -36.04
N GLU B 24 44.66 31.86 -36.14
CA GLU B 24 43.38 31.97 -36.81
C GLU B 24 42.46 32.92 -36.05
N ASN B 25 41.48 33.47 -36.76
CA ASN B 25 40.53 34.42 -36.18
C ASN B 25 39.86 33.85 -34.94
N LEU B 26 40.08 34.50 -33.80
CA LEU B 26 39.58 34.03 -32.52
C LEU B 26 38.25 34.65 -32.12
N ALA B 27 37.74 35.62 -32.91
CA ALA B 27 36.45 36.21 -32.60
C ALA B 27 35.33 35.19 -32.67
N ARG B 28 35.33 34.36 -33.71
CA ARG B 28 34.37 33.27 -33.85
C ARG B 28 34.93 31.97 -33.28
N MET B 29 35.40 32.02 -32.03
CA MET B 29 35.98 30.86 -31.38
C MET B 29 35.62 30.87 -29.90
N ARG B 30 35.55 29.68 -29.32
CA ARG B 30 35.27 29.55 -27.90
C ARG B 30 36.48 29.98 -27.07
N LYS B 31 36.21 30.43 -25.84
CA LYS B 31 37.28 30.88 -24.96
C LYS B 31 38.23 29.74 -24.63
N GLN B 32 37.70 28.53 -24.44
CA GLN B 32 38.56 27.39 -24.17
C GLN B 32 39.45 27.06 -25.36
N ASP B 33 38.89 27.15 -26.57
CA ASP B 33 39.70 26.92 -27.76
C ASP B 33 40.75 28.02 -27.93
N ILE B 34 40.42 29.25 -27.56
CA ILE B 34 41.39 30.34 -27.61
C ILE B 34 42.54 30.06 -26.66
N ILE B 35 42.22 29.64 -25.43
CA ILE B 35 43.26 29.32 -24.45
C ILE B 35 44.11 28.16 -24.93
N PHE B 36 43.48 27.16 -25.55
CA PHE B 36 44.21 26.00 -26.06
C PHE B 36 45.18 26.41 -27.16
N ALA B 37 44.72 27.25 -28.09
CA ALA B 37 45.59 27.72 -29.17
C ALA B 37 46.72 28.59 -28.64
N ILE B 38 46.44 29.42 -27.63
CA ILE B 38 47.49 30.26 -27.05
C ILE B 38 48.54 29.38 -26.37
N LEU B 39 48.09 28.34 -25.65
CA LEU B 39 49.04 27.44 -25.01
C LEU B 39 49.88 26.69 -26.04
N LYS B 40 49.25 26.25 -27.13
CA LYS B 40 50.01 25.59 -28.20
C LYS B 40 51.06 26.53 -28.77
N GLN B 41 50.67 27.76 -29.10
CA GLN B 41 51.61 28.70 -29.70
C GLN B 41 52.72 29.07 -28.73
N HIS B 42 52.42 29.13 -27.43
CA HIS B 42 53.45 29.47 -26.46
C HIS B 42 54.39 28.30 -26.21
N ALA B 43 53.90 27.06 -26.31
CA ALA B 43 54.76 25.90 -26.17
C ALA B 43 55.58 25.62 -27.42
N LYS B 44 55.13 26.09 -28.58
CA LYS B 44 55.95 25.96 -29.79
C LYS B 44 57.23 26.76 -29.69
N SER B 45 57.25 27.82 -28.86
CA SER B 45 58.45 28.60 -28.67
C SER B 45 59.44 27.96 -27.71
N GLY B 46 59.04 26.89 -27.01
CA GLY B 46 59.92 26.20 -26.10
C GLY B 46 59.66 26.47 -24.63
N GLU B 47 58.76 27.39 -24.29
CA GLU B 47 58.49 27.70 -22.90
C GLU B 47 57.66 26.60 -22.25
N ASP B 48 57.66 26.59 -20.93
CA ASP B 48 56.94 25.59 -20.17
C ASP B 48 55.54 26.07 -19.83
N ILE B 49 54.63 25.11 -19.64
CA ILE B 49 53.24 25.39 -19.28
C ILE B 49 52.92 24.65 -17.99
N PHE B 50 52.21 25.33 -17.10
CA PHE B 50 51.84 24.78 -15.80
C PHE B 50 50.32 24.75 -15.66
N GLY B 51 49.84 23.77 -14.90
CA GLY B 51 48.42 23.61 -14.66
C GLY B 51 48.18 23.02 -13.29
N ASP B 52 46.90 22.89 -12.94
CA ASP B 52 46.49 22.35 -11.65
C ASP B 52 45.06 21.87 -11.75
N GLY B 53 44.63 21.15 -10.72
CA GLY B 53 43.27 20.63 -10.67
C GLY B 53 43.17 19.46 -9.73
N VAL B 54 41.94 19.04 -9.51
CA VAL B 54 41.64 17.91 -8.63
C VAL B 54 41.65 16.64 -9.44
N LEU B 55 42.31 15.61 -8.92
CA LEU B 55 42.47 14.36 -9.64
C LEU B 55 41.21 13.51 -9.55
N GLU B 56 40.82 12.91 -10.68
CA GLU B 56 39.67 12.02 -10.77
C GLU B 56 40.13 10.74 -11.46
N ILE B 57 40.53 9.75 -10.66
CA ILE B 57 41.01 8.49 -11.22
C ILE B 57 39.85 7.70 -11.81
N LEU B 58 39.99 7.30 -13.06
CA LEU B 58 38.95 6.53 -13.72
C LEU B 58 39.07 5.05 -13.33
N GLN B 59 38.08 4.26 -13.77
CA GLN B 59 38.05 2.85 -13.43
C GLN B 59 39.14 2.08 -14.17
N ASP B 60 39.54 2.55 -15.35
CA ASP B 60 40.56 1.83 -16.12
C ASP B 60 41.93 1.95 -15.47
N GLY B 61 42.24 3.12 -14.92
CA GLY B 61 43.52 3.32 -14.27
C GLY B 61 44.11 4.70 -14.48
N PHE B 62 43.64 5.41 -15.50
CA PHE B 62 44.11 6.76 -15.78
C PHE B 62 43.21 7.76 -15.06
N GLY B 63 43.41 9.05 -15.33
CA GLY B 63 42.61 10.07 -14.67
C GLY B 63 42.82 11.43 -15.31
N PHE B 64 42.04 12.39 -14.84
CA PHE B 64 42.10 13.76 -15.32
C PHE B 64 42.15 14.71 -14.14
N LEU B 65 42.45 15.97 -14.42
CA LEU B 65 42.50 17.04 -13.42
C LEU B 65 41.33 17.98 -13.69
N ARG B 66 40.23 17.75 -12.96
CA ARG B 66 39.05 18.58 -13.13
C ARG B 66 39.30 19.99 -12.59
N SER B 67 38.48 20.93 -13.04
CA SER B 67 38.57 22.33 -12.64
C SER B 67 37.37 22.68 -11.74
N ALA B 68 37.60 23.60 -10.81
CA ALA B 68 36.56 23.97 -9.86
C ALA B 68 35.56 24.97 -10.44
N ASP B 69 35.98 25.78 -11.42
CA ASP B 69 35.09 26.77 -12.00
C ASP B 69 34.00 26.14 -12.87
N SER B 70 34.18 24.89 -13.28
CA SER B 70 33.20 24.19 -14.12
C SER B 70 32.45 23.12 -13.34
N SER B 71 32.51 23.16 -12.01
CA SER B 71 31.81 22.19 -11.15
C SER B 71 32.27 20.77 -11.46
N TYR B 72 33.56 20.60 -11.70
CA TYR B 72 34.17 19.30 -11.97
C TYR B 72 33.50 18.59 -13.15
N LEU B 73 33.25 19.36 -14.20
CA LEU B 73 32.66 18.82 -15.42
C LEU B 73 33.75 18.44 -16.41
N ALA B 74 33.48 17.40 -17.20
CA ALA B 74 34.43 16.91 -18.19
C ALA B 74 34.70 17.98 -19.24
N GLY B 75 35.91 18.52 -19.25
CA GLY B 75 36.28 19.55 -20.19
C GLY B 75 37.39 19.11 -21.14
N PRO B 76 37.51 19.80 -22.27
CA PRO B 76 38.59 19.46 -23.21
C PRO B 76 39.97 19.81 -22.70
N ASP B 77 40.07 20.74 -21.75
CA ASP B 77 41.35 21.19 -21.22
C ASP B 77 41.77 20.41 -19.98
N ASP B 78 41.25 19.20 -19.80
CA ASP B 78 41.65 18.37 -18.66
C ASP B 78 43.04 17.80 -18.89
N ILE B 79 43.82 17.73 -17.83
CA ILE B 79 45.20 17.25 -17.89
C ILE B 79 45.19 15.74 -17.69
N TYR B 80 45.69 15.01 -18.67
CA TYR B 80 45.76 13.55 -18.56
C TYR B 80 46.85 13.15 -17.56
N VAL B 81 46.52 12.17 -16.72
CA VAL B 81 47.44 11.65 -15.72
C VAL B 81 47.63 10.16 -16.00
N SER B 82 48.84 9.79 -16.40
CA SER B 82 49.12 8.39 -16.71
C SER B 82 49.06 7.53 -15.46
N PRO B 83 48.66 6.26 -15.59
CA PRO B 83 48.62 5.39 -14.40
C PRO B 83 50.00 5.08 -13.84
N SER B 84 51.05 5.23 -14.66
CA SER B 84 52.41 5.01 -14.17
C SER B 84 52.76 6.00 -13.06
N GLN B 85 52.48 7.29 -13.28
CA GLN B 85 52.73 8.28 -12.26
C GLN B 85 51.84 8.06 -11.04
N ILE B 86 50.60 7.60 -11.26
CA ILE B 86 49.70 7.31 -10.14
C ILE B 86 50.28 6.22 -9.27
N ARG B 87 50.85 5.19 -9.91
CA ARG B 87 51.46 4.02 -9.23
C ARG B 87 52.79 4.42 -8.60
N ARG B 88 53.45 5.45 -9.14
CA ARG B 88 54.79 5.91 -8.65
C ARG B 88 54.64 6.85 -7.44
N PHE B 89 53.55 7.63 -7.39
CA PHE B 89 53.34 8.57 -6.29
C PHE B 89 52.17 8.21 -5.41
N ASN B 90 51.51 7.07 -5.65
CA ASN B 90 50.37 6.61 -4.87
C ASN B 90 49.28 7.67 -4.82
N LEU B 91 48.90 8.16 -6.00
CA LEU B 91 47.87 9.18 -6.10
C LEU B 91 46.48 8.54 -6.01
N ARG B 92 45.54 9.29 -5.44
CA ARG B 92 44.17 8.85 -5.30
C ARG B 92 43.23 9.97 -5.70
N THR B 93 41.95 9.64 -5.85
CA THR B 93 40.95 10.61 -6.24
C THR B 93 40.81 11.69 -5.16
N GLY B 94 41.04 12.94 -5.55
CA GLY B 94 40.95 14.07 -4.64
C GLY B 94 42.26 14.78 -4.40
N ASP B 95 43.39 14.16 -4.73
CA ASP B 95 44.69 14.78 -4.52
C ASP B 95 44.88 15.96 -5.46
N THR B 96 45.14 17.14 -4.90
CA THR B 96 45.42 18.32 -5.71
C THR B 96 46.83 18.23 -6.28
N ILE B 97 46.93 18.24 -7.60
CA ILE B 97 48.21 18.10 -8.29
C ILE B 97 48.48 19.36 -9.10
N SER B 98 49.69 19.90 -8.96
CA SER B 98 50.11 21.10 -9.68
C SER B 98 51.51 20.85 -10.23
N GLY B 99 51.64 20.78 -11.55
CA GLY B 99 52.92 20.52 -12.16
C GLY B 99 52.95 20.98 -13.60
N LYS B 100 54.11 20.79 -14.22
CA LYS B 100 54.29 21.18 -15.61
C LYS B 100 53.46 20.30 -16.53
N ILE B 101 52.86 20.92 -17.56
CA ILE B 101 52.04 20.22 -18.53
C ILE B 101 52.53 20.57 -19.93
N ARG B 102 52.10 19.78 -20.90
CA ARG B 102 52.47 19.98 -22.30
C ARG B 102 51.23 19.80 -23.16
N PRO B 103 51.14 20.53 -24.27
CA PRO B 103 50.00 20.37 -25.18
C PRO B 103 49.99 18.98 -25.80
N PRO B 104 48.83 18.49 -26.22
CA PRO B 104 48.78 17.16 -26.81
C PRO B 104 49.43 17.12 -28.19
N LYS B 105 50.18 16.05 -28.44
CA LYS B 105 50.87 15.86 -29.71
C LYS B 105 49.87 15.31 -30.74
N GLU B 106 50.40 14.86 -31.88
CA GLU B 106 49.55 14.30 -32.93
C GLU B 106 48.99 12.96 -32.45
N GLY B 107 47.66 12.85 -32.42
CA GLY B 107 47.00 11.66 -31.93
C GLY B 107 46.57 11.72 -30.48
N GLU B 108 46.79 12.85 -29.80
CA GLU B 108 46.37 13.02 -28.42
C GLU B 108 45.33 14.12 -28.33
N ARG B 109 44.55 14.10 -27.24
CA ARG B 109 43.47 15.04 -27.06
C ARG B 109 43.52 15.81 -25.74
N TYR B 110 44.47 15.50 -24.86
CA TYR B 110 44.53 16.14 -23.55
C TYR B 110 45.98 16.39 -23.17
N PHE B 111 46.17 17.35 -22.28
CA PHE B 111 47.52 17.69 -21.81
C PHE B 111 48.09 16.56 -20.96
N ALA B 112 49.40 16.36 -21.08
CA ALA B 112 50.10 15.34 -20.33
C ALA B 112 50.87 15.96 -19.17
N LEU B 113 51.08 15.17 -18.12
CA LEU B 113 51.79 15.61 -16.93
C LEU B 113 53.20 15.05 -16.95
N LEU B 114 54.20 15.93 -16.89
CA LEU B 114 55.59 15.53 -16.91
C LEU B 114 56.17 15.40 -15.50
N LYS B 115 56.12 16.47 -14.72
CA LYS B 115 56.68 16.49 -13.38
C LYS B 115 55.71 17.19 -12.43
N VAL B 116 55.42 16.54 -11.31
CA VAL B 116 54.52 17.09 -10.30
C VAL B 116 55.34 17.94 -9.34
N ASN B 117 54.88 19.17 -9.09
CA ASN B 117 55.62 20.10 -8.24
C ASN B 117 55.06 20.19 -6.83
N GLU B 118 53.73 20.18 -6.69
CA GLU B 118 53.10 20.34 -5.39
C GLU B 118 51.89 19.43 -5.29
N VAL B 119 51.78 18.71 -4.18
CA VAL B 119 50.69 17.78 -3.93
C VAL B 119 49.91 18.26 -2.72
N ASN B 120 48.60 18.47 -2.91
CA ASN B 120 47.70 18.90 -1.84
C ASN B 120 48.20 20.18 -1.18
N PHE B 121 48.72 21.10 -2.00
CA PHE B 121 49.26 22.37 -1.52
C PHE B 121 50.36 22.16 -0.49
N ASP B 122 51.18 21.13 -0.72
CA ASP B 122 52.25 20.79 0.19
C ASP B 122 53.32 20.01 -0.58
N LYS B 123 54.43 19.75 0.08
CA LYS B 123 55.52 19.02 -0.56
C LYS B 123 55.14 17.55 -0.73
N PRO B 124 55.57 16.91 -1.81
CA PRO B 124 55.27 15.48 -1.97
C PRO B 124 55.91 14.61 -0.91
N GLU B 125 56.99 15.07 -0.28
CA GLU B 125 57.63 14.30 0.78
C GLU B 125 56.75 14.22 2.03
N ASN B 126 55.85 15.20 2.21
CA ASN B 126 54.91 15.15 3.31
C ASN B 126 53.63 14.40 2.96
N ALA B 127 53.34 14.24 1.67
CA ALA B 127 52.15 13.52 1.23
C ALA B 127 52.40 12.04 1.05
N ARG B 128 53.65 11.65 0.76
CA ARG B 128 53.96 10.24 0.58
C ARG B 128 53.75 9.46 1.88
N ASN B 129 53.99 10.11 3.02
CA ASN B 129 53.80 9.49 4.33
C ASN B 129 52.62 10.19 4.99
N LYS B 130 51.47 9.51 5.03
CA LYS B 130 50.26 10.08 5.60
C LYS B 130 49.34 8.97 6.07
N ILE B 131 48.45 9.30 6.99
CA ILE B 131 47.48 8.37 7.54
C ILE B 131 46.17 8.53 6.79
N LEU B 132 45.56 7.41 6.39
CA LEU B 132 44.32 7.45 5.65
C LEU B 132 43.19 8.01 6.52
N PHE B 133 42.14 8.50 5.85
CA PHE B 133 41.00 9.06 6.56
C PHE B 133 40.21 7.99 7.30
N GLU B 134 40.22 6.75 6.79
CA GLU B 134 39.48 5.66 7.41
C GLU B 134 40.12 5.19 8.71
N ASN B 135 41.34 5.62 9.01
CA ASN B 135 42.03 5.20 10.23
C ASN B 135 42.05 6.27 11.31
N LEU B 136 41.59 7.48 11.02
CA LEU B 136 41.59 8.54 12.00
C LEU B 136 40.55 8.26 13.09
N THR B 137 40.92 8.56 14.33
CA THR B 137 40.03 8.30 15.46
C THR B 137 38.96 9.38 15.56
N PRO B 138 37.67 9.04 15.45
CA PRO B 138 36.63 10.05 15.56
C PRO B 138 36.50 10.57 16.99
N LEU B 139 35.91 11.75 17.10
CA LEU B 139 35.65 12.36 18.40
C LEU B 139 34.45 13.28 18.28
N HIS B 140 33.95 13.73 19.43
CA HIS B 140 32.84 14.67 19.44
C HIS B 140 33.33 16.09 19.17
N ALA B 141 32.37 16.99 18.95
CA ALA B 141 32.70 18.38 18.70
C ALA B 141 33.33 19.01 19.94
N ASN B 142 34.59 19.43 19.82
CA ASN B 142 35.32 20.04 20.93
C ASN B 142 35.44 21.54 20.76
N SER B 143 35.94 22.00 19.62
CA SER B 143 36.10 23.43 19.38
C SER B 143 34.75 24.07 19.07
N ARG B 144 34.52 25.26 19.61
CA ARG B 144 33.27 25.98 19.42
C ARG B 144 33.36 26.87 18.19
N LEU B 145 32.44 26.66 17.24
CA LEU B 145 32.34 27.50 16.05
C LEU B 145 31.17 28.46 16.24
N ARG B 146 31.45 29.58 16.91
CA ARG B 146 30.42 30.56 17.21
C ARG B 146 29.96 31.24 15.92
N MET B 147 28.64 31.36 15.76
CA MET B 147 28.05 31.93 14.57
C MET B 147 27.61 33.38 14.75
N GLU B 148 27.70 33.92 15.97
CA GLU B 148 27.26 35.28 16.23
C GLU B 148 28.22 36.28 15.59
N ARG B 149 27.66 37.25 14.85
CA ARG B 149 28.47 38.27 14.21
C ARG B 149 29.14 39.16 15.25
N GLY B 150 28.34 39.80 16.11
CA GLY B 150 28.84 40.72 17.10
C GLY B 150 28.85 42.17 16.68
N ASN B 151 28.51 42.47 15.43
CA ASN B 151 28.48 43.84 14.93
C ASN B 151 27.17 44.56 15.22
N GLY B 152 26.22 43.90 15.88
CA GLY B 152 24.96 44.54 16.19
C GLY B 152 24.06 44.76 15.00
N SER B 153 24.23 44.00 13.93
CA SER B 153 23.40 44.15 12.74
C SER B 153 22.05 43.50 12.95
N THR B 154 21.06 43.95 12.16
CA THR B 154 19.72 43.40 12.27
C THR B 154 19.66 41.96 11.77
N GLU B 155 20.56 41.58 10.86
CA GLU B 155 20.59 40.21 10.37
C GLU B 155 21.25 39.25 11.36
N ASP B 156 21.92 39.77 12.38
CA ASP B 156 22.56 38.94 13.38
C ASP B 156 21.55 38.22 14.28
N LEU B 157 20.26 38.60 14.21
CA LEU B 157 19.25 37.94 15.03
C LEU B 157 19.13 36.45 14.68
N THR B 158 19.24 36.13 13.39
CA THR B 158 19.18 34.73 12.99
C THR B 158 20.34 33.93 13.58
N ALA B 159 21.56 34.49 13.52
CA ALA B 159 22.71 33.81 14.10
C ALA B 159 22.59 33.67 15.61
N ARG B 160 22.04 34.70 16.26
CA ARG B 160 21.85 34.63 17.72
C ARG B 160 20.85 33.54 18.08
N VAL B 161 19.74 33.46 17.35
CA VAL B 161 18.75 32.43 17.60
C VAL B 161 19.33 31.04 17.33
N LEU B 162 20.16 30.93 16.29
CA LEU B 162 20.80 29.64 15.99
C LEU B 162 21.75 29.23 17.10
N ASP B 163 22.51 30.19 17.64
CA ASP B 163 23.43 29.89 18.73
C ASP B 163 22.66 29.51 20.00
N LEU B 164 21.54 30.19 20.27
CA LEU B 164 20.75 29.85 21.44
C LEU B 164 20.01 28.53 21.29
N ALA B 165 19.77 28.10 20.04
CA ALA B 165 19.02 26.87 19.82
C ALA B 165 19.93 25.66 19.65
N SER B 166 20.96 25.80 18.82
CA SER B 166 21.86 24.68 18.51
C SER B 166 23.22 25.21 18.15
N PRO B 167 24.13 25.30 19.12
CA PRO B 167 25.51 25.69 18.80
C PRO B 167 26.19 24.64 17.93
N ILE B 168 27.05 25.11 17.04
CA ILE B 168 27.72 24.27 16.06
C ILE B 168 29.21 24.27 16.35
N GLY B 169 29.82 23.09 16.36
CA GLY B 169 31.24 22.95 16.55
C GLY B 169 31.90 22.23 15.39
N ARG B 170 33.22 22.06 15.49
CA ARG B 170 33.97 21.39 14.45
C ARG B 170 33.64 19.91 14.43
N GLY B 171 33.40 19.36 13.25
CA GLY B 171 33.05 17.96 13.11
C GLY B 171 31.59 17.64 13.33
N GLN B 172 30.73 18.64 13.44
CA GLN B 172 29.31 18.40 13.69
C GLN B 172 28.65 17.82 12.45
N ARG B 173 27.65 16.97 12.68
CA ARG B 173 26.89 16.31 11.63
C ARG B 173 25.40 16.54 11.92
N GLY B 174 24.87 17.66 11.43
CA GLY B 174 23.52 18.06 11.70
C GLY B 174 22.59 17.95 10.49
N LEU B 175 21.34 18.36 10.73
CA LEU B 175 20.31 18.33 9.71
C LEU B 175 19.42 19.55 9.87
N ILE B 176 19.08 20.18 8.75
CA ILE B 176 18.18 21.33 8.74
C ILE B 176 16.87 20.83 8.12
N VAL B 177 15.95 20.41 8.98
CA VAL B 177 14.66 19.89 8.55
C VAL B 177 13.68 21.06 8.42
N ALA B 178 13.07 21.19 7.25
CA ALA B 178 12.18 22.30 6.98
C ALA B 178 11.30 21.96 5.78
N PRO B 179 10.01 22.23 5.85
CA PRO B 179 9.15 22.07 4.67
C PRO B 179 9.48 23.11 3.62
N PRO B 180 9.03 22.92 2.38
CA PRO B 180 9.31 23.91 1.34
C PRO B 180 8.65 25.25 1.63
N LYS B 181 9.19 26.29 1.01
CA LYS B 181 8.72 27.67 1.18
C LYS B 181 8.78 28.11 2.64
N ALA B 182 9.86 27.77 3.33
CA ALA B 182 10.05 28.15 4.73
C ALA B 182 11.11 29.21 4.93
N GLY B 183 12.09 29.31 4.04
CA GLY B 183 13.17 30.26 4.20
C GLY B 183 14.53 29.61 4.31
N LYS B 184 14.66 28.43 3.71
CA LYS B 184 15.93 27.69 3.78
C LYS B 184 17.04 28.45 3.05
N THR B 185 16.69 29.15 1.97
CA THR B 185 17.71 29.86 1.18
C THR B 185 18.33 30.98 2.00
N MET B 186 17.51 31.84 2.59
CA MET B 186 18.03 32.96 3.39
C MET B 186 18.79 32.44 4.61
N LEU B 187 18.31 31.36 5.23
CA LEU B 187 18.99 30.80 6.38
C LEU B 187 20.37 30.26 5.99
N LEU B 188 20.46 29.56 4.86
CA LEU B 188 21.74 29.04 4.41
C LEU B 188 22.69 30.18 4.04
N GLN B 189 22.15 31.24 3.40
CA GLN B 189 22.98 32.40 3.09
C GLN B 189 23.54 33.04 4.34
N ASN B 190 22.69 33.21 5.36
CA ASN B 190 23.14 33.80 6.62
C ASN B 190 24.18 32.92 7.30
N ILE B 191 23.98 31.61 7.28
CA ILE B 191 24.96 30.69 7.89
C ILE B 191 26.29 30.80 7.17
N ALA B 192 26.27 30.81 5.82
CA ALA B 192 27.50 30.89 5.06
C ALA B 192 28.22 32.22 5.30
N GLN B 193 27.47 33.32 5.35
CA GLN B 193 28.08 34.62 5.62
C GLN B 193 28.68 34.68 7.02
N SER B 194 27.98 34.14 8.02
CA SER B 194 28.51 34.13 9.37
C SER B 194 29.75 33.26 9.48
N ILE B 195 29.79 32.13 8.76
CA ILE B 195 30.97 31.29 8.77
C ILE B 195 32.15 32.00 8.11
N ALA B 196 31.89 32.67 6.99
CA ALA B 196 32.98 33.38 6.29
C ALA B 196 33.46 34.59 7.08
N TYR B 197 32.59 35.19 7.89
CA TYR B 197 32.98 36.36 8.67
C TYR B 197 33.69 35.99 9.97
N ASN B 198 33.14 35.04 10.72
CA ASN B 198 33.71 34.70 12.03
C ASN B 198 34.92 33.80 11.90
N HIS B 199 34.86 32.80 11.02
CA HIS B 199 35.94 31.82 10.86
C HIS B 199 36.38 31.81 9.40
N PRO B 200 37.17 32.79 8.97
CA PRO B 200 37.65 32.81 7.58
C PRO B 200 38.72 31.78 7.28
N ASP B 201 39.33 31.17 8.31
CA ASP B 201 40.39 30.20 8.09
C ASP B 201 39.86 28.84 7.63
N CYS B 202 38.59 28.53 7.90
CA CYS B 202 38.05 27.24 7.53
C CYS B 202 37.72 27.21 6.04
N VAL B 203 37.83 26.03 5.45
CA VAL B 203 37.54 25.84 4.03
C VAL B 203 36.04 25.61 3.88
N LEU B 204 35.34 26.59 3.30
CA LEU B 204 33.89 26.52 3.13
C LEU B 204 33.58 26.01 1.72
N MET B 205 32.72 24.99 1.65
CA MET B 205 32.29 24.39 0.40
C MET B 205 30.79 24.25 0.42
N VAL B 206 30.10 24.87 -0.54
CA VAL B 206 28.65 24.85 -0.64
C VAL B 206 28.28 23.96 -1.82
N LEU B 207 27.57 22.88 -1.54
CA LEU B 207 27.13 21.93 -2.57
C LEU B 207 25.63 22.11 -2.82
N LEU B 208 25.27 22.42 -4.06
CA LEU B 208 23.88 22.62 -4.46
C LEU B 208 23.58 21.68 -5.63
N ILE B 209 22.91 20.58 -5.35
CA ILE B 209 22.60 19.57 -6.36
C ILE B 209 21.12 19.69 -6.74
N ASP B 210 20.85 19.71 -8.03
CA ASP B 210 19.48 19.72 -8.58
C ASP B 210 18.73 20.97 -8.11
N GLU B 211 19.33 22.13 -8.36
CA GLU B 211 18.70 23.41 -7.97
C GLU B 211 18.51 24.28 -9.22
N ARG B 212 17.68 25.32 -9.11
CA ARG B 212 17.47 26.23 -10.26
C ARG B 212 18.72 27.11 -10.42
N PRO B 213 19.28 27.24 -11.63
CA PRO B 213 20.55 27.96 -11.81
C PRO B 213 20.53 29.40 -11.26
N GLU B 214 19.48 30.19 -11.52
CA GLU B 214 19.45 31.51 -10.88
C GLU B 214 19.91 31.45 -9.43
N GLU B 215 19.43 30.47 -8.65
CA GLU B 215 19.89 30.31 -7.28
C GLU B 215 21.37 29.96 -7.23
N VAL B 216 21.86 29.18 -8.20
CA VAL B 216 23.28 28.82 -8.25
C VAL B 216 24.13 30.07 -8.44
N THR B 217 23.79 30.88 -9.44
CA THR B 217 24.60 32.07 -9.72
C THR B 217 24.41 33.13 -8.63
N GLU B 218 23.30 33.07 -7.90
CA GLU B 218 23.12 33.95 -6.76
C GLU B 218 24.04 33.54 -5.62
N MET B 219 24.05 32.25 -5.26
CA MET B 219 24.92 31.78 -4.20
C MET B 219 26.38 31.96 -4.54
N GLN B 220 26.73 31.81 -5.82
CA GLN B 220 28.13 31.94 -6.22
C GLN B 220 28.64 33.36 -6.06
N ARG B 221 27.76 34.35 -6.24
CA ARG B 221 28.14 35.76 -6.15
C ARG B 221 27.79 36.37 -4.80
N LEU B 222 27.42 35.56 -3.81
CA LEU B 222 27.02 36.06 -2.50
C LEU B 222 27.94 35.60 -1.37
N VAL B 223 28.34 34.33 -1.36
CA VAL B 223 29.16 33.78 -0.29
C VAL B 223 30.63 33.96 -0.65
N LYS B 224 31.47 34.04 0.38
CA LYS B 224 32.91 34.18 0.20
C LYS B 224 33.59 32.82 0.36
N GLY B 225 33.47 32.02 -0.68
CA GLY B 225 34.06 30.71 -0.67
C GLY B 225 33.87 30.00 -2.00
N GLU B 226 34.05 28.68 -1.96
CA GLU B 226 33.92 27.84 -3.14
C GLU B 226 32.48 27.35 -3.26
N VAL B 227 31.96 27.38 -4.49
CA VAL B 227 30.59 26.96 -4.77
C VAL B 227 30.63 25.93 -5.90
N VAL B 228 30.32 24.69 -5.58
CA VAL B 228 30.21 23.62 -6.57
C VAL B 228 28.76 23.19 -6.62
N ALA B 229 28.12 23.39 -7.76
CA ALA B 229 26.69 23.13 -7.92
C ALA B 229 26.43 22.35 -9.20
N SER B 230 25.23 21.77 -9.27
CA SER B 230 24.81 20.99 -10.45
C SER B 230 23.30 21.20 -10.60
N THR B 231 22.93 21.96 -11.62
CA THR B 231 21.52 22.28 -11.84
C THR B 231 20.73 21.04 -12.23
N PHE B 232 19.40 21.18 -12.24
CA PHE B 232 18.51 20.08 -12.57
C PHE B 232 18.62 19.66 -14.03
N ASP B 233 19.18 20.50 -14.90
CA ASP B 233 19.34 20.15 -16.31
C ASP B 233 20.35 19.03 -16.53
N GLU B 234 21.09 18.65 -15.51
CA GLU B 234 22.08 17.59 -15.62
C GLU B 234 21.52 16.28 -15.07
N PRO B 235 21.94 15.14 -15.62
CA PRO B 235 21.44 13.85 -15.13
C PRO B 235 21.97 13.55 -13.73
N ALA B 236 21.38 12.50 -13.14
CA ALA B 236 21.78 12.12 -11.79
C ALA B 236 23.20 11.58 -11.75
N SER B 237 23.72 11.11 -12.89
CA SER B 237 25.10 10.63 -12.93
C SER B 237 26.08 11.75 -12.60
N ARG B 238 25.86 12.94 -13.15
CA ARG B 238 26.73 14.08 -12.83
C ARG B 238 26.58 14.47 -11.37
N HIS B 239 25.37 14.34 -10.82
CA HIS B 239 25.16 14.61 -9.40
C HIS B 239 26.00 13.68 -8.54
N VAL B 240 25.96 12.38 -8.85
CA VAL B 240 26.74 11.41 -8.10
C VAL B 240 28.23 11.69 -8.24
N GLN B 241 28.67 12.02 -9.46
CA GLN B 241 30.08 12.30 -9.70
C GLN B 241 30.54 13.51 -8.91
N VAL B 242 29.74 14.57 -8.90
CA VAL B 242 30.10 15.78 -8.16
C VAL B 242 30.14 15.51 -6.67
N ALA B 243 29.16 14.75 -6.15
CA ALA B 243 29.18 14.41 -4.74
C ALA B 243 30.41 13.61 -4.37
N GLU B 244 30.77 12.63 -5.20
CA GLU B 244 31.96 11.82 -4.93
C GLU B 244 33.23 12.67 -4.96
N MET B 245 33.36 13.55 -5.97
CA MET B 245 34.54 14.39 -6.05
C MET B 245 34.63 15.32 -4.84
N VAL B 246 33.51 15.90 -4.42
CA VAL B 246 33.52 16.81 -3.28
C VAL B 246 33.90 16.07 -2.00
N ILE B 247 33.32 14.90 -1.77
CA ILE B 247 33.64 14.19 -0.53
C ILE B 247 35.07 13.66 -0.55
N GLU B 248 35.59 13.28 -1.73
CA GLU B 248 36.98 12.84 -1.79
C GLU B 248 37.94 14.00 -1.55
N LYS B 249 37.64 15.17 -2.11
CA LYS B 249 38.47 16.34 -1.83
C LYS B 249 38.42 16.72 -0.37
N ALA B 250 37.24 16.61 0.25
CA ALA B 250 37.11 16.92 1.67
C ALA B 250 37.94 15.95 2.51
N LYS B 251 37.90 14.65 2.17
CA LYS B 251 38.70 13.67 2.89
C LYS B 251 40.18 13.93 2.72
N ARG B 252 40.61 14.26 1.50
CA ARG B 252 42.03 14.52 1.26
C ARG B 252 42.48 15.78 2.01
N LEU B 253 41.61 16.77 2.14
CA LEU B 253 41.96 17.96 2.90
C LEU B 253 42.03 17.67 4.40
N VAL B 254 41.08 16.89 4.92
CA VAL B 254 41.09 16.54 6.34
C VAL B 254 42.33 15.70 6.66
N GLU B 255 42.78 14.88 5.72
CA GLU B 255 43.99 14.10 5.93
C GLU B 255 45.22 14.97 6.16
N HIS B 256 45.20 16.22 5.69
CA HIS B 256 46.28 17.17 5.92
C HIS B 256 45.95 18.14 7.06
N LYS B 257 45.10 17.72 7.99
CA LYS B 257 44.75 18.53 9.18
C LYS B 257 44.13 19.86 8.78
N LYS B 258 43.13 19.82 7.91
CA LYS B 258 42.40 21.01 7.49
C LYS B 258 40.96 20.95 7.99
N ASP B 259 40.39 22.12 8.22
CA ASP B 259 39.01 22.25 8.72
C ASP B 259 38.10 22.48 7.52
N VAL B 260 37.40 21.43 7.09
CA VAL B 260 36.50 21.48 5.95
C VAL B 260 35.08 21.65 6.44
N ILE B 261 34.32 22.52 5.78
CA ILE B 261 32.92 22.76 6.10
C ILE B 261 32.11 22.59 4.83
N ILE B 262 31.14 21.68 4.85
CA ILE B 262 30.30 21.36 3.70
C ILE B 262 28.87 21.73 4.05
N LEU B 263 28.30 22.68 3.32
CA LEU B 263 26.92 23.11 3.52
C LEU B 263 26.07 22.48 2.41
N LEU B 264 25.53 21.30 2.70
CA LEU B 264 24.71 20.58 1.74
C LEU B 264 23.26 21.08 1.82
N ASP B 265 22.64 21.26 0.65
CA ASP B 265 21.26 21.72 0.58
C ASP B 265 20.36 20.76 -0.20
N SER B 266 20.86 19.57 -0.51
CA SER B 266 20.14 18.65 -1.39
C SER B 266 20.28 17.19 -0.98
N ILE B 267 20.36 16.90 0.31
CA ILE B 267 20.50 15.51 0.78
C ILE B 267 19.36 14.67 0.23
N THR B 268 18.15 15.22 0.22
CA THR B 268 17.01 14.53 -0.37
C THR B 268 17.19 14.34 -1.87
N ARG B 269 17.64 15.39 -2.56
CA ARG B 269 17.89 15.29 -3.99
C ARG B 269 19.03 14.33 -4.28
N LEU B 270 20.04 14.30 -3.42
CA LEU B 270 21.14 13.35 -3.60
C LEU B 270 20.66 11.92 -3.42
N ALA B 271 19.80 11.68 -2.43
CA ALA B 271 19.24 10.35 -2.24
C ALA B 271 18.37 9.95 -3.42
N ARG B 272 17.60 10.89 -3.98
CA ARG B 272 16.81 10.60 -5.16
C ARG B 272 17.71 10.25 -6.35
N ALA B 273 18.81 10.98 -6.51
CA ALA B 273 19.75 10.68 -7.59
C ALA B 273 20.36 9.30 -7.44
N TYR B 274 20.73 8.95 -6.20
CA TYR B 274 21.31 7.63 -5.96
C TYR B 274 20.29 6.52 -6.18
N ASN B 275 19.03 6.77 -5.82
CA ASN B 275 17.97 5.80 -6.07
C ASN B 275 17.66 5.69 -7.56
N THR B 276 17.92 6.74 -8.33
CA THR B 276 17.71 6.68 -9.77
C THR B 276 18.85 5.97 -10.49
N VAL B 277 20.09 6.16 -10.04
CA VAL B 277 21.24 5.57 -10.73
C VAL B 277 21.50 4.13 -10.32
N VAL B 278 20.84 3.63 -9.29
CA VAL B 278 21.06 2.25 -8.83
C VAL B 278 20.28 1.30 -9.73
N PRO B 279 20.88 0.20 -10.18
CA PRO B 279 20.13 -0.76 -11.01
C PRO B 279 18.99 -1.39 -10.24
N ALA B 280 17.89 -1.66 -10.95
CA ALA B 280 16.73 -2.27 -10.33
C ALA B 280 17.03 -3.70 -9.91
N SER B 281 16.61 -4.06 -8.70
CA SER B 281 16.84 -5.39 -8.15
C SER B 281 15.54 -6.18 -7.98
N GLY B 282 14.42 -5.67 -8.50
CA GLY B 282 13.15 -6.36 -8.36
C GLY B 282 12.53 -6.29 -6.99
N LYS B 283 13.07 -5.48 -6.09
CA LYS B 283 12.54 -5.34 -4.73
C LYS B 283 12.44 -3.87 -4.41
N VAL B 284 11.21 -3.38 -4.22
CA VAL B 284 10.94 -1.97 -3.95
C VAL B 284 10.28 -1.88 -2.58
N LEU B 285 10.81 -0.99 -1.73
CA LEU B 285 10.25 -0.79 -0.41
C LEU B 285 9.09 0.21 -0.46
N THR B 286 8.57 0.54 0.72
CA THR B 286 7.46 1.47 0.82
C THR B 286 7.90 2.86 0.41
N GLY B 287 7.18 3.45 -0.55
CA GLY B 287 7.46 4.79 -1.03
C GLY B 287 8.30 4.84 -2.29
N GLY B 288 8.78 3.71 -2.79
CA GLY B 288 9.60 3.71 -3.99
C GLY B 288 11.08 3.86 -3.74
N VAL B 289 11.58 3.35 -2.61
CA VAL B 289 12.99 3.45 -2.25
C VAL B 289 13.62 2.06 -2.38
N ASP B 290 14.76 2.00 -3.05
CA ASP B 290 15.46 0.72 -3.20
C ASP B 290 16.15 0.36 -1.89
N ALA B 291 16.38 -0.94 -1.69
CA ALA B 291 16.99 -1.40 -0.44
C ALA B 291 18.44 -0.97 -0.33
N ASN B 292 19.14 -0.85 -1.46
CA ASN B 292 20.56 -0.48 -1.47
C ASN B 292 20.78 0.91 -2.03
N ALA B 293 19.75 1.75 -2.07
CA ALA B 293 19.89 3.10 -2.62
C ALA B 293 20.36 4.10 -1.57
N LEU B 294 19.97 3.91 -0.31
CA LEU B 294 20.32 4.83 0.76
C LEU B 294 21.70 4.60 1.35
N HIS B 295 22.41 3.56 0.91
CA HIS B 295 23.72 3.25 1.48
C HIS B 295 24.75 4.32 1.13
N ARG B 296 24.78 4.75 -0.14
CA ARG B 296 25.73 5.78 -0.55
C ARG B 296 25.46 7.12 0.12
N PRO B 297 24.22 7.63 0.18
CA PRO B 297 24.00 8.85 0.98
C PRO B 297 24.27 8.64 2.45
N LYS B 298 24.02 7.45 2.97
CA LYS B 298 24.36 7.16 4.37
C LYS B 298 25.85 7.34 4.62
N ARG B 299 26.69 6.78 3.75
CA ARG B 299 28.13 6.95 3.90
C ARG B 299 28.55 8.39 3.68
N PHE B 300 27.97 9.07 2.70
CA PHE B 300 28.30 10.47 2.46
C PHE B 300 28.00 11.33 3.67
N PHE B 301 26.90 11.02 4.37
CA PHE B 301 26.55 11.77 5.57
C PHE B 301 27.47 11.41 6.72
N GLY B 302 27.72 10.12 6.92
CA GLY B 302 28.56 9.66 8.01
C GLY B 302 30.03 9.97 7.83
N ALA B 303 30.44 10.43 6.66
CA ALA B 303 31.85 10.81 6.46
C ALA B 303 32.26 11.93 7.40
N ALA B 304 31.32 12.79 7.77
CA ALA B 304 31.62 13.89 8.69
C ALA B 304 32.01 13.35 10.06
N ARG B 305 33.14 13.84 10.57
CA ARG B 305 33.66 13.40 11.86
C ARG B 305 34.75 14.38 12.30
N ASN B 306 35.01 14.38 13.60
CA ASN B 306 36.07 15.21 14.18
C ASN B 306 37.29 14.34 14.42
N VAL B 307 38.44 14.83 13.97
CA VAL B 307 39.70 14.08 14.05
C VAL B 307 40.51 14.59 15.23
N GLU B 308 41.03 13.66 16.03
CA GLU B 308 41.86 14.03 17.18
C GLU B 308 43.25 14.46 16.76
N GLU B 309 43.82 13.83 15.73
CA GLU B 309 45.16 14.18 15.28
C GLU B 309 45.20 15.57 14.67
N GLY B 310 44.09 16.03 14.09
CA GLY B 310 44.05 17.34 13.48
C GLY B 310 43.00 17.47 12.40
N GLY B 311 42.36 18.63 12.31
CA GLY B 311 41.35 18.87 11.31
C GLY B 311 39.98 18.36 11.75
N SER B 312 39.00 18.65 10.90
CA SER B 312 37.62 18.25 11.17
C SER B 312 36.84 18.33 9.85
N LEU B 313 35.66 17.71 9.85
CA LEU B 313 34.78 17.71 8.69
C LEU B 313 33.35 17.94 9.17
N THR B 314 32.78 19.08 8.80
CA THR B 314 31.42 19.45 9.18
C THR B 314 30.52 19.39 7.96
N ILE B 315 29.39 18.69 8.10
CA ILE B 315 28.42 18.55 7.02
C ILE B 315 27.05 18.94 7.57
N ILE B 316 26.48 20.01 7.03
CA ILE B 316 25.17 20.50 7.42
C ILE B 316 24.25 20.33 6.22
N ALA B 317 23.41 19.30 6.27
CA ALA B 317 22.49 18.98 5.18
C ALA B 317 21.08 19.44 5.53
N THR B 318 20.36 19.94 4.53
CA THR B 318 18.99 20.41 4.70
C THR B 318 18.04 19.38 4.07
N ALA B 319 17.25 18.72 4.91
CA ALA B 319 16.31 17.71 4.47
C ALA B 319 14.96 18.33 4.14
N LEU B 320 14.26 17.72 3.19
CA LEU B 320 12.96 18.20 2.76
C LEU B 320 11.86 17.29 3.28
N ILE B 321 10.82 17.90 3.86
CA ILE B 321 9.67 17.17 4.38
C ILE B 321 8.40 17.84 3.86
N ASP B 322 7.29 17.11 3.94
CA ASP B 322 5.97 17.60 3.55
C ASP B 322 5.97 18.07 2.09
N THR B 323 6.70 17.34 1.25
CA THR B 323 6.81 17.65 -0.17
C THR B 323 5.76 16.92 -1.01
N GLY B 324 4.86 16.17 -0.38
CA GLY B 324 3.85 15.43 -1.10
C GLY B 324 4.29 14.09 -1.63
N SER B 325 5.58 13.75 -1.53
CA SER B 325 6.11 12.48 -2.01
C SER B 325 6.47 11.61 -0.81
N LYS B 326 6.00 10.37 -0.81
CA LYS B 326 6.30 9.46 0.30
C LYS B 326 7.76 9.05 0.32
N MET B 327 8.43 9.09 -0.85
CA MET B 327 9.84 8.73 -0.89
C MET B 327 10.68 9.67 -0.06
N ASP B 328 10.43 10.98 -0.18
CA ASP B 328 11.16 11.95 0.63
C ASP B 328 10.85 11.78 2.11
N GLU B 329 9.61 11.43 2.45
CA GLU B 329 9.26 11.17 3.84
C GLU B 329 10.03 9.97 4.39
N VAL B 330 10.13 8.90 3.61
CA VAL B 330 10.89 7.73 4.05
C VAL B 330 12.36 8.08 4.20
N ILE B 331 12.90 8.86 3.28
CA ILE B 331 14.31 9.27 3.35
C ILE B 331 14.56 10.09 4.61
N TYR B 332 13.88 11.23 4.66
CA TYR B 332 14.16 12.23 5.72
C TYR B 332 14.35 11.57 7.08
N GLU B 333 13.39 10.77 7.49
CA GLU B 333 13.47 10.21 8.86
C GLU B 333 14.44 9.01 8.86
N GLU B 334 14.49 8.22 7.80
CA GLU B 334 15.53 7.15 7.77
C GLU B 334 16.83 7.85 8.18
N PHE B 335 16.98 9.10 7.75
CA PHE B 335 18.11 9.94 8.11
C PHE B 335 17.93 10.66 9.44
N LYS B 336 16.70 10.72 9.93
CA LYS B 336 16.44 11.48 11.19
C LYS B 336 17.43 10.99 12.24
N GLY B 337 17.51 9.67 12.44
CA GLY B 337 18.53 9.13 13.36
C GLY B 337 19.92 9.51 12.88
N THR B 338 20.14 9.44 11.56
CA THR B 338 21.45 9.85 10.99
C THR B 338 21.61 11.37 11.16
N GLY B 339 22.04 11.81 12.35
CA GLY B 339 22.22 13.25 12.61
C GLY B 339 22.08 13.55 14.09
N ASN B 340 23.14 14.08 14.70
CA ASN B 340 23.08 14.44 16.12
C ASN B 340 22.67 15.91 16.31
N MET B 341 22.00 16.51 15.34
CA MET B 341 21.53 17.89 15.46
C MET B 341 20.37 18.09 14.49
N GLU B 342 19.24 18.55 15.00
CA GLU B 342 18.06 18.81 14.19
C GLU B 342 17.58 20.23 14.44
N LEU B 343 17.52 21.03 13.39
CA LEU B 343 17.04 22.41 13.45
C LEU B 343 15.77 22.49 12.63
N HIS B 344 14.63 22.31 13.29
CA HIS B 344 13.35 22.27 12.59
C HIS B 344 12.83 23.68 12.35
N LEU B 345 12.19 23.88 11.20
CA LEU B 345 11.55 25.14 10.85
C LEU B 345 10.06 24.91 10.65
N SER B 346 9.25 25.84 11.16
CA SER B 346 7.80 25.70 11.15
C SER B 346 7.23 26.49 9.97
N ARG B 347 6.36 25.83 9.19
CA ARG B 347 5.70 26.51 8.09
C ARG B 347 4.64 27.49 8.61
N LYS B 348 4.00 27.16 9.73
CA LYS B 348 2.98 28.05 10.29
C LYS B 348 3.58 29.38 10.69
N ILE B 349 4.81 29.38 11.22
CA ILE B 349 5.46 30.63 11.58
C ILE B 349 5.93 31.38 10.34
N ALA B 350 6.33 30.65 9.29
CA ALA B 350 6.77 31.30 8.06
C ALA B 350 5.61 31.96 7.34
N GLU B 351 4.40 31.39 7.45
CA GLU B 351 3.22 31.99 6.83
C GLU B 351 2.85 33.30 7.49
N LYS B 352 3.21 33.51 8.75
CA LYS B 352 2.96 34.76 9.46
C LYS B 352 4.03 35.80 9.18
N ARG B 353 4.97 35.52 8.27
CA ARG B 353 6.05 36.43 7.91
C ARG B 353 6.88 36.81 9.14
N VAL B 354 7.15 35.83 9.99
CA VAL B 354 7.97 36.02 11.18
C VAL B 354 9.30 35.32 10.91
N PHE B 355 10.30 36.09 10.50
CA PHE B 355 11.61 35.56 10.19
C PHE B 355 12.59 35.84 11.32
N PRO B 356 13.38 34.86 11.75
CA PRO B 356 13.36 33.49 11.21
C PRO B 356 12.26 32.62 11.81
N ALA B 357 11.76 31.65 11.04
CA ALA B 357 10.72 30.74 11.49
C ALA B 357 11.39 29.44 11.94
N ILE B 358 11.92 29.47 13.14
CA ILE B 358 12.67 28.34 13.71
C ILE B 358 11.84 27.71 14.82
N ASP B 359 11.74 26.38 14.78
CA ASP B 359 11.05 25.64 15.84
C ASP B 359 12.03 25.44 16.98
N TYR B 360 11.98 26.33 17.98
CA TYR B 360 12.95 26.27 19.08
C TYR B 360 12.70 25.06 19.96
N ASN B 361 11.46 24.58 20.02
CA ASN B 361 11.14 23.47 20.91
C ASN B 361 11.81 22.18 20.47
N ARG B 362 11.66 21.81 19.20
CA ARG B 362 12.22 20.55 18.73
C ARG B 362 13.70 20.64 18.39
N SER B 363 14.27 21.85 18.38
CA SER B 363 15.69 21.99 18.12
C SER B 363 16.49 21.58 19.34
N GLY B 364 17.79 21.43 19.15
CA GLY B 364 18.69 21.05 20.22
C GLY B 364 19.94 20.40 19.69
N THR B 365 20.91 20.23 20.59
CA THR B 365 22.19 19.62 20.26
C THR B 365 22.60 18.68 21.38
N ARG B 366 23.05 17.48 21.00
CA ARG B 366 23.51 16.50 21.97
C ARG B 366 24.94 16.82 22.40
N LYS B 367 25.24 16.56 23.66
CA LYS B 367 26.56 16.86 24.25
C LYS B 367 26.90 18.34 24.08
N GLU B 368 25.92 19.20 24.33
CA GLU B 368 26.13 20.64 24.19
C GLU B 368 27.04 21.21 25.27
N GLU B 369 27.25 20.47 26.36
CA GLU B 369 28.13 20.96 27.42
C GLU B 369 29.59 21.01 27.00
N LEU B 370 29.95 20.32 25.92
CA LEU B 370 31.33 20.33 25.42
C LEU B 370 31.64 21.56 24.59
N LEU B 371 30.64 22.39 24.27
CA LEU B 371 30.85 23.59 23.49
C LEU B 371 30.47 24.87 24.22
N THR B 372 29.87 24.77 25.41
CA THR B 372 29.45 25.93 26.17
C THR B 372 29.93 25.78 27.60
N THR B 373 30.04 26.92 28.28
CA THR B 373 30.47 26.93 29.68
C THR B 373 29.33 26.49 30.59
N GLN B 374 29.63 26.42 31.89
CA GLN B 374 28.62 25.99 32.85
C GLN B 374 27.50 27.03 32.99
N GLU B 375 27.87 28.30 33.17
CA GLU B 375 26.85 29.34 33.31
C GLU B 375 26.06 29.53 32.03
N GLU B 376 26.72 29.42 30.87
CA GLU B 376 26.02 29.53 29.61
C GLU B 376 25.04 28.39 29.43
N LEU B 377 25.45 27.17 29.78
CA LEU B 377 24.54 26.02 29.69
C LEU B 377 23.36 26.17 30.64
N GLN B 378 23.61 26.69 31.86
CA GLN B 378 22.53 26.90 32.80
C GLN B 378 21.55 27.96 32.30
N LYS B 379 22.06 29.05 31.71
CA LYS B 379 21.19 30.07 31.15
C LYS B 379 20.39 29.54 29.97
N MET B 380 21.00 28.72 29.12
CA MET B 380 20.25 28.12 28.02
C MET B 380 19.17 27.16 28.52
N TRP B 381 19.48 26.41 29.58
CA TRP B 381 18.47 25.51 30.16
C TRP B 381 17.31 26.31 30.74
N ILE B 382 17.60 27.41 31.43
CA ILE B 382 16.54 28.25 31.98
C ILE B 382 15.70 28.86 30.86
N LEU B 383 16.36 29.32 29.79
CA LEU B 383 15.62 29.89 28.67
C LEU B 383 14.73 28.86 28.00
N ARG B 384 15.21 27.62 27.88
CA ARG B 384 14.39 26.56 27.30
C ARG B 384 13.21 26.21 28.21
N LYS B 385 13.44 26.18 29.51
CA LYS B 385 12.35 25.88 30.44
C LYS B 385 11.31 27.00 30.48
N ILE B 386 11.73 28.24 30.20
CA ILE B 386 10.77 29.33 30.15
C ILE B 386 10.03 29.34 28.81
N ILE B 387 10.72 29.00 27.72
CA ILE B 387 10.11 29.04 26.40
C ILE B 387 9.17 27.86 26.17
N HIS B 388 9.48 26.69 26.74
CA HIS B 388 8.71 25.47 26.48
C HIS B 388 7.21 25.61 26.73
N PRO B 389 6.73 26.22 27.82
CA PRO B 389 5.27 26.32 28.01
C PRO B 389 4.58 27.15 26.94
N MET B 390 5.21 28.22 26.48
CA MET B 390 4.57 29.09 25.49
C MET B 390 4.49 28.39 24.13
N GLY B 391 3.56 28.86 23.30
CA GLY B 391 3.40 28.34 21.96
C GLY B 391 4.55 28.74 21.07
N GLU B 392 4.61 28.08 19.90
CA GLU B 392 5.71 28.31 18.97
C GLU B 392 5.76 29.76 18.49
N ILE B 393 4.64 30.26 17.97
CA ILE B 393 4.60 31.63 17.47
C ILE B 393 4.81 32.62 18.61
N ASP B 394 4.17 32.37 19.76
CA ASP B 394 4.35 33.26 20.91
C ASP B 394 5.79 33.26 21.40
N ALA B 395 6.43 32.08 21.46
CA ALA B 395 7.81 32.01 21.90
C ALA B 395 8.73 32.73 20.92
N MET B 396 8.47 32.58 19.62
CA MET B 396 9.30 33.26 18.63
C MET B 396 9.14 34.77 18.74
N GLU B 397 7.91 35.25 18.91
CA GLU B 397 7.69 36.69 19.08
C GLU B 397 8.37 37.20 20.33
N PHE B 398 8.27 36.46 21.43
CA PHE B 398 8.94 36.85 22.68
C PHE B 398 10.45 36.92 22.49
N LEU B 399 11.02 35.91 21.86
CA LEU B 399 12.47 35.88 21.64
C LEU B 399 12.92 37.04 20.76
N ILE B 400 12.16 37.34 19.70
CA ILE B 400 12.53 38.44 18.81
C ILE B 400 12.43 39.77 19.56
N ASN B 401 11.35 39.97 20.32
CA ASN B 401 11.19 41.24 21.03
C ASN B 401 12.24 41.41 22.12
N LYS B 402 12.72 40.31 22.69
CA LYS B 402 13.74 40.41 23.74
C LYS B 402 15.14 40.54 23.16
N LEU B 403 15.39 39.98 21.97
CA LEU B 403 16.70 40.14 21.35
C LEU B 403 16.84 41.46 20.62
N ALA B 404 15.72 42.09 20.24
CA ALA B 404 15.79 43.40 19.60
C ALA B 404 16.18 44.50 20.58
N MET B 405 16.02 44.27 21.89
CA MET B 405 16.33 45.30 22.86
C MET B 405 17.83 45.48 23.04
N THR B 406 18.60 44.42 22.93
CA THR B 406 20.05 44.46 23.14
C THR B 406 20.78 43.96 21.91
N LYS B 407 22.11 44.03 21.96
CA LYS B 407 22.95 43.57 20.86
C LYS B 407 23.51 42.18 21.09
N THR B 408 23.90 41.86 22.34
CA THR B 408 24.48 40.58 22.68
C THR B 408 23.50 39.78 23.53
N ASN B 409 23.62 38.45 23.43
CA ASN B 409 22.74 37.57 24.19
C ASN B 409 23.11 37.54 25.67
N ASP B 410 24.33 37.95 26.01
CA ASP B 410 24.74 37.98 27.41
C ASP B 410 23.91 39.00 28.20
N ASP B 411 23.63 40.16 27.60
CA ASP B 411 22.77 41.13 28.26
C ASP B 411 21.36 40.61 28.45
N PHE B 412 20.83 39.89 27.45
CA PHE B 412 19.51 39.29 27.60
C PHE B 412 19.50 38.26 28.73
N PHE B 413 20.51 37.41 28.80
CA PHE B 413 20.58 36.42 29.88
C PHE B 413 20.71 37.10 31.24
N GLU B 414 21.47 38.19 31.31
CA GLU B 414 21.61 38.90 32.59
C GLU B 414 20.32 39.59 32.99
N MET B 415 19.54 40.08 32.01
CA MET B 415 18.27 40.73 32.33
C MET B 415 17.16 39.73 32.64
N MET B 416 17.30 38.49 32.16
CA MET B 416 16.29 37.48 32.46
C MET B 416 16.29 37.12 33.95
N LYS B 417 17.45 37.13 34.59
CA LYS B 417 17.55 36.82 36.01
C LYS B 417 17.05 38.00 36.85
N MET C 1 3.34 35.99 -52.24
CA MET C 1 3.03 34.59 -52.11
C MET C 1 3.55 34.03 -50.79
N ASN C 2 2.72 34.12 -49.75
CA ASN C 2 3.06 33.64 -48.42
C ASN C 2 2.08 32.56 -48.01
N LEU C 3 2.57 31.59 -47.22
CA LEU C 3 1.74 30.47 -46.80
C LEU C 3 0.66 30.92 -45.82
N THR C 4 1.05 31.73 -44.83
CA THR C 4 0.09 32.19 -43.82
C THR C 4 -0.99 33.07 -44.44
N GLU C 5 -0.64 33.86 -45.47
CA GLU C 5 -1.63 34.70 -46.12
C GLU C 5 -2.70 33.85 -46.81
N LEU C 6 -2.30 32.75 -47.46
CA LEU C 6 -3.27 31.86 -48.07
C LEU C 6 -4.03 31.05 -47.03
N LYS C 7 -3.40 30.78 -45.89
CA LYS C 7 -4.10 30.09 -44.81
C LYS C 7 -5.16 30.96 -44.14
N ASN C 8 -4.95 32.28 -44.10
CA ASN C 8 -5.93 33.16 -43.48
C ASN C 8 -7.10 33.46 -44.40
N THR C 9 -6.93 33.26 -45.71
CA THR C 9 -8.01 33.52 -46.66
C THR C 9 -9.14 32.51 -46.45
N PRO C 10 -10.38 32.91 -46.70
CA PRO C 10 -11.51 31.97 -46.54
C PRO C 10 -11.53 30.92 -47.64
N VAL C 11 -12.45 29.98 -47.49
CA VAL C 11 -12.53 28.85 -48.42
C VAL C 11 -13.15 29.31 -49.75
N SER C 12 -14.14 30.19 -49.68
CA SER C 12 -14.85 30.60 -50.89
C SER C 12 -13.93 31.35 -51.85
N GLU C 13 -13.15 32.30 -51.33
CA GLU C 13 -12.22 33.04 -52.19
C GLU C 13 -11.15 32.15 -52.77
N LEU C 14 -10.66 31.17 -52.00
CA LEU C 14 -9.66 30.25 -52.53
C LEU C 14 -10.26 29.36 -53.64
N ILE C 15 -11.50 28.91 -53.45
CA ILE C 15 -12.17 28.13 -54.49
C ILE C 15 -12.34 28.97 -55.76
N THR C 16 -12.74 30.23 -55.59
CA THR C 16 -12.93 31.11 -56.73
C THR C 16 -11.61 31.33 -57.47
N LEU C 17 -10.53 31.57 -56.71
CA LEU C 17 -9.23 31.79 -57.31
C LEU C 17 -8.76 30.54 -58.06
N GLY C 18 -8.95 29.37 -57.47
CA GLY C 18 -8.56 28.13 -58.12
C GLY C 18 -9.36 27.86 -59.39
N GLU C 19 -10.66 28.18 -59.37
CA GLU C 19 -11.46 28.02 -60.57
C GLU C 19 -11.05 29.02 -61.65
N ASN C 20 -10.64 30.22 -61.26
CA ASN C 20 -10.14 31.18 -62.24
C ASN C 20 -8.79 30.76 -62.81
N MET C 21 -7.97 30.07 -62.02
CA MET C 21 -6.68 29.61 -62.52
C MET C 21 -6.82 28.46 -63.49
N GLY C 22 -8.00 27.83 -63.55
CA GLY C 22 -8.23 26.75 -64.49
C GLY C 22 -7.64 25.42 -64.05
N LEU C 23 -8.13 24.89 -62.93
CA LEU C 23 -7.67 23.62 -62.38
C LEU C 23 -8.87 22.70 -62.18
N GLU C 24 -8.63 21.56 -61.54
CA GLU C 24 -9.71 20.63 -61.24
C GLU C 24 -10.68 21.25 -60.26
N ASN C 25 -11.91 20.72 -60.24
CA ASN C 25 -12.97 21.23 -59.38
C ASN C 25 -12.53 21.24 -57.92
N LEU C 26 -12.50 22.43 -57.33
CA LEU C 26 -12.02 22.62 -55.97
C LEU C 26 -13.13 22.62 -54.93
N ALA C 27 -14.40 22.55 -55.37
CA ALA C 27 -15.49 22.52 -54.41
C ALA C 27 -15.44 21.24 -53.56
N ARG C 28 -15.19 20.10 -54.19
CA ARG C 28 -15.00 18.84 -53.48
C ARG C 28 -13.53 18.59 -53.17
N MET C 29 -12.87 19.56 -52.54
CA MET C 29 -11.45 19.45 -52.24
C MET C 29 -11.19 20.13 -50.90
N ARG C 30 -10.15 19.67 -50.22
CA ARG C 30 -9.75 20.26 -48.95
C ARG C 30 -9.06 21.61 -49.20
N LYS C 31 -9.15 22.49 -48.19
CA LYS C 31 -8.54 23.81 -48.30
C LYS C 31 -7.03 23.71 -48.47
N GLN C 32 -6.40 22.77 -47.76
CA GLN C 32 -4.95 22.58 -47.90
C GLN C 32 -4.59 22.10 -49.29
N ASP C 33 -5.39 21.19 -49.85
CA ASP C 33 -5.15 20.75 -51.23
C ASP C 33 -5.37 21.89 -52.22
N ILE C 34 -6.36 22.74 -51.95
CA ILE C 34 -6.59 23.90 -52.81
C ILE C 34 -5.38 24.83 -52.80
N ILE C 35 -4.85 25.11 -51.60
CA ILE C 35 -3.68 25.97 -51.49
C ILE C 35 -2.48 25.33 -52.19
N PHE C 36 -2.33 24.00 -52.05
CA PHE C 36 -1.23 23.30 -52.69
C PHE C 36 -1.32 23.41 -54.20
N ALA C 37 -2.52 23.21 -54.75
CA ALA C 37 -2.71 23.31 -56.20
C ALA C 37 -2.49 24.73 -56.69
N ILE C 38 -2.93 25.73 -55.92
CA ILE C 38 -2.72 27.12 -56.30
C ILE C 38 -1.23 27.44 -56.31
N LEU C 39 -0.49 26.97 -55.30
CA LEU C 39 0.95 27.19 -55.28
C LEU C 39 1.64 26.52 -56.45
N LYS C 40 1.23 25.30 -56.77
CA LYS C 40 1.80 24.61 -57.94
C LYS C 40 1.55 25.40 -59.22
N GLN C 41 0.30 25.83 -59.43
CA GLN C 41 -0.03 26.56 -60.64
C GLN C 41 0.69 27.90 -60.71
N HIS C 42 0.90 28.54 -59.56
CA HIS C 42 1.61 29.82 -59.55
C HIS C 42 3.10 29.66 -59.77
N ALA C 43 3.67 28.55 -59.31
CA ALA C 43 5.08 28.27 -59.54
C ALA C 43 5.35 27.76 -60.95
N LYS C 44 4.35 27.18 -61.61
CA LYS C 44 4.52 26.79 -63.01
C LYS C 44 4.74 28.00 -63.90
N SER C 45 4.26 29.18 -63.49
CA SER C 45 4.46 30.40 -64.27
C SER C 45 5.83 31.00 -64.06
N GLY C 46 6.61 30.51 -63.09
CA GLY C 46 7.94 31.00 -62.85
C GLY C 46 8.10 31.90 -61.65
N GLU C 47 7.00 32.27 -60.99
CA GLU C 47 7.08 33.15 -59.83
C GLU C 47 7.61 32.39 -58.61
N ASP C 48 8.07 33.16 -57.63
CA ASP C 48 8.62 32.58 -56.41
C ASP C 48 7.55 32.42 -55.34
N ILE C 49 7.77 31.45 -54.45
CA ILE C 49 6.86 31.18 -53.34
C ILE C 49 7.65 31.28 -52.04
N PHE C 50 7.03 31.90 -51.05
CA PHE C 50 7.65 32.11 -49.75
C PHE C 50 6.82 31.44 -48.66
N GLY C 51 7.51 30.99 -47.60
CA GLY C 51 6.85 30.34 -46.48
C GLY C 51 7.60 30.63 -45.20
N ASP C 52 7.05 30.12 -44.10
CA ASP C 52 7.64 30.33 -42.78
C ASP C 52 7.11 29.25 -41.84
N GLY C 53 7.72 29.16 -40.67
CA GLY C 53 7.31 28.20 -39.68
C GLY C 53 8.42 27.93 -38.69
N VAL C 54 8.07 27.17 -37.65
CA VAL C 54 9.02 26.80 -36.60
C VAL C 54 9.68 25.49 -36.99
N LEU C 55 11.00 25.44 -36.84
CA LEU C 55 11.77 24.27 -37.24
C LEU C 55 11.66 23.16 -36.21
N GLU C 56 11.50 21.93 -36.71
CA GLU C 56 11.42 20.73 -35.86
C GLU C 56 12.41 19.71 -36.45
N ILE C 57 13.63 19.71 -35.92
CA ILE C 57 14.66 18.80 -36.43
C ILE C 57 14.34 17.39 -35.97
N LEU C 58 14.29 16.45 -36.92
CA LEU C 58 14.03 15.06 -36.61
C LEU C 58 15.31 14.38 -36.12
N GLN C 59 15.14 13.13 -35.68
CA GLN C 59 16.27 12.37 -35.16
C GLN C 59 17.24 11.97 -36.27
N ASP C 60 16.74 11.78 -37.49
CA ASP C 60 17.61 11.36 -38.58
C ASP C 60 18.55 12.48 -39.01
N GLY C 61 18.07 13.72 -39.01
CA GLY C 61 18.90 14.85 -39.38
C GLY C 61 18.17 15.93 -40.15
N PHE C 62 17.04 15.57 -40.75
CA PHE C 62 16.23 16.52 -41.51
C PHE C 62 15.20 17.16 -40.57
N GLY C 63 14.29 17.95 -41.13
CA GLY C 63 13.29 18.61 -40.31
C GLY C 63 12.22 19.24 -41.16
N PHE C 64 11.20 19.77 -40.48
CA PHE C 64 10.08 20.43 -41.13
C PHE C 64 9.81 21.75 -40.44
N LEU C 65 8.97 22.57 -41.09
CA LEU C 65 8.56 23.87 -40.57
C LEU C 65 7.09 23.77 -40.19
N ARG C 66 6.83 23.51 -38.90
CA ARG C 66 5.47 23.39 -38.41
C ARG C 66 4.78 24.75 -38.43
N SER C 67 3.44 24.70 -38.40
CA SER C 67 2.62 25.90 -38.40
C SER C 67 1.94 26.07 -37.04
N ALA C 68 1.73 27.34 -36.66
CA ALA C 68 1.16 27.63 -35.35
C ALA C 68 -0.36 27.46 -35.33
N ASP C 69 -1.02 27.63 -36.46
CA ASP C 69 -2.48 27.52 -36.50
C ASP C 69 -2.96 26.08 -36.34
N SER C 70 -2.08 25.11 -36.53
CA SER C 70 -2.42 23.70 -36.39
C SER C 70 -1.83 23.07 -35.14
N SER C 71 -1.38 23.88 -34.19
CA SER C 71 -0.79 23.42 -32.93
C SER C 71 0.41 22.51 -33.20
N TYR C 72 1.21 22.89 -34.19
CA TYR C 72 2.44 22.18 -34.54
C TYR C 72 2.17 20.71 -34.86
N LEU C 73 1.10 20.48 -35.62
CA LEU C 73 0.73 19.13 -36.05
C LEU C 73 1.33 18.83 -37.41
N ALA C 74 1.66 17.57 -37.64
CA ALA C 74 2.25 17.15 -38.90
C ALA C 74 1.28 17.36 -40.06
N GLY C 75 1.60 18.30 -40.94
CA GLY C 75 0.75 18.62 -42.06
C GLY C 75 1.41 18.32 -43.39
N PRO C 76 0.59 18.17 -44.44
CA PRO C 76 1.17 17.92 -45.78
C PRO C 76 1.91 19.12 -46.34
N ASP C 77 1.61 20.34 -45.87
CA ASP C 77 2.22 21.55 -46.39
C ASP C 77 3.46 21.96 -45.59
N ASP C 78 4.09 21.01 -44.90
CA ASP C 78 5.31 21.31 -44.17
C ASP C 78 6.48 21.48 -45.13
N ILE C 79 7.36 22.43 -44.83
CA ILE C 79 8.50 22.73 -45.67
C ILE C 79 9.67 21.86 -45.24
N TYR C 80 10.17 21.03 -46.16
CA TYR C 80 11.31 20.19 -45.85
C TYR C 80 12.58 21.01 -45.74
N VAL C 81 13.39 20.71 -44.73
CA VAL C 81 14.66 21.38 -44.48
C VAL C 81 15.76 20.33 -44.55
N SER C 82 16.63 20.44 -45.55
CA SER C 82 17.70 19.48 -45.71
C SER C 82 18.71 19.61 -44.57
N PRO C 83 19.37 18.50 -44.20
CA PRO C 83 20.39 18.59 -43.13
C PRO C 83 21.60 19.39 -43.55
N SER C 84 21.84 19.51 -44.86
CA SER C 84 22.98 20.31 -45.33
C SER C 84 22.84 21.76 -44.92
N GLN C 85 21.65 22.34 -45.12
CA GLN C 85 21.43 23.72 -44.69
C GLN C 85 21.47 23.85 -43.18
N ILE C 86 20.99 22.82 -42.47
CA ILE C 86 21.04 22.83 -41.01
C ILE C 86 22.49 22.90 -40.52
N ARG C 87 23.35 22.13 -41.18
CA ARG C 87 24.80 22.04 -40.86
C ARG C 87 25.52 23.32 -41.32
N ARG C 88 24.97 24.01 -42.33
CA ARG C 88 25.59 25.23 -42.91
C ARG C 88 25.23 26.48 -42.08
N PHE C 89 24.03 26.50 -41.49
CA PHE C 89 23.58 27.65 -40.71
C PHE C 89 23.44 27.35 -39.22
N ASN C 90 23.81 26.14 -38.78
CA ASN C 90 23.73 25.75 -37.38
C ASN C 90 22.32 25.94 -36.83
N LEU C 91 21.34 25.40 -37.56
CA LEU C 91 19.95 25.51 -37.15
C LEU C 91 19.63 24.47 -36.08
N ARG C 92 18.71 24.85 -35.18
CA ARG C 92 18.26 23.96 -34.11
C ARG C 92 16.74 24.03 -34.01
N THR C 93 16.18 23.10 -33.25
CA THR C 93 14.74 23.04 -33.07
C THR C 93 14.24 24.29 -32.37
N GLY C 94 13.33 25.01 -33.03
CA GLY C 94 12.75 26.23 -32.51
C GLY C 94 13.10 27.48 -33.29
N ASP C 95 14.10 27.42 -34.17
CA ASP C 95 14.50 28.58 -34.94
C ASP C 95 13.43 28.91 -35.99
N THR C 96 12.92 30.13 -35.94
CA THR C 96 11.95 30.57 -36.93
C THR C 96 12.66 30.87 -38.25
N ILE C 97 12.27 30.17 -39.31
CA ILE C 97 12.89 30.29 -40.62
C ILE C 97 11.87 30.79 -41.61
N SER C 98 12.23 31.81 -42.39
CA SER C 98 11.37 32.38 -43.41
C SER C 98 12.19 32.57 -44.67
N GLY C 99 11.88 31.84 -45.72
CA GLY C 99 12.63 31.93 -46.95
C GLY C 99 11.82 31.42 -48.13
N LYS C 100 12.44 31.49 -49.31
CA LYS C 100 11.80 31.03 -50.53
C LYS C 100 11.64 29.52 -50.52
N ILE C 101 10.50 29.05 -51.00
CA ILE C 101 10.18 27.62 -51.08
C ILE C 101 9.75 27.30 -52.50
N ARG C 102 9.74 26.00 -52.81
CA ARG C 102 9.35 25.50 -54.11
C ARG C 102 8.46 24.28 -53.93
N PRO C 103 7.48 24.08 -54.83
CA PRO C 103 6.62 22.90 -54.74
C PRO C 103 7.43 21.63 -54.95
N PRO C 104 6.95 20.50 -54.43
CA PRO C 104 7.70 19.25 -54.59
C PRO C 104 7.65 18.75 -56.03
N LYS C 105 8.80 18.26 -56.50
CA LYS C 105 8.91 17.73 -57.85
C LYS C 105 8.38 16.30 -57.89
N GLU C 106 8.63 15.60 -58.99
CA GLU C 106 8.19 14.22 -59.12
C GLU C 106 9.00 13.34 -58.17
N GLY C 107 8.29 12.65 -57.27
CA GLY C 107 8.93 11.83 -56.26
C GLY C 107 9.12 12.49 -54.92
N GLU C 108 8.67 13.72 -54.75
CA GLU C 108 8.76 14.44 -53.49
C GLU C 108 7.35 14.71 -52.95
N ARG C 109 7.28 14.96 -51.65
CA ARG C 109 6.00 15.16 -50.97
C ARG C 109 5.92 16.45 -50.18
N TYR C 110 7.00 17.20 -50.06
CA TYR C 110 7.02 18.41 -49.25
C TYR C 110 7.82 19.50 -49.94
N PHE C 111 7.53 20.74 -49.57
CA PHE C 111 8.23 21.89 -50.16
C PHE C 111 9.69 21.91 -49.68
N ALA C 112 10.57 22.34 -50.58
CA ALA C 112 11.99 22.44 -50.28
C ALA C 112 12.39 23.89 -50.03
N LEU C 113 13.43 24.08 -49.25
CA LEU C 113 13.94 25.40 -48.89
C LEU C 113 15.19 25.69 -49.72
N LEU C 114 15.15 26.79 -50.48
CA LEU C 114 16.27 27.19 -51.31
C LEU C 114 17.18 28.19 -50.61
N LYS C 115 16.62 29.33 -50.19
CA LYS C 115 17.40 30.39 -49.55
C LYS C 115 16.63 30.93 -48.36
N VAL C 116 17.31 31.01 -47.22
CA VAL C 116 16.70 31.52 -45.99
C VAL C 116 16.90 33.03 -45.95
N ASN C 117 15.81 33.76 -45.70
CA ASN C 117 15.85 35.22 -45.71
C ASN C 117 15.94 35.82 -44.31
N GLU C 118 15.19 35.25 -43.35
CA GLU C 118 15.13 35.81 -42.00
C GLU C 118 15.12 34.67 -40.99
N VAL C 119 15.95 34.79 -39.96
CA VAL C 119 16.08 33.79 -38.91
C VAL C 119 15.67 34.43 -37.59
N ASN C 120 14.67 33.82 -36.93
CA ASN C 120 14.18 34.29 -35.63
C ASN C 120 13.76 35.76 -35.68
N PHE C 121 13.13 36.13 -36.79
CA PHE C 121 12.67 37.52 -37.02
C PHE C 121 13.83 38.50 -36.93
N ASP C 122 14.99 38.08 -37.44
CA ASP C 122 16.19 38.90 -37.39
C ASP C 122 17.12 38.46 -38.50
N LYS C 123 18.20 39.22 -38.68
CA LYS C 123 19.16 38.89 -39.72
C LYS C 123 19.95 37.64 -39.33
N PRO C 124 20.32 36.79 -40.30
CA PRO C 124 21.14 35.62 -39.98
C PRO C 124 22.51 35.98 -39.43
N GLU C 125 23.02 37.16 -39.75
CA GLU C 125 24.32 37.58 -39.24
C GLU C 125 24.27 37.82 -37.73
N ASN C 126 23.09 38.13 -37.19
CA ASN C 126 22.93 38.28 -35.75
C ASN C 126 22.61 36.97 -35.06
N ALA C 127 22.12 35.98 -35.80
CA ALA C 127 21.78 34.67 -35.23
C ALA C 127 22.96 33.71 -35.27
N ARG C 128 23.88 33.89 -36.21
CA ARG C 128 25.04 33.01 -36.29
C ARG C 128 25.92 33.15 -35.05
N ASN C 129 25.98 34.35 -34.47
CA ASN C 129 26.74 34.61 -33.26
C ASN C 129 25.76 34.88 -32.13
N LYS C 130 25.59 33.90 -31.24
CA LYS C 130 24.64 34.02 -30.15
C LYS C 130 25.07 33.11 -29.01
N ILE C 131 24.61 33.43 -27.80
CA ILE C 131 24.89 32.67 -26.61
C ILE C 131 23.74 31.71 -26.35
N LEU C 132 24.07 30.46 -26.06
CA LEU C 132 23.05 29.44 -25.81
C LEU C 132 22.27 29.77 -24.54
N PHE C 133 21.06 29.19 -24.45
CA PHE C 133 20.21 29.43 -23.29
C PHE C 133 20.77 28.76 -22.04
N GLU C 134 21.51 27.66 -22.20
CA GLU C 134 22.08 26.94 -21.06
C GLU C 134 23.24 27.70 -20.42
N ASN C 135 23.76 28.74 -21.06
CA ASN C 135 24.87 29.50 -20.53
C ASN C 135 24.47 30.83 -19.92
N LEU C 136 23.21 31.25 -20.07
CA LEU C 136 22.76 32.52 -19.53
C LEU C 136 22.72 32.46 -18.00
N THR C 137 23.13 33.55 -17.36
CA THR C 137 23.19 33.59 -15.91
C THR C 137 21.79 33.84 -15.34
N PRO C 138 21.24 32.93 -14.54
CA PRO C 138 19.92 33.17 -13.96
C PRO C 138 19.94 34.26 -12.91
N LEU C 139 18.76 34.83 -12.66
CA LEU C 139 18.60 35.86 -11.64
C LEU C 139 17.17 35.80 -11.13
N HIS C 140 16.94 36.52 -10.03
CA HIS C 140 15.60 36.61 -9.47
C HIS C 140 14.75 37.63 -10.24
N ALA C 141 13.46 37.63 -9.95
CA ALA C 141 12.56 38.56 -10.60
C ALA C 141 12.88 39.99 -10.19
N ASN C 142 13.28 40.81 -11.16
CA ASN C 142 13.64 42.20 -10.92
C ASN C 142 12.56 43.16 -11.41
N SER C 143 12.13 43.04 -12.66
CA SER C 143 11.10 43.91 -13.20
C SER C 143 9.73 43.51 -12.67
N ARG C 144 8.92 44.51 -12.34
CA ARG C 144 7.58 44.25 -11.80
C ARG C 144 6.57 44.17 -12.94
N LEU C 145 5.85 43.05 -13.02
CA LEU C 145 4.78 42.86 -13.99
C LEU C 145 3.45 43.04 -13.26
N ARG C 146 3.03 44.30 -13.15
CA ARG C 146 1.79 44.61 -12.45
C ARG C 146 0.59 44.10 -13.22
N MET C 147 -0.33 43.45 -12.53
CA MET C 147 -1.50 42.85 -13.13
C MET C 147 -2.76 43.70 -12.98
N GLU C 148 -2.69 44.80 -12.23
CA GLU C 148 -3.86 45.64 -12.00
C GLU C 148 -4.24 46.38 -13.27
N ARG C 149 -5.52 46.32 -13.63
CA ARG C 149 -6.00 47.03 -14.81
C ARG C 149 -5.92 48.54 -14.63
N GLY C 150 -6.57 49.06 -13.59
CA GLY C 150 -6.61 50.48 -13.34
C GLY C 150 -7.79 51.20 -13.92
N ASN C 151 -8.65 50.51 -14.69
CA ASN C 151 -9.82 51.11 -15.30
C ASN C 151 -11.04 51.12 -14.37
N GLY C 152 -10.90 50.60 -13.14
CA GLY C 152 -12.01 50.59 -12.22
C GLY C 152 -13.11 49.62 -12.56
N SER C 153 -12.81 48.58 -13.34
CA SER C 153 -13.81 47.59 -13.71
C SER C 153 -14.08 46.63 -12.56
N THR C 154 -15.25 46.00 -12.60
CA THR C 154 -15.61 45.04 -11.56
C THR C 154 -14.76 43.78 -11.63
N GLU C 155 -14.25 43.45 -12.83
CA GLU C 155 -13.39 42.27 -12.96
C GLU C 155 -11.98 42.54 -12.48
N ASP C 156 -11.62 43.79 -12.24
CA ASP C 156 -10.28 44.12 -11.74
C ASP C 156 -10.07 43.68 -10.30
N LEU C 157 -11.13 43.27 -9.60
CA LEU C 157 -10.97 42.82 -8.22
C LEU C 157 -10.08 41.59 -8.13
N THR C 158 -10.20 40.68 -9.10
CA THR C 158 -9.34 39.50 -9.11
C THR C 158 -7.88 39.88 -9.27
N ALA C 159 -7.58 40.79 -10.20
CA ALA C 159 -6.20 41.23 -10.40
C ALA C 159 -5.68 41.96 -9.17
N ARG C 160 -6.53 42.75 -8.50
CA ARG C 160 -6.10 43.45 -7.30
C ARG C 160 -5.78 42.46 -6.17
N VAL C 161 -6.63 41.44 -6.01
CA VAL C 161 -6.36 40.43 -4.98
C VAL C 161 -5.10 39.65 -5.31
N LEU C 162 -4.87 39.37 -6.60
CA LEU C 162 -3.66 38.66 -6.99
C LEU C 162 -2.42 39.49 -6.72
N ASP C 163 -2.49 40.80 -6.97
CA ASP C 163 -1.36 41.67 -6.69
C ASP C 163 -1.11 41.80 -5.20
N LEU C 164 -2.18 41.84 -4.39
CA LEU C 164 -2.01 41.92 -2.95
C LEU C 164 -1.54 40.60 -2.35
N ALA C 165 -1.79 39.48 -3.04
CA ALA C 165 -1.41 38.18 -2.50
C ALA C 165 -0.04 37.74 -3.00
N SER C 166 0.20 37.85 -4.31
CA SER C 166 1.44 37.35 -4.90
C SER C 166 1.74 38.16 -6.15
N PRO C 167 2.55 39.22 -6.03
CA PRO C 167 2.97 39.96 -7.22
C PRO C 167 3.85 39.09 -8.11
N ILE C 168 3.71 39.31 -9.42
CA ILE C 168 4.40 38.49 -10.43
C ILE C 168 5.38 39.40 -11.17
N GLY C 169 6.61 38.91 -11.34
CA GLY C 169 7.63 39.62 -12.09
C GLY C 169 8.15 38.79 -13.26
N ARG C 170 9.09 39.38 -13.99
CA ARG C 170 9.67 38.70 -15.13
C ARG C 170 10.57 37.56 -14.66
N GLY C 171 10.41 36.40 -15.29
CA GLY C 171 11.18 35.23 -14.92
C GLY C 171 10.63 34.44 -13.75
N GLN C 172 9.42 34.75 -13.29
CA GLN C 172 8.84 34.06 -12.16
C GLN C 172 8.45 32.63 -12.55
N ARG C 173 8.56 31.72 -11.58
CA ARG C 173 8.23 30.30 -11.76
C ARG C 173 7.29 29.91 -10.62
N GLY C 174 5.98 30.10 -10.85
CA GLY C 174 4.96 29.88 -9.85
C GLY C 174 4.10 28.67 -10.14
N LEU C 175 3.13 28.46 -9.22
CA LEU C 175 2.20 27.35 -9.31
C LEU C 175 0.83 27.82 -8.84
N ILE C 176 -0.20 27.42 -9.57
CA ILE C 176 -1.59 27.73 -9.21
C ILE C 176 -2.21 26.42 -8.73
N VAL C 177 -2.15 26.20 -7.42
CA VAL C 177 -2.69 24.98 -6.82
C VAL C 177 -4.16 25.20 -6.50
N ALA C 178 -5.02 24.32 -7.02
CA ALA C 178 -6.46 24.46 -6.83
C ALA C 178 -7.13 23.13 -7.10
N PRO C 179 -8.07 22.72 -6.27
CA PRO C 179 -8.86 21.52 -6.56
C PRO C 179 -9.77 21.75 -7.76
N PRO C 180 -10.33 20.70 -8.35
CA PRO C 180 -11.23 20.88 -9.48
C PRO C 180 -12.50 21.62 -9.08
N LYS C 181 -13.14 22.21 -10.09
CA LYS C 181 -14.38 22.98 -9.90
C LYS C 181 -14.17 24.14 -8.93
N ALA C 182 -13.04 24.84 -9.06
CA ALA C 182 -12.74 25.98 -8.19
C ALA C 182 -12.82 27.32 -8.92
N GLY C 183 -12.61 27.33 -10.23
CA GLY C 183 -12.61 28.58 -10.98
C GLY C 183 -11.29 28.86 -11.66
N LYS C 184 -10.55 27.80 -11.98
CA LYS C 184 -9.24 27.97 -12.61
C LYS C 184 -9.37 28.59 -14.00
N THR C 185 -10.46 28.25 -14.70
CA THR C 185 -10.64 28.77 -16.07
C THR C 185 -10.81 30.28 -16.07
N MET C 186 -11.74 30.79 -15.25
CA MET C 186 -11.96 32.23 -15.19
C MET C 186 -10.72 32.96 -14.68
N LEU C 187 -10.02 32.38 -13.72
CA LEU C 187 -8.81 33.00 -13.20
C LEU C 187 -7.73 33.10 -14.26
N LEU C 188 -7.56 32.02 -15.04
CA LEU C 188 -6.56 32.04 -16.11
C LEU C 188 -6.96 33.03 -17.21
N GLN C 189 -8.25 33.11 -17.53
CA GLN C 189 -8.71 34.08 -18.50
C GLN C 189 -8.43 35.50 -18.04
N ASN C 190 -8.71 35.78 -16.77
CA ASN C 190 -8.46 37.12 -16.23
C ASN C 190 -6.97 37.44 -16.23
N ILE C 191 -6.13 36.47 -15.88
CA ILE C 191 -4.68 36.68 -15.90
C ILE C 191 -4.20 36.98 -17.31
N ALA C 192 -4.68 36.21 -18.28
CA ALA C 192 -4.26 36.42 -19.67
C ALA C 192 -4.73 37.78 -20.18
N GLN C 193 -5.96 38.18 -19.86
CA GLN C 193 -6.46 39.46 -20.31
C GLN C 193 -5.68 40.61 -19.66
N SER C 194 -5.36 40.48 -18.37
CA SER C 194 -4.58 41.52 -17.69
C SER C 194 -3.17 41.61 -18.25
N ILE C 195 -2.57 40.47 -18.61
CA ILE C 195 -1.24 40.49 -19.22
C ILE C 195 -1.29 41.15 -20.59
N ALA C 196 -2.31 40.82 -21.38
CA ALA C 196 -2.42 41.40 -22.72
C ALA C 196 -2.75 42.89 -22.66
N TYR C 197 -3.42 43.34 -21.61
CA TYR C 197 -3.80 44.75 -21.49
C TYR C 197 -2.67 45.60 -20.92
N ASN C 198 -2.04 45.14 -19.82
CA ASN C 198 -1.03 45.93 -19.16
C ASN C 198 0.32 45.87 -19.88
N HIS C 199 0.72 44.66 -20.31
CA HIS C 199 2.02 44.45 -20.95
C HIS C 199 1.80 43.80 -22.32
N PRO C 200 1.41 44.60 -23.32
CA PRO C 200 1.21 44.04 -24.66
C PRO C 200 2.50 43.70 -25.39
N ASP C 201 3.64 44.18 -24.90
CA ASP C 201 4.91 43.93 -25.57
C ASP C 201 5.44 42.52 -25.34
N CYS C 202 5.01 41.86 -24.26
CA CYS C 202 5.49 40.52 -23.95
C CYS C 202 4.81 39.49 -24.85
N VAL C 203 5.55 38.42 -25.15
CA VAL C 203 5.05 37.34 -25.98
C VAL C 203 4.27 36.37 -25.09
N LEU C 204 2.95 36.36 -25.24
CA LEU C 204 2.07 35.51 -24.44
C LEU C 204 1.80 34.20 -25.18
N MET C 205 2.00 33.08 -24.49
CA MET C 205 1.75 31.76 -25.06
C MET C 205 0.99 30.94 -24.03
N VAL C 206 -0.20 30.47 -24.43
CA VAL C 206 -1.08 29.69 -23.56
C VAL C 206 -1.05 28.25 -24.04
N LEU C 207 -0.60 27.35 -23.18
CA LEU C 207 -0.51 25.93 -23.49
C LEU C 207 -1.61 25.19 -22.75
N LEU C 208 -2.47 24.50 -23.49
CA LEU C 208 -3.57 23.73 -22.94
C LEU C 208 -3.47 22.29 -23.44
N ILE C 209 -2.97 21.39 -22.60
CA ILE C 209 -2.75 20.00 -22.97
C ILE C 209 -3.84 19.15 -22.32
N ASP C 210 -4.44 18.27 -23.12
CA ASP C 210 -5.45 17.31 -22.64
C ASP C 210 -6.66 18.04 -22.04
N GLU C 211 -7.27 18.91 -22.85
CA GLU C 211 -8.45 19.68 -22.37
C GLU C 211 -9.63 19.48 -23.33
N ARG C 212 -10.84 19.83 -22.89
CA ARG C 212 -12.04 19.71 -23.77
C ARG C 212 -11.93 20.78 -24.86
N PRO C 213 -12.13 20.42 -26.15
CA PRO C 213 -11.94 21.38 -27.24
C PRO C 213 -12.81 22.64 -27.08
N GLU C 214 -14.09 22.51 -26.72
CA GLU C 214 -14.86 23.73 -26.46
C GLU C 214 -14.05 24.75 -25.67
N GLU C 215 -13.37 24.32 -24.60
CA GLU C 215 -12.52 25.23 -23.86
C GLU C 215 -11.36 25.75 -24.72
N VAL C 216 -10.83 24.90 -25.60
CA VAL C 216 -9.74 25.33 -26.48
C VAL C 216 -10.20 26.45 -27.40
N THR C 217 -11.34 26.24 -28.08
CA THR C 217 -11.82 27.26 -29.02
C THR C 217 -12.34 28.49 -28.27
N GLU C 218 -12.71 28.33 -27.01
CA GLU C 218 -13.08 29.49 -26.19
C GLU C 218 -11.85 30.32 -25.87
N MET C 219 -10.79 29.68 -25.39
CA MET C 219 -9.56 30.42 -25.05
C MET C 219 -8.94 31.04 -26.29
N GLN C 220 -9.05 30.37 -27.43
CA GLN C 220 -8.45 30.90 -28.65
C GLN C 220 -9.14 32.17 -29.13
N ARG C 221 -10.45 32.30 -28.87
CA ARG C 221 -11.21 33.45 -29.30
C ARG C 221 -11.42 34.48 -28.17
N LEU C 222 -10.71 34.33 -27.06
CA LEU C 222 -10.86 35.23 -25.92
C LEU C 222 -9.60 36.01 -25.59
N VAL C 223 -8.45 35.37 -25.61
CA VAL C 223 -7.20 36.03 -25.25
C VAL C 223 -6.57 36.65 -26.49
N LYS C 224 -5.78 37.70 -26.27
CA LYS C 224 -5.10 38.39 -27.36
C LYS C 224 -3.64 37.91 -27.43
N GLY C 225 -3.48 36.72 -28.00
CA GLY C 225 -2.17 36.14 -28.12
C GLY C 225 -2.20 34.84 -28.86
N GLU C 226 -1.11 34.07 -28.71
CA GLU C 226 -0.97 32.77 -29.35
C GLU C 226 -1.51 31.68 -28.43
N VAL C 227 -2.26 30.74 -29.01
CA VAL C 227 -2.86 29.64 -28.26
C VAL C 227 -2.48 28.34 -28.95
N VAL C 228 -1.64 27.55 -28.28
CA VAL C 228 -1.24 26.23 -28.75
C VAL C 228 -1.82 25.20 -27.78
N ALA C 229 -2.73 24.37 -28.26
CA ALA C 229 -3.44 23.43 -27.40
C ALA C 229 -3.46 22.04 -28.05
N SER C 230 -3.77 21.04 -27.23
CA SER C 230 -3.85 19.65 -27.69
C SER C 230 -4.95 18.96 -26.88
N THR C 231 -6.07 18.69 -27.52
CA THR C 231 -7.21 18.10 -26.85
C THR C 231 -6.90 16.67 -26.41
N PHE C 232 -7.80 16.13 -25.58
CA PHE C 232 -7.63 14.77 -25.06
C PHE C 232 -7.75 13.70 -26.15
N ASP C 233 -8.32 14.03 -27.30
CA ASP C 233 -8.45 13.07 -28.38
C ASP C 233 -7.11 12.69 -29.00
N GLU C 234 -6.04 13.39 -28.64
CA GLU C 234 -4.72 13.10 -29.17
C GLU C 234 -3.91 12.28 -28.17
N PRO C 235 -3.02 11.42 -28.65
CA PRO C 235 -2.21 10.61 -27.72
C PRO C 235 -1.20 11.47 -26.97
N ALA C 236 -0.58 10.85 -25.96
CA ALA C 236 0.39 11.56 -25.13
C ALA C 236 1.64 11.92 -25.93
N SER C 237 1.90 11.21 -27.02
CA SER C 237 3.06 11.53 -27.85
C SER C 237 2.94 12.93 -28.44
N ARG C 238 1.75 13.30 -28.93
CA ARG C 238 1.55 14.65 -29.45
C ARG C 238 1.66 15.68 -28.34
N HIS C 239 1.22 15.33 -27.13
CA HIS C 239 1.38 16.22 -25.99
C HIS C 239 2.85 16.51 -25.72
N VAL C 240 3.67 15.45 -25.69
CA VAL C 240 5.10 15.63 -25.46
C VAL C 240 5.72 16.45 -26.57
N GLN C 241 5.33 16.17 -27.82
CA GLN C 241 5.89 16.90 -28.95
C GLN C 241 5.54 18.38 -28.88
N VAL C 242 4.29 18.69 -28.55
CA VAL C 242 3.86 20.09 -28.45
C VAL C 242 4.61 20.79 -27.32
N ALA C 243 4.75 20.12 -26.16
CA ALA C 243 5.47 20.72 -25.05
C ALA C 243 6.92 21.00 -25.44
N GLU C 244 7.57 20.05 -26.12
CA GLU C 244 8.96 20.25 -26.53
C GLU C 244 9.08 21.40 -27.52
N MET C 245 8.18 21.46 -28.51
CA MET C 245 8.24 22.54 -29.49
C MET C 245 8.02 23.89 -28.81
N VAL C 246 7.06 23.97 -27.88
CA VAL C 246 6.79 25.24 -27.21
C VAL C 246 7.99 25.68 -26.37
N ILE C 247 8.58 24.75 -25.62
CA ILE C 247 9.70 25.15 -24.77
C ILE C 247 10.93 25.49 -25.60
N GLU C 248 11.12 24.81 -26.74
CA GLU C 248 12.25 25.15 -27.61
C GLU C 248 12.06 26.52 -28.25
N LYS C 249 10.84 26.83 -28.69
CA LYS C 249 10.57 28.16 -29.23
C LYS C 249 10.76 29.23 -28.17
N ALA C 250 10.33 28.94 -26.93
CA ALA C 250 10.52 29.90 -25.85
C ALA C 250 12.00 30.14 -25.58
N LYS C 251 12.81 29.08 -25.57
CA LYS C 251 14.24 29.23 -25.36
C LYS C 251 14.88 30.02 -26.51
N ARG C 252 14.48 29.74 -27.75
CA ARG C 252 15.05 30.46 -28.88
C ARG C 252 14.66 31.93 -28.85
N LEU C 253 13.46 32.24 -28.37
CA LEU C 253 13.05 33.64 -28.25
C LEU C 253 13.81 34.35 -27.13
N VAL C 254 13.98 33.66 -25.98
CA VAL C 254 14.72 34.26 -24.87
C VAL C 254 16.18 34.50 -25.27
N GLU C 255 16.74 33.63 -26.12
CA GLU C 255 18.10 33.82 -26.58
C GLU C 255 18.27 35.12 -27.37
N HIS C 256 17.17 35.67 -27.93
CA HIS C 256 17.20 36.94 -28.62
C HIS C 256 16.69 38.08 -27.75
N LYS C 257 16.79 37.94 -26.43
CA LYS C 257 16.40 38.97 -25.46
C LYS C 257 14.92 39.33 -25.60
N LYS C 258 14.07 38.32 -25.60
CA LYS C 258 12.62 38.50 -25.65
C LYS C 258 11.98 38.07 -24.34
N ASP C 259 10.86 38.68 -24.02
CA ASP C 259 10.12 38.40 -22.80
C ASP C 259 9.00 37.41 -23.14
N VAL C 260 9.22 36.14 -22.82
CA VAL C 260 8.26 35.08 -23.11
C VAL C 260 7.45 34.78 -21.84
N ILE C 261 6.14 34.61 -22.00
CA ILE C 261 5.25 34.28 -20.91
C ILE C 261 4.46 33.03 -21.31
N ILE C 262 4.57 31.98 -20.51
CA ILE C 262 3.90 30.71 -20.77
C ILE C 262 2.90 30.46 -19.65
N LEU C 263 1.62 30.39 -20.00
CA LEU C 263 0.56 30.11 -19.03
C LEU C 263 0.14 28.65 -19.19
N LEU C 264 0.78 27.78 -18.43
CA LEU C 264 0.49 26.36 -18.49
C LEU C 264 -0.70 26.04 -17.59
N ASP C 265 -1.60 25.18 -18.08
CA ASP C 265 -2.78 24.77 -17.33
C ASP C 265 -2.87 23.26 -17.17
N SER C 266 -1.82 22.54 -17.50
CA SER C 266 -1.87 21.07 -17.52
C SER C 266 -0.58 20.42 -17.05
N ILE C 267 0.12 21.01 -16.08
CA ILE C 267 1.38 20.44 -15.58
C ILE C 267 1.13 19.01 -15.09
N THR C 268 -0.01 18.79 -14.43
CA THR C 268 -0.37 17.44 -14.01
C THR C 268 -0.63 16.53 -15.20
N ARG C 269 -1.36 17.05 -16.20
CA ARG C 269 -1.63 16.27 -17.41
C ARG C 269 -0.33 16.01 -18.18
N LEU C 270 0.57 16.99 -18.19
CA LEU C 270 1.86 16.80 -18.86
C LEU C 270 2.68 15.73 -18.15
N ALA C 271 2.67 15.72 -16.83
CA ALA C 271 3.38 14.68 -16.08
C ALA C 271 2.76 13.31 -16.33
N ARG C 272 1.43 13.25 -16.41
CA ARG C 272 0.77 11.99 -16.74
C ARG C 272 1.16 11.51 -18.14
N ALA C 273 1.23 12.42 -19.10
CA ALA C 273 1.64 12.06 -20.45
C ALA C 273 3.06 11.53 -20.48
N TYR C 274 3.96 12.20 -19.74
CA TYR C 274 5.35 11.74 -19.69
C TYR C 274 5.47 10.40 -19.00
N ASN C 275 4.66 10.16 -17.96
CA ASN C 275 4.67 8.86 -17.30
C ASN C 275 4.06 7.78 -18.18
N THR C 276 3.19 8.16 -19.12
CA THR C 276 2.62 7.18 -20.03
C THR C 276 3.56 6.85 -21.18
N VAL C 277 4.33 7.84 -21.67
CA VAL C 277 5.20 7.60 -22.82
C VAL C 277 6.55 7.02 -22.43
N VAL C 278 6.88 6.96 -21.14
CA VAL C 278 8.17 6.43 -20.70
C VAL C 278 8.09 4.91 -20.69
N PRO C 279 9.11 4.21 -21.21
CA PRO C 279 9.07 2.74 -21.18
C PRO C 279 9.12 2.21 -19.75
N ALA C 280 8.43 1.10 -19.53
CA ALA C 280 8.38 0.49 -18.20
C ALA C 280 9.76 -0.06 -17.84
N SER C 281 10.18 0.19 -16.60
CA SER C 281 11.47 -0.26 -16.09
C SER C 281 11.33 -1.30 -14.98
N GLY C 282 10.12 -1.80 -14.75
CA GLY C 282 9.91 -2.80 -13.71
C GLY C 282 9.96 -2.26 -12.29
N LYS C 283 10.00 -0.94 -12.12
CA LYS C 283 10.03 -0.33 -10.80
C LYS C 283 8.99 0.78 -10.75
N VAL C 284 7.98 0.62 -9.92
CA VAL C 284 6.88 1.58 -9.79
C VAL C 284 6.88 2.10 -8.36
N LEU C 285 6.83 3.43 -8.24
CA LEU C 285 6.79 4.07 -6.93
C LEU C 285 5.36 4.13 -6.40
N THR C 286 5.21 4.78 -5.24
CA THR C 286 3.89 4.91 -4.63
C THR C 286 3.00 5.80 -5.46
N GLY C 287 1.82 5.29 -5.81
CA GLY C 287 0.85 6.03 -6.61
C GLY C 287 0.88 5.75 -8.09
N GLY C 288 1.83 4.94 -8.56
CA GLY C 288 1.90 4.65 -9.99
C GLY C 288 2.77 5.61 -10.78
N VAL C 289 3.82 6.16 -10.17
CA VAL C 289 4.70 7.10 -10.83
C VAL C 289 6.04 6.43 -11.07
N ASP C 290 6.55 6.54 -12.30
CA ASP C 290 7.85 5.96 -12.62
C ASP C 290 8.97 6.82 -12.03
N ALA C 291 10.12 6.19 -11.78
CA ALA C 291 11.23 6.90 -11.17
C ALA C 291 11.82 7.95 -12.11
N ASN C 292 11.76 7.71 -13.42
CA ASN C 292 12.33 8.63 -14.40
C ASN C 292 11.26 9.33 -15.22
N ALA C 293 10.02 9.37 -14.73
CA ALA C 293 8.94 10.00 -15.47
C ALA C 293 8.84 11.49 -15.17
N LEU C 294 9.18 11.92 -13.95
CA LEU C 294 9.05 13.30 -13.55
C LEU C 294 10.25 14.15 -13.94
N HIS C 295 11.28 13.56 -14.56
CA HIS C 295 12.47 14.32 -14.91
C HIS C 295 12.19 15.31 -16.04
N ARG C 296 11.47 14.87 -17.06
CA ARG C 296 11.14 15.77 -18.18
C ARG C 296 10.23 16.92 -17.74
N PRO C 297 9.13 16.70 -16.99
CA PRO C 297 8.39 17.85 -16.48
C PRO C 297 9.19 18.70 -15.52
N LYS C 298 10.09 18.10 -14.75
CA LYS C 298 10.97 18.88 -13.87
C LYS C 298 11.81 19.85 -14.68
N ARG C 299 12.42 19.39 -15.77
CA ARG C 299 13.22 20.29 -16.61
C ARG C 299 12.34 21.31 -17.31
N PHE C 300 11.15 20.90 -17.79
CA PHE C 300 10.25 21.85 -18.44
C PHE C 300 9.86 22.97 -17.49
N PHE C 301 9.65 22.64 -16.21
CA PHE C 301 9.31 23.66 -15.23
C PHE C 301 10.52 24.53 -14.90
N GLY C 302 11.67 23.92 -14.67
CA GLY C 302 12.86 24.65 -14.32
C GLY C 302 13.47 25.46 -15.46
N ALA C 303 12.97 25.29 -16.68
CA ALA C 303 13.46 26.09 -17.80
C ALA C 303 13.20 27.58 -17.57
N ALA C 304 12.14 27.90 -16.84
CA ALA C 304 11.83 29.30 -16.55
C ALA C 304 12.91 29.93 -15.68
N ARG C 305 13.40 31.09 -16.12
CA ARG C 305 14.46 31.80 -15.42
C ARG C 305 14.54 33.22 -15.96
N ASN C 306 15.12 34.11 -15.16
CA ASN C 306 15.34 35.49 -15.55
C ASN C 306 16.79 35.66 -16.01
N VAL C 307 16.97 36.26 -17.18
CA VAL C 307 18.29 36.42 -17.79
C VAL C 307 18.79 37.83 -17.51
N GLU C 308 20.05 37.94 -17.09
CA GLU C 308 20.65 39.24 -16.84
C GLU C 308 21.04 39.96 -18.12
N GLU C 309 21.49 39.22 -19.14
CA GLU C 309 21.88 39.84 -20.40
C GLU C 309 20.67 40.43 -21.13
N GLY C 310 19.49 39.85 -20.94
CA GLY C 310 18.30 40.34 -21.60
C GLY C 310 17.22 39.29 -21.75
N GLY C 311 15.96 39.71 -21.62
CA GLY C 311 14.85 38.79 -21.75
C GLY C 311 14.56 38.05 -20.46
N SER C 312 13.48 37.28 -20.50
CA SER C 312 13.03 36.50 -19.34
C SER C 312 12.07 35.43 -19.84
N LEU C 313 11.82 34.45 -18.97
CA LEU C 313 10.92 33.34 -19.27
C LEU C 313 10.06 33.08 -18.04
N THR C 314 8.76 33.35 -18.15
CA THR C 314 7.82 33.15 -17.06
C THR C 314 6.91 31.97 -17.37
N ILE C 315 6.79 31.05 -16.42
CA ILE C 315 5.96 29.85 -16.57
C ILE C 315 5.04 29.78 -15.35
N ILE C 316 3.74 29.89 -15.59
CA ILE C 316 2.73 29.81 -14.53
C ILE C 316 1.92 28.56 -14.80
N ALA C 317 2.17 27.49 -14.04
CA ALA C 317 1.50 26.22 -14.21
C ALA C 317 0.44 26.04 -13.12
N THR C 318 -0.69 25.44 -13.49
CA THR C 318 -1.78 25.19 -12.57
C THR C 318 -1.81 23.70 -12.24
N ALA C 319 -1.51 23.36 -10.98
CA ALA C 319 -1.48 21.98 -10.54
C ALA C 319 -2.85 21.56 -10.02
N LEU C 320 -3.14 20.27 -10.17
CA LEU C 320 -4.41 19.70 -9.74
C LEU C 320 -4.22 18.88 -8.47
N ILE C 321 -5.09 19.10 -7.50
CA ILE C 321 -5.08 18.38 -6.23
C ILE C 321 -6.48 17.91 -5.92
N ASP C 322 -6.62 17.17 -4.81
CA ASP C 322 -7.95 16.63 -4.42
C ASP C 322 -8.28 15.59 -5.49
N THR C 323 -7.24 14.92 -5.99
CA THR C 323 -7.45 13.85 -6.99
C THR C 323 -6.95 12.55 -6.35
N GLY C 324 -7.85 11.79 -5.73
CA GLY C 324 -7.48 10.48 -5.14
C GLY C 324 -6.64 9.70 -6.11
N SER C 325 -6.59 10.11 -7.37
CA SER C 325 -5.62 9.50 -8.31
C SER C 325 -4.29 9.79 -7.62
N LYS C 326 -4.02 9.13 -6.51
CA LYS C 326 -2.81 9.31 -5.70
C LYS C 326 -1.63 9.76 -6.57
N MET C 327 -1.66 9.44 -7.86
CA MET C 327 -0.57 9.85 -8.75
C MET C 327 -0.47 11.37 -8.83
N ASP C 328 -1.62 12.04 -9.00
CA ASP C 328 -1.62 13.49 -9.04
C ASP C 328 -1.18 14.08 -7.71
N GLU C 329 -1.56 13.45 -6.60
CA GLU C 329 -1.11 13.92 -5.28
C GLU C 329 0.41 13.82 -5.15
N VAL C 330 0.99 12.71 -5.61
CA VAL C 330 2.44 12.55 -5.56
C VAL C 330 3.12 13.58 -6.45
N ILE C 331 2.59 13.75 -7.68
CA ILE C 331 3.26 14.64 -8.67
C ILE C 331 3.27 16.10 -8.19
N TYR C 332 2.14 16.80 -8.35
CA TYR C 332 2.06 18.24 -7.97
C TYR C 332 2.87 18.46 -6.69
N GLU C 333 2.81 17.49 -5.79
CA GLU C 333 3.53 17.61 -4.50
C GLU C 333 5.03 17.61 -4.78
N GLU C 334 5.65 16.48 -5.16
CA GLU C 334 7.01 16.59 -5.67
C GLU C 334 7.27 17.97 -6.25
N PHE C 335 6.31 18.53 -6.97
CA PHE C 335 6.49 19.85 -7.58
C PHE C 335 6.30 21.00 -6.60
N LYS C 336 5.81 20.72 -5.40
CA LYS C 336 5.57 21.80 -4.43
C LYS C 336 6.89 22.43 -4.00
N GLY C 337 7.89 21.61 -3.66
CA GLY C 337 9.18 22.12 -3.22
C GLY C 337 10.08 22.63 -4.33
N THR C 338 9.56 22.82 -5.54
CA THR C 338 10.35 23.24 -6.68
C THR C 338 10.18 24.71 -7.03
N GLY C 339 8.94 25.18 -7.17
CA GLY C 339 8.69 26.56 -7.53
C GLY C 339 8.90 27.51 -6.36
N ASN C 340 8.68 28.80 -6.65
CA ASN C 340 8.84 29.83 -5.63
C ASN C 340 7.60 30.71 -5.48
N MET C 341 6.42 30.21 -5.88
CA MET C 341 5.18 30.96 -5.75
C MET C 341 4.02 29.98 -5.76
N GLU C 342 3.18 30.03 -4.73
CA GLU C 342 2.02 29.16 -4.63
C GLU C 342 0.78 30.02 -4.39
N LEU C 343 -0.19 29.90 -5.27
CA LEU C 343 -1.47 30.63 -5.17
C LEU C 343 -2.56 29.58 -4.97
N HIS C 344 -2.88 29.29 -3.72
CA HIS C 344 -3.85 28.25 -3.41
C HIS C 344 -5.27 28.79 -3.51
N LEU C 345 -6.18 27.94 -3.98
CA LEU C 345 -7.60 28.26 -4.07
C LEU C 345 -8.38 27.28 -3.21
N SER C 346 -9.37 27.79 -2.49
CA SER C 346 -10.14 27.00 -1.54
C SER C 346 -11.45 26.55 -2.17
N ARG C 347 -11.73 25.25 -2.09
CA ARG C 347 -13.00 24.74 -2.60
C ARG C 347 -14.17 25.17 -1.72
N LYS C 348 -13.94 25.30 -0.41
CA LYS C 348 -15.00 25.71 0.50
C LYS C 348 -15.49 27.12 0.17
N ILE C 349 -14.59 28.01 -0.22
CA ILE C 349 -14.98 29.35 -0.60
C ILE C 349 -15.66 29.35 -1.96
N ALA C 350 -15.25 28.46 -2.86
CA ALA C 350 -15.88 28.39 -4.18
C ALA C 350 -17.29 27.85 -4.09
N GLU C 351 -17.55 26.95 -3.13
CA GLU C 351 -18.90 26.43 -2.94
C GLU C 351 -19.87 27.50 -2.46
N LYS C 352 -19.38 28.53 -1.77
CA LYS C 352 -20.20 29.64 -1.32
C LYS C 352 -20.43 30.68 -2.40
N ARG C 353 -19.96 30.42 -3.62
CA ARG C 353 -20.11 31.34 -4.75
C ARG C 353 -19.48 32.70 -4.45
N VAL C 354 -18.32 32.68 -3.81
CA VAL C 354 -17.57 33.88 -3.48
C VAL C 354 -16.36 33.91 -4.40
N PHE C 355 -16.46 34.67 -5.50
CA PHE C 355 -15.40 34.77 -6.48
C PHE C 355 -14.64 36.08 -6.31
N PRO C 356 -13.30 36.06 -6.32
CA PRO C 356 -12.50 34.84 -6.47
C PRO C 356 -12.32 34.09 -5.15
N ALA C 357 -12.17 32.76 -5.24
CA ALA C 357 -11.96 31.92 -4.07
C ALA C 357 -10.47 31.65 -3.93
N ILE C 358 -9.76 32.62 -3.39
CA ILE C 358 -8.30 32.56 -3.25
C ILE C 358 -7.96 32.38 -1.77
N ASP C 359 -7.07 31.44 -1.48
CA ASP C 359 -6.59 31.22 -0.12
C ASP C 359 -5.46 32.23 0.13
N TYR C 360 -5.81 33.36 0.75
CA TYR C 360 -4.84 34.43 0.95
C TYR C 360 -3.78 34.03 2.00
N ASN C 361 -4.16 33.14 2.92
CA ASN C 361 -3.24 32.77 4.00
C ASN C 361 -2.04 31.99 3.47
N ARG C 362 -2.28 30.94 2.68
CA ARG C 362 -1.20 30.11 2.19
C ARG C 362 -0.50 30.69 0.98
N SER C 363 -1.04 31.74 0.39
CA SER C 363 -0.40 32.38 -0.75
C SER C 363 0.81 33.21 -0.28
N GLY C 364 1.61 33.62 -1.24
CA GLY C 364 2.78 34.43 -0.94
C GLY C 364 3.83 34.30 -2.03
N THR C 365 4.83 35.18 -1.95
CA THR C 365 5.92 35.20 -2.91
C THR C 365 7.23 35.41 -2.17
N ARG C 366 8.24 34.63 -2.52
CA ARG C 366 9.56 34.77 -1.92
C ARG C 366 10.32 35.92 -2.59
N LYS C 367 11.11 36.62 -1.78
CA LYS C 367 11.87 37.78 -2.24
C LYS C 367 10.95 38.84 -2.85
N GLU C 368 9.81 39.08 -2.20
CA GLU C 368 8.83 40.04 -2.69
C GLU C 368 9.33 41.47 -2.58
N GLU C 369 10.36 41.72 -1.77
CA GLU C 369 10.88 43.08 -1.63
C GLU C 369 11.57 43.58 -2.89
N LEU C 370 11.93 42.67 -3.81
CA LEU C 370 12.56 43.06 -5.06
C LEU C 370 11.57 43.54 -6.11
N LEU C 371 10.27 43.42 -5.85
CA LEU C 371 9.24 43.86 -6.80
C LEU C 371 8.33 44.93 -6.23
N THR C 372 8.45 45.26 -4.94
CA THR C 372 7.61 46.27 -4.31
C THR C 372 8.49 47.23 -3.53
N THR C 373 7.95 48.42 -3.31
CA THR C 373 8.67 49.44 -2.54
C THR C 373 8.61 49.14 -1.05
N GLN C 374 9.28 49.98 -0.26
CA GLN C 374 9.32 49.77 1.18
C GLN C 374 7.95 49.98 1.81
N GLU C 375 7.29 51.10 1.49
CA GLU C 375 5.99 51.39 2.06
C GLU C 375 4.94 50.38 1.57
N GLU C 376 5.02 49.97 0.30
CA GLU C 376 4.10 48.97 -0.21
C GLU C 376 4.29 47.63 0.50
N LEU C 377 5.55 47.23 0.73
CA LEU C 377 5.81 46.00 1.44
C LEU C 377 5.31 46.07 2.89
N GLN C 378 5.50 47.23 3.53
CA GLN C 378 5.01 47.40 4.90
C GLN C 378 3.50 47.32 4.96
N LYS C 379 2.82 47.94 4.00
CA LYS C 379 1.35 47.88 3.96
C LYS C 379 0.87 46.46 3.69
N MET C 380 1.55 45.73 2.82
CA MET C 380 1.18 44.34 2.57
C MET C 380 1.39 43.48 3.82
N TRP C 381 2.48 43.73 4.55
CA TRP C 381 2.74 43.00 5.79
C TRP C 381 1.66 43.29 6.83
N ILE C 382 1.26 44.56 6.95
CA ILE C 382 0.21 44.91 7.90
C ILE C 382 -1.12 44.26 7.48
N LEU C 383 -1.42 44.26 6.19
CA LEU C 383 -2.66 43.65 5.72
C LEU C 383 -2.65 42.14 5.98
N ARG C 384 -1.50 41.49 5.81
CA ARG C 384 -1.41 40.06 6.10
C ARG C 384 -1.56 39.79 7.58
N LYS C 385 -0.96 40.63 8.43
CA LYS C 385 -1.08 40.43 9.86
C LYS C 385 -2.50 40.70 10.36
N ILE C 386 -3.25 41.55 9.66
CA ILE C 386 -4.64 41.78 10.04
C ILE C 386 -5.53 40.66 9.52
N ILE C 387 -5.23 40.13 8.33
CA ILE C 387 -6.07 39.10 7.73
C ILE C 387 -5.85 37.74 8.38
N HIS C 388 -4.63 37.45 8.81
CA HIS C 388 -4.28 36.13 9.34
C HIS C 388 -5.19 35.64 10.45
N PRO C 389 -5.55 36.44 11.47
CA PRO C 389 -6.42 35.91 12.53
C PRO C 389 -7.79 35.50 12.03
N MET C 390 -8.36 36.25 11.08
CA MET C 390 -9.70 35.94 10.60
C MET C 390 -9.71 34.66 9.77
N GLY C 391 -10.88 34.04 9.67
CA GLY C 391 -11.04 32.84 8.87
C GLY C 391 -10.95 33.15 7.39
N GLU C 392 -10.82 32.07 6.60
CA GLU C 392 -10.65 32.22 5.16
C GLU C 392 -11.84 32.92 4.51
N ILE C 393 -13.06 32.40 4.76
CA ILE C 393 -14.25 33.00 4.16
C ILE C 393 -14.46 34.41 4.70
N ASP C 394 -14.27 34.60 6.00
CA ASP C 394 -14.43 35.93 6.58
C ASP C 394 -13.41 36.91 6.02
N ALA C 395 -12.15 36.48 5.88
CA ALA C 395 -11.12 37.35 5.33
C ALA C 395 -11.43 37.71 3.88
N MET C 396 -11.92 36.74 3.10
CA MET C 396 -12.26 37.01 1.71
C MET C 396 -13.42 38.00 1.61
N GLU C 397 -14.44 37.81 2.45
CA GLU C 397 -15.56 38.74 2.45
C GLU C 397 -15.11 40.14 2.86
N PHE C 398 -14.26 40.24 3.87
CA PHE C 398 -13.74 41.54 4.30
C PHE C 398 -12.95 42.21 3.18
N LEU C 399 -12.07 41.45 2.52
CA LEU C 399 -11.28 42.01 1.43
C LEU C 399 -12.15 42.47 0.28
N ILE C 400 -13.17 41.69 -0.08
CA ILE C 400 -14.06 42.08 -1.16
C ILE C 400 -14.83 43.34 -0.80
N ASN C 401 -15.36 43.40 0.42
CA ASN C 401 -16.15 44.57 0.84
C ASN C 401 -15.28 45.81 0.95
N LYS C 402 -14.00 45.64 1.26
CA LYS C 402 -13.12 46.80 1.36
C LYS C 402 -12.58 47.24 0.01
N LEU C 403 -12.42 46.31 -0.94
CA LEU C 403 -11.97 46.68 -2.26
C LEU C 403 -13.09 47.21 -3.13
N ALA C 404 -14.34 46.86 -2.81
CA ALA C 404 -15.47 47.39 -3.58
C ALA C 404 -15.72 48.86 -3.30
N MET C 405 -15.21 49.39 -2.18
CA MET C 405 -15.45 50.79 -1.83
C MET C 405 -14.64 51.73 -2.70
N THR C 406 -13.43 51.33 -3.10
CA THR C 406 -12.53 52.18 -3.87
C THR C 406 -12.14 51.49 -5.17
N LYS C 407 -11.39 52.21 -6.00
CA LYS C 407 -10.93 51.68 -7.27
C LYS C 407 -9.49 51.17 -7.20
N THR C 408 -8.62 51.87 -6.48
CA THR C 408 -7.22 51.50 -6.37
C THR C 408 -6.93 50.99 -4.96
N ASN C 409 -5.92 50.12 -4.87
CA ASN C 409 -5.55 49.55 -3.58
C ASN C 409 -4.81 50.57 -2.70
N ASP C 410 -4.26 51.62 -3.31
CA ASP C 410 -3.57 52.65 -2.54
C ASP C 410 -4.54 53.37 -1.60
N ASP C 411 -5.76 53.65 -2.07
CA ASP C 411 -6.76 54.27 -1.21
C ASP C 411 -7.15 53.35 -0.07
N PHE C 412 -7.28 52.04 -0.34
CA PHE C 412 -7.57 51.09 0.72
C PHE C 412 -6.46 51.06 1.76
N PHE C 413 -5.20 51.03 1.32
CA PHE C 413 -4.08 51.03 2.25
C PHE C 413 -4.04 52.32 3.06
N GLU C 414 -4.37 53.45 2.43
CA GLU C 414 -4.37 54.72 3.16
C GLU C 414 -5.51 54.78 4.17
N MET C 415 -6.65 54.17 3.85
CA MET C 415 -7.77 54.17 4.78
C MET C 415 -7.59 53.15 5.90
N MET C 416 -6.77 52.12 5.68
CA MET C 416 -6.53 51.14 6.75
C MET C 416 -5.78 51.77 7.91
N LYS C 417 -4.87 52.71 7.64
CA LYS C 417 -4.11 53.37 8.69
C LYS C 417 -4.98 54.39 9.43
N MET D 1 11.47 -55.09 29.01
CA MET D 1 12.30 -54.33 28.09
C MET D 1 11.47 -53.34 27.28
N ASN D 2 11.28 -52.15 27.83
CA ASN D 2 10.50 -51.09 27.19
C ASN D 2 11.39 -49.89 26.92
N LEU D 3 11.10 -49.18 25.83
CA LEU D 3 11.94 -48.03 25.45
C LEU D 3 11.75 -46.88 26.43
N THR D 4 10.50 -46.57 26.78
CA THR D 4 10.23 -45.46 27.70
C THR D 4 10.81 -45.72 29.09
N GLU D 5 10.82 -46.98 29.52
CA GLU D 5 11.41 -47.31 30.82
C GLU D 5 12.89 -47.01 30.85
N LEU D 6 13.60 -47.34 29.77
CA LEU D 6 15.03 -47.02 29.70
C LEU D 6 15.26 -45.53 29.50
N LYS D 7 14.32 -44.84 28.85
CA LYS D 7 14.42 -43.39 28.69
C LYS D 7 14.22 -42.65 30.00
N ASN D 8 13.40 -43.19 30.90
CA ASN D 8 13.15 -42.52 32.18
C ASN D 8 14.28 -42.78 33.18
N THR D 9 15.07 -43.81 32.97
CA THR D 9 16.17 -44.10 33.88
C THR D 9 17.25 -43.03 33.78
N PRO D 10 17.94 -42.75 34.87
CA PRO D 10 19.00 -41.73 34.84
C PRO D 10 20.22 -42.21 34.07
N VAL D 11 21.18 -41.29 33.89
CA VAL D 11 22.37 -41.59 33.11
C VAL D 11 23.32 -42.49 33.89
N SER D 12 23.43 -42.26 35.21
CA SER D 12 24.39 -43.00 36.01
C SER D 12 24.04 -44.48 36.07
N GLU D 13 22.76 -44.80 36.30
CA GLU D 13 22.35 -46.20 36.35
C GLU D 13 22.51 -46.89 35.00
N LEU D 14 22.25 -46.17 33.90
CA LEU D 14 22.45 -46.76 32.58
C LEU D 14 23.92 -47.03 32.31
N ILE D 15 24.80 -46.11 32.72
CA ILE D 15 26.24 -46.32 32.56
C ILE D 15 26.68 -47.51 33.37
N THR D 16 26.18 -47.63 34.61
CA THR D 16 26.54 -48.75 35.45
C THR D 16 26.07 -50.08 34.85
N LEU D 17 24.84 -50.11 34.34
CA LEU D 17 24.30 -51.31 33.72
C LEU D 17 25.13 -51.70 32.48
N GLY D 18 25.47 -50.71 31.66
CA GLY D 18 26.28 -50.99 30.49
C GLY D 18 27.67 -51.49 30.83
N GLU D 19 28.28 -50.94 31.87
CA GLU D 19 29.58 -51.43 32.30
C GLU D 19 29.49 -52.84 32.86
N ASN D 20 28.38 -53.16 33.54
CA ASN D 20 28.19 -54.52 34.03
C ASN D 20 27.94 -55.50 32.87
N MET D 21 27.32 -55.04 31.80
CA MET D 21 27.07 -55.92 30.66
C MET D 21 28.35 -56.22 29.88
N GLY D 22 29.41 -55.45 30.12
CA GLY D 22 30.68 -55.69 29.46
C GLY D 22 30.73 -55.17 28.03
N LEU D 23 30.60 -53.85 27.87
CA LEU D 23 30.65 -53.20 26.57
C LEU D 23 31.72 -52.11 26.60
N GLU D 24 31.77 -51.32 25.52
CA GLU D 24 32.70 -50.21 25.45
C GLU D 24 32.37 -49.17 26.49
N ASN D 25 33.38 -48.36 26.85
CA ASN D 25 33.23 -47.33 27.86
C ASN D 25 32.06 -46.40 27.54
N LEU D 26 31.07 -46.37 28.42
CA LEU D 26 29.86 -45.61 28.22
C LEU D 26 29.90 -44.23 28.87
N ALA D 27 30.96 -43.91 29.61
CA ALA D 27 31.06 -42.58 30.23
C ALA D 27 31.16 -41.50 29.16
N ARG D 28 31.97 -41.72 28.13
CA ARG D 28 32.07 -40.80 27.00
C ARG D 28 31.12 -41.21 25.88
N MET D 29 29.84 -41.40 26.20
CA MET D 29 28.86 -41.82 25.23
C MET D 29 27.52 -41.14 25.54
N ARG D 30 26.72 -40.95 24.50
CA ARG D 30 25.40 -40.36 24.67
C ARG D 30 24.44 -41.37 25.31
N LYS D 31 23.44 -40.85 26.00
CA LYS D 31 22.46 -41.71 26.67
C LYS D 31 21.70 -42.56 25.65
N GLN D 32 21.36 -41.98 24.50
CA GLN D 32 20.68 -42.75 23.47
C GLN D 32 21.55 -43.87 22.94
N ASP D 33 22.85 -43.58 22.73
CA ASP D 33 23.76 -44.63 22.29
C ASP D 33 23.93 -45.71 23.36
N ILE D 34 23.93 -45.31 24.64
CA ILE D 34 24.00 -46.28 25.73
C ILE D 34 22.78 -47.20 25.70
N ILE D 35 21.59 -46.63 25.54
CA ILE D 35 20.37 -47.42 25.48
C ILE D 35 20.40 -48.35 24.27
N PHE D 36 20.91 -47.85 23.14
CA PHE D 36 20.99 -48.66 21.93
C PHE D 36 21.92 -49.85 22.13
N ALA D 37 23.08 -49.61 22.74
CA ALA D 37 24.02 -50.69 23.00
C ALA D 37 23.46 -51.69 23.99
N ILE D 38 22.76 -51.21 25.01
CA ILE D 38 22.15 -52.11 25.99
C ILE D 38 21.09 -52.99 25.32
N LEU D 39 20.28 -52.39 24.45
CA LEU D 39 19.27 -53.16 23.72
C LEU D 39 19.91 -54.19 22.82
N LYS D 40 20.99 -53.82 22.13
CA LYS D 40 21.71 -54.78 21.29
C LYS D 40 22.23 -55.95 22.11
N GLN D 41 22.90 -55.64 23.23
CA GLN D 41 23.47 -56.69 24.06
C GLN D 41 22.38 -57.58 24.67
N HIS D 42 21.23 -57.00 24.99
CA HIS D 42 20.16 -57.81 25.57
C HIS D 42 19.47 -58.66 24.51
N ALA D 43 19.41 -58.19 23.27
CA ALA D 43 18.83 -58.99 22.19
C ALA D 43 19.79 -60.06 21.68
N LYS D 44 21.10 -59.87 21.88
CA LYS D 44 22.05 -60.92 21.52
C LYS D 44 21.85 -62.17 22.37
N SER D 45 21.29 -62.02 23.57
CA SER D 45 21.01 -63.16 24.43
C SER D 45 19.76 -63.91 24.05
N GLY D 46 18.94 -63.36 23.14
CA GLY D 46 17.73 -64.00 22.69
C GLY D 46 16.44 -63.44 23.25
N GLU D 47 16.52 -62.50 24.20
CA GLU D 47 15.31 -61.95 24.79
C GLU D 47 14.64 -60.97 23.81
N ASP D 48 13.36 -60.70 24.09
CA ASP D 48 12.58 -59.82 23.23
C ASP D 48 12.66 -58.38 23.73
N ILE D 49 12.48 -57.44 22.80
CA ILE D 49 12.48 -56.02 23.10
C ILE D 49 11.16 -55.42 22.64
N PHE D 50 10.61 -54.53 23.46
CA PHE D 50 9.33 -53.89 23.18
C PHE D 50 9.51 -52.38 23.14
N GLY D 51 8.67 -51.74 22.32
CA GLY D 51 8.71 -50.29 22.17
C GLY D 51 7.34 -49.76 21.87
N ASP D 52 7.25 -48.43 21.77
CA ASP D 52 5.98 -47.76 21.51
C ASP D 52 6.28 -46.37 20.96
N GLY D 53 5.23 -45.72 20.46
CA GLY D 53 5.36 -44.39 19.92
C GLY D 53 4.23 -44.07 18.97
N VAL D 54 4.20 -42.81 18.56
CA VAL D 54 3.17 -42.32 17.64
C VAL D 54 3.68 -42.50 16.22
N LEU D 55 2.81 -43.03 15.35
CA LEU D 55 3.20 -43.32 13.98
C LEU D 55 3.19 -42.06 13.12
N GLU D 56 4.22 -41.92 12.29
CA GLU D 56 4.37 -40.79 11.35
C GLU D 56 4.65 -41.39 9.97
N ILE D 57 3.59 -41.59 9.19
CA ILE D 57 3.75 -42.17 7.87
C ILE D 57 4.38 -41.15 6.93
N LEU D 58 5.46 -41.55 6.28
CA LEU D 58 6.15 -40.68 5.33
C LEU D 58 5.43 -40.68 3.99
N GLN D 59 5.90 -39.81 3.09
CA GLN D 59 5.28 -39.70 1.77
C GLN D 59 5.58 -40.92 0.90
N ASP D 60 6.72 -41.56 1.11
CA ASP D 60 7.08 -42.72 0.29
C ASP D 60 6.20 -43.92 0.61
N GLY D 61 5.85 -44.12 1.88
CA GLY D 61 5.01 -45.22 2.26
C GLY D 61 5.37 -45.86 3.58
N PHE D 62 6.61 -45.63 4.04
CA PHE D 62 7.07 -46.16 5.31
C PHE D 62 6.79 -45.13 6.42
N GLY D 63 7.27 -45.40 7.62
CA GLY D 63 7.04 -44.49 8.73
C GLY D 63 7.89 -44.85 9.92
N PHE D 64 7.82 -44.00 10.94
CA PHE D 64 8.56 -44.17 12.18
C PHE D 64 7.62 -43.96 13.36
N LEU D 65 8.11 -44.34 14.54
CA LEU D 65 7.37 -44.19 15.79
C LEU D 65 8.08 -43.11 16.61
N ARG D 66 7.57 -41.88 16.50
CA ARG D 66 8.15 -40.77 17.24
C ARG D 66 7.90 -40.91 18.73
N SER D 67 8.70 -40.22 19.53
CA SER D 67 8.60 -40.22 20.98
C SER D 67 8.08 -38.87 21.47
N ALA D 68 7.34 -38.90 22.58
CA ALA D 68 6.74 -37.69 23.10
C ALA D 68 7.71 -36.85 23.92
N ASP D 69 8.73 -37.47 24.51
CA ASP D 69 9.68 -36.74 25.32
C ASP D 69 10.61 -35.86 24.48
N SER D 70 10.69 -36.11 23.18
CA SER D 70 11.54 -35.33 22.29
C SER D 70 10.74 -34.42 21.38
N SER D 71 9.47 -34.18 21.71
CA SER D 71 8.58 -33.32 20.92
C SER D 71 8.46 -33.80 19.47
N TYR D 72 8.41 -35.12 19.31
CA TYR D 72 8.24 -35.77 18.00
C TYR D 72 9.35 -35.36 17.04
N LEU D 73 10.58 -35.34 17.55
CA LEU D 73 11.74 -35.02 16.74
C LEU D 73 12.38 -36.29 16.21
N ALA D 74 12.96 -36.18 15.01
CA ALA D 74 13.59 -37.33 14.36
C ALA D 74 14.77 -37.83 15.19
N GLY D 75 14.65 -39.03 15.76
CA GLY D 75 15.68 -39.59 16.59
C GLY D 75 16.25 -40.87 16.00
N PRO D 76 17.46 -41.24 16.43
CA PRO D 76 18.05 -42.49 15.94
C PRO D 76 17.35 -43.73 16.44
N ASP D 77 16.62 -43.64 17.55
CA ASP D 77 15.94 -44.78 18.15
C ASP D 77 14.50 -44.92 17.66
N ASP D 78 14.18 -44.35 16.51
CA ASP D 78 12.84 -44.50 15.96
C ASP D 78 12.64 -45.89 15.40
N ILE D 79 11.44 -46.43 15.59
CA ILE D 79 11.11 -47.79 15.15
C ILE D 79 10.59 -47.71 13.71
N TYR D 80 11.26 -48.41 12.81
CA TYR D 80 10.83 -48.43 11.42
C TYR D 80 9.57 -49.27 11.27
N VAL D 81 8.62 -48.77 10.49
CA VAL D 81 7.35 -49.45 10.22
C VAL D 81 7.27 -49.67 8.72
N SER D 82 7.30 -50.94 8.31
CA SER D 82 7.25 -51.28 6.90
C SER D 82 5.88 -50.92 6.32
N PRO D 83 5.81 -50.56 5.04
CA PRO D 83 4.50 -50.26 4.43
C PRO D 83 3.61 -51.49 4.31
N SER D 84 4.20 -52.68 4.32
CA SER D 84 3.40 -53.90 4.25
C SER D 84 2.48 -54.03 5.46
N GLN D 85 3.03 -53.79 6.66
CA GLN D 85 2.20 -53.84 7.87
C GLN D 85 1.19 -52.70 7.87
N ILE D 86 1.56 -51.55 7.34
CA ILE D 86 0.63 -50.42 7.26
C ILE D 86 -0.57 -50.78 6.39
N ARG D 87 -0.30 -51.46 5.27
CA ARG D 87 -1.32 -51.90 4.29
C ARG D 87 -2.12 -53.08 4.88
N ARG D 88 -1.53 -53.85 5.79
CA ARG D 88 -2.17 -55.04 6.40
C ARG D 88 -3.10 -54.65 7.56
N PHE D 89 -2.75 -53.59 8.30
CA PHE D 89 -3.54 -53.16 9.44
C PHE D 89 -4.21 -51.81 9.22
N ASN D 90 -4.09 -51.22 8.04
CA ASN D 90 -4.70 -49.92 7.72
C ASN D 90 -4.28 -48.85 8.72
N LEU D 91 -2.97 -48.76 8.94
CA LEU D 91 -2.44 -47.78 9.86
C LEU D 91 -2.37 -46.39 9.22
N ARG D 92 -2.55 -45.36 10.04
CA ARG D 92 -2.48 -43.98 9.58
C ARG D 92 -1.66 -43.17 10.56
N THR D 93 -1.32 -41.95 10.16
CA THR D 93 -0.53 -41.07 10.99
C THR D 93 -1.29 -40.71 12.26
N GLY D 94 -0.70 -41.02 13.41
CA GLY D 94 -1.30 -40.75 14.71
C GLY D 94 -1.67 -41.99 15.50
N ASP D 95 -1.71 -43.16 14.86
CA ASP D 95 -2.07 -44.39 15.56
C ASP D 95 -0.95 -44.79 16.52
N THR D 96 -1.29 -44.93 17.79
CA THR D 96 -0.32 -45.38 18.79
C THR D 96 -0.10 -46.89 18.63
N ILE D 97 1.14 -47.27 18.37
CA ILE D 97 1.50 -48.67 18.14
C ILE D 97 2.49 -49.12 19.21
N SER D 98 2.21 -50.27 19.81
CA SER D 98 3.07 -50.85 20.84
C SER D 98 3.23 -52.33 20.53
N GLY D 99 4.45 -52.74 20.18
CA GLY D 99 4.71 -54.13 19.85
C GLY D 99 6.18 -54.46 19.99
N LYS D 100 6.48 -55.73 19.72
CA LYS D 100 7.85 -56.20 19.81
C LYS D 100 8.72 -55.58 18.72
N ILE D 101 9.94 -55.23 19.09
CA ILE D 101 10.90 -54.64 18.16
C ILE D 101 12.21 -55.42 18.23
N ARG D 102 13.06 -55.20 17.24
CA ARG D 102 14.35 -55.86 17.15
C ARG D 102 15.40 -54.83 16.74
N PRO D 103 16.64 -54.99 17.21
CA PRO D 103 17.71 -54.07 16.82
C PRO D 103 18.00 -54.18 15.34
N PRO D 104 18.55 -53.13 14.72
CA PRO D 104 18.83 -53.19 13.29
C PRO D 104 19.99 -54.13 12.99
N LYS D 105 19.84 -54.91 11.92
CA LYS D 105 20.87 -55.83 11.49
C LYS D 105 21.94 -55.09 10.70
N GLU D 106 22.83 -55.84 10.04
CA GLU D 106 23.88 -55.24 9.23
C GLU D 106 23.25 -54.57 8.01
N GLY D 107 23.48 -53.27 7.86
CA GLY D 107 22.90 -52.51 6.78
C GLY D 107 21.63 -51.77 7.12
N GLU D 108 21.18 -51.85 8.37
CA GLU D 108 19.97 -51.15 8.83
C GLU D 108 20.36 -50.12 9.89
N ARG D 109 19.48 -49.13 10.07
CA ARG D 109 19.73 -48.04 10.98
C ARG D 109 18.64 -47.82 12.02
N TYR D 110 17.53 -48.55 11.93
CA TYR D 110 16.40 -48.33 12.84
C TYR D 110 15.79 -49.67 13.22
N PHE D 111 15.10 -49.67 14.36
CA PHE D 111 14.45 -50.88 14.84
C PHE D 111 13.27 -51.25 13.94
N ALA D 112 13.06 -52.55 13.76
CA ALA D 112 11.98 -53.07 12.94
C ALA D 112 10.84 -53.58 13.83
N LEU D 113 9.62 -53.55 13.29
CA LEU D 113 8.44 -53.99 14.00
C LEU D 113 8.04 -55.38 13.50
N LEU D 114 7.97 -56.34 14.41
CA LEU D 114 7.59 -57.71 14.05
C LEU D 114 6.11 -57.97 14.25
N LYS D 115 5.60 -57.76 15.46
CA LYS D 115 4.21 -58.02 15.78
C LYS D 115 3.66 -56.88 16.64
N VAL D 116 2.51 -56.34 16.24
CA VAL D 116 1.86 -55.25 16.95
C VAL D 116 0.95 -55.86 18.02
N ASN D 117 1.08 -55.37 19.25
CA ASN D 117 0.32 -55.92 20.38
C ASN D 117 -0.89 -55.07 20.73
N GLU D 118 -0.74 -53.74 20.71
CA GLU D 118 -1.82 -52.84 21.12
C GLU D 118 -1.85 -51.63 20.19
N VAL D 119 -3.05 -51.28 19.74
CA VAL D 119 -3.25 -50.15 18.83
C VAL D 119 -4.14 -49.13 19.53
N ASN D 120 -3.63 -47.90 19.65
CA ASN D 120 -4.36 -46.79 20.27
C ASN D 120 -4.83 -47.15 21.68
N PHE D 121 -3.96 -47.84 22.41
CA PHE D 121 -4.25 -48.27 23.77
C PHE D 121 -5.51 -49.13 23.83
N ASP D 122 -5.69 -49.97 22.80
CA ASP D 122 -6.86 -50.82 22.70
C ASP D 122 -6.52 -52.01 21.81
N LYS D 123 -7.44 -52.96 21.76
CA LYS D 123 -7.22 -54.15 20.94
C LYS D 123 -7.30 -53.79 19.45
N PRO D 124 -6.49 -54.45 18.62
CA PRO D 124 -6.59 -54.18 17.17
C PRO D 124 -7.93 -54.57 16.57
N GLU D 125 -8.65 -55.49 17.19
CA GLU D 125 -9.97 -55.88 16.69
C GLU D 125 -10.98 -54.75 16.86
N ASN D 126 -10.75 -53.85 17.80
CA ASN D 126 -11.62 -52.68 17.96
C ASN D 126 -11.17 -51.51 17.10
N ALA D 127 -9.92 -51.50 16.66
CA ALA D 127 -9.40 -50.42 15.83
C ALA D 127 -9.59 -50.69 14.35
N ARG D 128 -9.66 -51.97 13.96
CA ARG D 128 -9.87 -52.30 12.54
C ARG D 128 -11.23 -51.81 12.06
N ASN D 129 -12.23 -51.80 12.94
CA ASN D 129 -13.57 -51.32 12.62
C ASN D 129 -13.81 -50.03 13.39
N LYS D 130 -13.74 -48.90 12.69
CA LYS D 130 -13.90 -47.61 13.33
C LYS D 130 -14.39 -46.60 12.30
N ILE D 131 -15.01 -45.53 12.80
CA ILE D 131 -15.53 -44.45 11.97
C ILE D 131 -14.51 -43.33 11.92
N LEU D 132 -14.24 -42.82 10.72
CA LEU D 132 -13.26 -41.76 10.56
C LEU D 132 -13.72 -40.48 11.23
N PHE D 133 -12.75 -39.61 11.54
CA PHE D 133 -13.08 -38.34 12.20
C PHE D 133 -13.84 -37.40 11.27
N GLU D 134 -13.63 -37.51 9.96
CA GLU D 134 -14.30 -36.64 9.00
C GLU D 134 -15.77 -36.98 8.84
N ASN D 135 -16.23 -38.11 9.37
CA ASN D 135 -17.62 -38.53 9.25
C ASN D 135 -18.43 -38.32 10.52
N LEU D 136 -17.79 -37.95 11.62
CA LEU D 136 -18.50 -37.75 12.87
C LEU D 136 -19.37 -36.50 12.79
N THR D 137 -20.57 -36.59 13.35
CA THR D 137 -21.52 -35.47 13.30
C THR D 137 -21.15 -34.43 14.34
N PRO D 138 -20.84 -33.19 13.94
CA PRO D 138 -20.51 -32.15 14.92
C PRO D 138 -21.73 -31.72 15.71
N LEU D 139 -21.46 -31.13 16.87
CA LEU D 139 -22.52 -30.61 17.74
C LEU D 139 -21.94 -29.47 18.56
N HIS D 140 -22.83 -28.74 19.23
CA HIS D 140 -22.43 -27.66 20.10
C HIS D 140 -21.96 -28.21 21.45
N ALA D 141 -21.34 -27.33 22.25
CA ALA D 141 -20.88 -27.73 23.57
C ALA D 141 -22.07 -28.07 24.47
N ASN D 142 -22.12 -29.33 24.90
CA ASN D 142 -23.20 -29.82 25.76
C ASN D 142 -22.74 -29.99 27.20
N SER D 143 -21.66 -30.72 27.42
CA SER D 143 -21.15 -30.93 28.77
C SER D 143 -20.44 -29.69 29.28
N ARG D 144 -20.65 -29.38 30.55
CA ARG D 144 -20.05 -28.19 31.17
C ARG D 144 -18.71 -28.56 31.78
N LEU D 145 -17.66 -27.87 31.33
CA LEU D 145 -16.32 -28.03 31.90
C LEU D 145 -16.05 -26.86 32.84
N ARG D 146 -16.50 -26.99 34.08
CA ARG D 146 -16.35 -25.94 35.06
C ARG D 146 -14.89 -25.78 35.44
N MET D 147 -14.42 -24.53 35.47
CA MET D 147 -13.03 -24.20 35.75
C MET D 147 -12.80 -23.75 37.19
N GLU D 148 -13.87 -23.58 37.98
CA GLU D 148 -13.73 -23.11 39.34
C GLU D 148 -13.10 -24.20 40.22
N ARG D 149 -12.08 -23.82 40.99
CA ARG D 149 -11.43 -24.76 41.88
C ARG D 149 -12.37 -25.20 43.00
N GLY D 150 -12.87 -24.23 43.77
CA GLY D 150 -13.73 -24.51 44.90
C GLY D 150 -13.01 -24.64 46.23
N ASN D 151 -11.68 -24.57 46.24
CA ASN D 151 -10.91 -24.67 47.47
C ASN D 151 -10.75 -23.34 48.19
N GLY D 152 -11.31 -22.26 47.65
CA GLY D 152 -11.21 -20.96 48.29
C GLY D 152 -9.84 -20.34 48.23
N SER D 153 -9.01 -20.74 47.26
CA SER D 153 -7.67 -20.18 47.13
C SER D 153 -7.72 -18.80 46.49
N THR D 154 -6.67 -18.01 46.72
CA THR D 154 -6.61 -16.68 46.16
C THR D 154 -6.43 -16.72 44.64
N GLU D 155 -5.84 -17.79 44.11
CA GLU D 155 -5.66 -17.91 42.66
C GLU D 155 -6.96 -18.32 41.97
N ASP D 156 -7.96 -18.77 42.72
CA ASP D 156 -9.24 -19.16 42.14
C ASP D 156 -10.03 -17.97 41.59
N LEU D 157 -9.61 -16.74 41.89
CA LEU D 157 -10.30 -15.57 41.39
C LEU D 157 -10.28 -15.52 39.87
N THR D 158 -9.15 -15.89 39.27
CA THR D 158 -9.04 -15.91 37.82
C THR D 158 -10.03 -16.91 37.21
N ALA D 159 -10.11 -18.11 37.79
CA ALA D 159 -11.05 -19.11 37.28
C ALA D 159 -12.48 -18.66 37.47
N ARG D 160 -12.79 -18.00 38.60
CA ARG D 160 -14.14 -17.51 38.83
C ARG D 160 -14.52 -16.44 37.81
N VAL D 161 -13.59 -15.51 37.52
CA VAL D 161 -13.85 -14.47 36.53
C VAL D 161 -14.01 -15.09 35.14
N LEU D 162 -13.22 -16.12 34.84
CA LEU D 162 -13.34 -16.79 33.55
C LEU D 162 -14.70 -17.49 33.42
N ASP D 163 -15.16 -18.13 34.50
CA ASP D 163 -16.47 -18.77 34.47
C ASP D 163 -17.59 -17.75 34.35
N LEU D 164 -17.46 -16.60 35.01
CA LEU D 164 -18.49 -15.57 34.91
C LEU D 164 -18.47 -14.88 33.55
N ALA D 165 -17.32 -14.89 32.87
CA ALA D 165 -17.22 -14.20 31.59
C ALA D 165 -17.51 -15.12 30.41
N SER D 166 -16.91 -16.31 30.40
CA SER D 166 -17.04 -17.23 29.28
C SER D 166 -16.88 -18.66 29.77
N PRO D 167 -17.98 -19.33 30.10
CA PRO D 167 -17.88 -20.75 30.47
C PRO D 167 -17.42 -21.59 29.29
N ILE D 168 -16.65 -22.63 29.58
CA ILE D 168 -16.04 -23.48 28.57
C ILE D 168 -16.63 -24.88 28.70
N GLY D 169 -17.02 -25.46 27.56
CA GLY D 169 -17.55 -26.80 27.52
C GLY D 169 -16.72 -27.69 26.59
N ARG D 170 -17.13 -28.95 26.50
CA ARG D 170 -16.44 -29.90 25.66
C ARG D 170 -16.69 -29.58 24.18
N GLY D 171 -15.62 -29.59 23.40
CA GLY D 171 -15.71 -29.26 21.99
C GLY D 171 -15.69 -27.79 21.66
N GLN D 172 -15.39 -26.94 22.64
CA GLN D 172 -15.38 -25.50 22.41
C GLN D 172 -14.18 -25.10 21.55
N ARG D 173 -14.37 -24.07 20.73
CA ARG D 173 -13.35 -23.54 19.83
C ARG D 173 -13.27 -22.04 20.06
N GLY D 174 -12.44 -21.64 21.03
CA GLY D 174 -12.33 -20.25 21.44
C GLY D 174 -11.01 -19.61 21.04
N LEU D 175 -10.87 -18.35 21.44
CA LEU D 175 -9.69 -17.55 21.15
C LEU D 175 -9.39 -16.66 22.35
N ILE D 176 -8.11 -16.57 22.72
CA ILE D 176 -7.66 -15.71 23.79
C ILE D 176 -6.91 -14.55 23.13
N VAL D 177 -7.63 -13.48 22.87
CA VAL D 177 -7.06 -12.29 22.23
C VAL D 177 -6.47 -11.39 23.31
N ALA D 178 -5.20 -11.04 23.16
CA ALA D 178 -4.51 -10.23 24.15
C ALA D 178 -3.26 -9.64 23.54
N PRO D 179 -2.99 -8.36 23.77
CA PRO D 179 -1.72 -7.77 23.33
C PRO D 179 -0.56 -8.34 24.12
N PRO D 180 0.67 -8.16 23.67
CA PRO D 180 1.82 -8.67 24.43
C PRO D 180 1.97 -7.97 25.76
N LYS D 181 2.67 -8.65 26.67
CA LYS D 181 2.90 -8.16 28.04
C LYS D 181 1.59 -7.91 28.78
N ALA D 182 0.63 -8.83 28.63
CA ALA D 182 -0.65 -8.70 29.30
C ALA D 182 -0.85 -9.71 30.42
N GLY D 183 -0.18 -10.86 30.37
CA GLY D 183 -0.36 -11.88 31.37
C GLY D 183 -0.88 -13.17 30.81
N LYS D 184 -0.59 -13.43 29.53
CA LYS D 184 -1.09 -14.64 28.88
C LYS D 184 -0.47 -15.90 29.50
N THR D 185 0.79 -15.80 29.94
CA THR D 185 1.46 -16.95 30.50
C THR D 185 0.80 -17.41 31.80
N MET D 186 0.60 -16.48 32.73
CA MET D 186 -0.03 -16.83 34.00
C MET D 186 -1.47 -17.31 33.79
N LEU D 187 -2.19 -16.69 32.85
CA LEU D 187 -3.56 -17.10 32.58
C LEU D 187 -3.60 -18.53 32.02
N LEU D 188 -2.68 -18.84 31.10
CA LEU D 188 -2.64 -20.19 30.55
C LEU D 188 -2.24 -21.21 31.61
N GLN D 189 -1.30 -20.83 32.48
CA GLN D 189 -0.92 -21.73 33.58
C GLN D 189 -2.09 -22.00 34.49
N ASN D 190 -2.85 -20.96 34.84
CA ASN D 190 -4.02 -21.14 35.71
C ASN D 190 -5.08 -22.00 35.04
N ILE D 191 -5.29 -21.79 33.73
CA ILE D 191 -6.27 -22.61 33.01
C ILE D 191 -5.85 -24.07 33.00
N ALA D 192 -4.57 -24.33 32.74
CA ALA D 192 -4.09 -25.70 32.70
C ALA D 192 -4.19 -26.36 34.07
N GLN D 193 -3.84 -25.63 35.13
CA GLN D 193 -3.94 -26.19 36.47
C GLN D 193 -5.38 -26.47 36.85
N SER D 194 -6.29 -25.57 36.51
CA SER D 194 -7.70 -25.79 36.81
C SER D 194 -8.26 -26.98 36.02
N ILE D 195 -7.82 -27.15 34.78
CA ILE D 195 -8.27 -28.30 34.00
C ILE D 195 -7.73 -29.59 34.61
N ALA D 196 -6.46 -29.60 35.01
CA ALA D 196 -5.88 -30.81 35.58
C ALA D 196 -6.48 -31.13 36.96
N TYR D 197 -6.94 -30.11 37.69
CA TYR D 197 -7.50 -30.34 39.01
C TYR D 197 -8.97 -30.74 38.95
N ASN D 198 -9.79 -30.03 38.17
CA ASN D 198 -11.22 -30.30 38.12
C ASN D 198 -11.55 -31.51 37.26
N HIS D 199 -10.91 -31.63 36.10
CA HIS D 199 -11.19 -32.70 35.15
C HIS D 199 -9.90 -33.46 34.83
N PRO D 200 -9.45 -34.33 35.74
CA PRO D 200 -8.23 -35.09 35.48
C PRO D 200 -8.39 -36.19 34.46
N ASP D 201 -9.63 -36.55 34.09
CA ASP D 201 -9.84 -37.63 33.13
C ASP D 201 -9.59 -37.20 31.70
N CYS D 202 -9.66 -35.91 31.40
CA CYS D 202 -9.45 -35.43 30.05
C CYS D 202 -7.96 -35.43 29.68
N VAL D 203 -7.68 -35.65 28.41
CA VAL D 203 -6.31 -35.68 27.91
C VAL D 203 -5.90 -34.24 27.59
N LEU D 204 -5.00 -33.69 28.41
CA LEU D 204 -4.53 -32.31 28.25
C LEU D 204 -3.24 -32.30 27.44
N MET D 205 -3.21 -31.47 26.40
CA MET D 205 -2.04 -31.33 25.53
C MET D 205 -1.78 -29.83 25.33
N VAL D 206 -0.59 -29.39 25.72
CA VAL D 206 -0.20 -27.99 25.62
C VAL D 206 0.82 -27.87 24.49
N LEU D 207 0.48 -27.10 23.47
CA LEU D 207 1.34 -26.88 22.31
C LEU D 207 1.93 -25.48 22.38
N LEU D 208 3.26 -25.40 22.40
CA LEU D 208 3.98 -24.13 22.46
C LEU D 208 4.96 -24.08 21.29
N ILE D 209 4.60 -23.35 20.24
CA ILE D 209 5.40 -23.25 19.03
C ILE D 209 6.10 -21.89 19.02
N ASP D 210 7.40 -21.91 18.74
CA ASP D 210 8.21 -20.69 18.59
C ASP D 210 8.20 -19.86 19.88
N GLU D 211 8.55 -20.52 20.99
CA GLU D 211 8.52 -19.84 22.30
C GLU D 211 9.92 -19.88 22.93
N ARG D 212 10.11 -19.12 24.01
CA ARG D 212 11.43 -19.07 24.69
C ARG D 212 11.61 -20.35 25.51
N PRO D 213 12.69 -21.14 25.29
CA PRO D 213 12.86 -22.43 25.97
C PRO D 213 12.63 -22.35 27.48
N GLU D 214 13.27 -21.42 28.20
CA GLU D 214 12.95 -21.27 29.61
C GLU D 214 11.46 -21.41 29.88
N GLU D 215 10.62 -20.76 29.07
CA GLU D 215 9.18 -20.92 29.23
C GLU D 215 8.73 -22.35 28.94
N VAL D 216 9.39 -23.03 28.00
CA VAL D 216 9.06 -24.41 27.69
C VAL D 216 9.32 -25.31 28.90
N THR D 217 10.52 -25.21 29.47
CA THR D 217 10.87 -26.06 30.60
C THR D 217 10.11 -25.65 31.86
N GLU D 218 9.64 -24.40 31.90
CA GLU D 218 8.77 -23.99 33.01
C GLU D 218 7.40 -24.65 32.89
N MET D 219 6.79 -24.56 31.71
CA MET D 219 5.47 -25.17 31.50
C MET D 219 5.53 -26.68 31.66
N GLN D 220 6.64 -27.30 31.25
CA GLN D 220 6.77 -28.75 31.34
C GLN D 220 6.82 -29.22 32.80
N ARG D 221 7.38 -28.42 33.69
CA ARG D 221 7.52 -28.77 35.09
C ARG D 221 6.43 -28.15 35.97
N LEU D 222 5.40 -27.58 35.37
CA LEU D 222 4.34 -26.91 36.12
C LEU D 222 2.97 -27.57 35.94
N VAL D 223 2.61 -27.93 34.72
CA VAL D 223 1.29 -28.50 34.45
C VAL D 223 1.36 -30.01 34.60
N LYS D 224 0.22 -30.62 34.93
CA LYS D 224 0.11 -32.07 35.09
C LYS D 224 -0.48 -32.67 33.81
N GLY D 225 0.38 -32.78 32.80
CA GLY D 225 -0.04 -33.33 31.54
C GLY D 225 1.10 -33.43 30.55
N GLU D 226 0.74 -33.58 29.29
CA GLU D 226 1.71 -33.70 28.21
C GLU D 226 2.03 -32.32 27.65
N VAL D 227 3.31 -32.07 27.40
CA VAL D 227 3.79 -30.79 26.88
C VAL D 227 4.64 -31.07 25.65
N VAL D 228 4.12 -30.68 24.48
CA VAL D 228 4.86 -30.77 23.22
C VAL D 228 5.13 -29.35 22.73
N ALA D 229 6.40 -28.98 22.68
CA ALA D 229 6.79 -27.63 22.33
C ALA D 229 7.90 -27.63 21.29
N SER D 230 8.10 -26.48 20.67
CA SER D 230 9.14 -26.31 19.64
C SER D 230 9.65 -24.87 19.75
N THR D 231 10.87 -24.73 20.27
CA THR D 231 11.45 -23.40 20.48
C THR D 231 11.72 -22.71 19.15
N PHE D 232 12.03 -21.41 19.24
CA PHE D 232 12.30 -20.61 18.05
C PHE D 232 13.59 -21.02 17.34
N ASP D 233 14.48 -21.77 18.00
CA ASP D 233 15.70 -22.21 17.37
C ASP D 233 15.46 -23.25 16.27
N GLU D 234 14.24 -23.74 16.13
CA GLU D 234 13.91 -24.72 15.11
C GLU D 234 13.23 -24.04 13.92
N PRO D 235 13.43 -24.56 12.72
CA PRO D 235 12.78 -23.96 11.54
C PRO D 235 11.27 -24.17 11.56
N ALA D 236 10.60 -23.46 10.66
CA ALA D 236 9.14 -23.54 10.57
C ALA D 236 8.69 -24.93 10.11
N SER D 237 9.57 -25.66 9.43
CA SER D 237 9.21 -27.02 9.00
C SER D 237 8.93 -27.91 10.20
N ARG D 238 9.77 -27.83 11.24
CA ARG D 238 9.51 -28.62 12.44
C ARG D 238 8.23 -28.16 13.14
N HIS D 239 7.94 -26.86 13.09
CA HIS D 239 6.69 -26.37 13.65
C HIS D 239 5.49 -26.99 12.95
N VAL D 240 5.51 -27.00 11.62
CA VAL D 240 4.42 -27.60 10.85
C VAL D 240 4.31 -29.09 11.14
N GLN D 241 5.45 -29.77 11.23
CA GLN D 241 5.44 -31.21 11.50
C GLN D 241 4.84 -31.51 12.88
N VAL D 242 5.24 -30.72 13.88
CA VAL D 242 4.72 -30.92 15.23
C VAL D 242 3.23 -30.65 15.28
N ALA D 243 2.77 -29.58 14.62
CA ALA D 243 1.34 -29.28 14.59
C ALA D 243 0.56 -30.40 13.92
N GLU D 244 1.07 -30.92 12.81
CA GLU D 244 0.39 -32.01 12.12
C GLU D 244 0.34 -33.27 12.98
N MET D 245 1.45 -33.62 13.63
CA MET D 245 1.46 -34.79 14.49
C MET D 245 0.49 -34.64 15.65
N VAL D 246 0.45 -33.46 16.26
CA VAL D 246 -0.44 -33.24 17.40
C VAL D 246 -1.90 -33.33 16.96
N ILE D 247 -2.25 -32.70 15.84
CA ILE D 247 -3.65 -32.73 15.42
C ILE D 247 -4.05 -34.13 14.97
N GLU D 248 -3.12 -34.89 14.36
CA GLU D 248 -3.44 -36.24 13.96
C GLU D 248 -3.64 -37.14 15.18
N LYS D 249 -2.79 -36.99 16.19
CA LYS D 249 -2.97 -37.76 17.42
C LYS D 249 -4.28 -37.39 18.10
N ALA D 250 -4.64 -36.10 18.09
CA ALA D 250 -5.91 -35.68 18.69
C ALA D 250 -7.08 -36.30 17.94
N LYS D 251 -7.02 -36.31 16.61
CA LYS D 251 -8.10 -36.93 15.83
C LYS D 251 -8.20 -38.42 16.11
N ARG D 252 -7.05 -39.11 16.18
CA ARG D 252 -7.08 -40.54 16.45
C ARG D 252 -7.61 -40.84 17.84
N LEU D 253 -7.33 -39.97 18.81
CA LEU D 253 -7.88 -40.16 20.14
C LEU D 253 -9.38 -39.91 20.18
N VAL D 254 -9.83 -38.85 19.49
CA VAL D 254 -11.27 -38.56 19.45
C VAL D 254 -12.03 -39.69 18.76
N GLU D 255 -11.39 -40.32 17.76
CA GLU D 255 -12.03 -41.45 17.09
C GLU D 255 -12.31 -42.61 18.03
N HIS D 256 -11.59 -42.70 19.15
CA HIS D 256 -11.84 -43.70 20.17
C HIS D 256 -12.64 -43.17 21.34
N LYS D 257 -13.45 -42.12 21.11
CA LYS D 257 -14.32 -41.53 22.13
C LYS D 257 -13.53 -41.04 23.33
N LYS D 258 -12.50 -40.25 23.06
CA LYS D 258 -11.69 -39.63 24.11
C LYS D 258 -11.88 -38.11 24.10
N ASP D 259 -11.72 -37.51 25.28
CA ASP D 259 -11.86 -36.07 25.46
C ASP D 259 -10.48 -35.44 25.40
N VAL D 260 -10.15 -34.84 24.25
CA VAL D 260 -8.86 -34.21 24.03
C VAL D 260 -9.00 -32.71 24.24
N ILE D 261 -8.02 -32.12 24.92
CA ILE D 261 -7.97 -30.69 25.18
C ILE D 261 -6.62 -30.17 24.71
N ILE D 262 -6.64 -29.21 23.78
CA ILE D 262 -5.42 -28.64 23.21
C ILE D 262 -5.38 -27.16 23.58
N LEU D 263 -4.36 -26.77 24.33
CA LEU D 263 -4.16 -25.38 24.74
C LEU D 263 -3.06 -24.78 23.86
N LEU D 264 -3.48 -24.19 22.76
CA LEU D 264 -2.53 -23.58 21.82
C LEU D 264 -2.20 -22.17 22.27
N ASP D 265 -0.93 -21.79 22.17
CA ASP D 265 -0.46 -20.47 22.56
C ASP D 265 0.27 -19.77 21.43
N SER D 266 0.20 -20.30 20.21
CA SER D 266 0.99 -19.77 19.11
C SER D 266 0.26 -19.81 17.77
N ILE D 267 -1.06 -19.62 17.76
CA ILE D 267 -1.83 -19.64 16.51
C ILE D 267 -1.25 -18.63 15.53
N THR D 268 -0.85 -17.45 16.02
CA THR D 268 -0.21 -16.46 15.18
C THR D 268 1.15 -16.96 14.67
N ARG D 269 1.94 -17.55 15.58
CA ARG D 269 3.22 -18.11 15.18
C ARG D 269 3.05 -19.27 14.22
N LEU D 270 2.01 -20.07 14.42
CA LEU D 270 1.74 -21.18 13.50
C LEU D 270 1.36 -20.66 12.12
N ALA D 271 0.55 -19.60 12.06
CA ALA D 271 0.20 -18.99 10.79
C ALA D 271 1.43 -18.39 10.11
N ARG D 272 2.31 -17.78 10.89
CA ARG D 272 3.56 -17.26 10.31
C ARG D 272 4.42 -18.38 9.76
N ALA D 273 4.50 -19.51 10.47
CA ALA D 273 5.28 -20.65 10.00
C ALA D 273 4.69 -21.19 8.69
N TYR D 274 3.36 -21.29 8.63
CA TYR D 274 2.73 -21.80 7.41
C TYR D 274 2.92 -20.83 6.25
N ASN D 275 2.88 -19.52 6.52
CA ASN D 275 3.15 -18.54 5.48
C ASN D 275 4.61 -18.55 5.04
N THR D 276 5.51 -18.99 5.92
CA THR D 276 6.92 -19.09 5.54
C THR D 276 7.22 -20.34 4.74
N VAL D 277 6.55 -21.46 5.06
CA VAL D 277 6.84 -22.72 4.38
C VAL D 277 6.08 -22.89 3.07
N VAL D 278 5.13 -22.01 2.78
CA VAL D 278 4.36 -22.12 1.54
C VAL D 278 5.17 -21.54 0.39
N PRO D 279 5.24 -22.21 -0.76
CA PRO D 279 5.99 -21.64 -1.89
C PRO D 279 5.36 -20.36 -2.39
N ALA D 280 6.20 -19.43 -2.85
CA ALA D 280 5.73 -18.16 -3.35
C ALA D 280 4.96 -18.35 -4.65
N SER D 281 3.82 -17.68 -4.77
CA SER D 281 2.97 -17.77 -5.94
C SER D 281 2.89 -16.46 -6.71
N GLY D 282 3.74 -15.48 -6.37
CA GLY D 282 3.74 -14.20 -7.06
C GLY D 282 2.57 -13.30 -6.72
N LYS D 283 1.76 -13.65 -5.73
CA LYS D 283 0.62 -12.84 -5.32
C LYS D 283 0.66 -12.68 -3.81
N VAL D 284 0.84 -11.45 -3.34
CA VAL D 284 0.94 -11.14 -1.92
C VAL D 284 -0.20 -10.20 -1.55
N LEU D 285 -0.93 -10.54 -0.50
CA LEU D 285 -2.04 -9.71 -0.03
C LEU D 285 -1.53 -8.60 0.89
N THR D 286 -2.47 -7.85 1.43
CA THR D 286 -2.13 -6.74 2.33
C THR D 286 -1.53 -7.28 3.62
N GLY D 287 -0.34 -6.79 3.97
CA GLY D 287 0.35 -7.18 5.18
C GLY D 287 1.38 -8.27 5.00
N GLY D 288 1.51 -8.83 3.80
CA GLY D 288 2.49 -9.89 3.58
C GLY D 288 1.96 -11.29 3.83
N VAL D 289 0.68 -11.53 3.58
CA VAL D 289 0.06 -12.83 3.81
C VAL D 289 -0.25 -13.45 2.45
N ASP D 290 0.13 -14.71 2.28
CA ASP D 290 -0.16 -15.42 1.04
C ASP D 290 -1.63 -15.81 0.99
N ALA D 291 -2.15 -15.97 -0.23
CA ALA D 291 -3.56 -16.30 -0.39
C ALA D 291 -3.89 -17.70 0.11
N ASN D 292 -2.93 -18.63 0.01
CA ASN D 292 -3.13 -20.01 0.42
C ASN D 292 -2.34 -20.37 1.67
N ALA D 293 -1.92 -19.37 2.44
CA ALA D 293 -1.14 -19.64 3.65
C ALA D 293 -2.02 -19.88 4.87
N LEU D 294 -3.18 -19.24 4.93
CA LEU D 294 -4.06 -19.35 6.07
C LEU D 294 -4.98 -20.57 6.02
N HIS D 295 -4.92 -21.35 4.94
CA HIS D 295 -5.82 -22.51 4.81
C HIS D 295 -5.47 -23.59 5.81
N ARG D 296 -4.18 -23.90 5.96
CA ARG D 296 -3.76 -24.92 6.91
C ARG D 296 -4.06 -24.52 8.36
N PRO D 297 -3.74 -23.31 8.83
CA PRO D 297 -4.19 -22.93 10.18
C PRO D 297 -5.70 -22.89 10.30
N LYS D 298 -6.41 -22.52 9.24
CA LYS D 298 -7.87 -22.54 9.26
C LYS D 298 -8.39 -23.94 9.54
N ARG D 299 -7.85 -24.95 8.84
CA ARG D 299 -8.27 -26.33 9.09
C ARG D 299 -7.83 -26.81 10.47
N PHE D 300 -6.63 -26.45 10.91
CA PHE D 300 -6.16 -26.84 12.23
C PHE D 300 -7.08 -26.29 13.32
N PHE D 301 -7.56 -25.06 13.13
CA PHE D 301 -8.48 -24.47 14.11
C PHE D 301 -9.86 -25.13 14.02
N GLY D 302 -10.38 -25.30 12.81
CA GLY D 302 -11.69 -25.89 12.64
C GLY D 302 -11.77 -27.37 12.94
N ALA D 303 -10.64 -28.03 13.17
CA ALA D 303 -10.66 -29.44 13.53
C ALA D 303 -11.40 -29.66 14.85
N ALA D 304 -11.37 -28.67 15.74
CA ALA D 304 -12.08 -28.77 17.01
C ALA D 304 -13.58 -28.86 16.80
N ARG D 305 -14.20 -29.86 17.42
CA ARG D 305 -15.63 -30.08 17.29
C ARG D 305 -16.08 -31.05 18.37
N ASN D 306 -17.37 -31.03 18.67
CA ASN D 306 -17.97 -31.94 19.63
C ASN D 306 -18.65 -33.08 18.88
N VAL D 307 -18.36 -34.32 19.30
CA VAL D 307 -18.85 -35.51 18.64
C VAL D 307 -20.05 -36.05 19.42
N GLU D 308 -21.12 -36.38 18.70
CA GLU D 308 -22.30 -36.95 19.34
C GLU D 308 -22.12 -38.41 19.72
N GLU D 309 -21.39 -39.17 18.91
CA GLU D 309 -21.17 -40.58 19.20
C GLU D 309 -20.30 -40.77 20.44
N GLY D 310 -19.40 -39.82 20.71
CA GLY D 310 -18.54 -39.92 21.86
C GLY D 310 -17.25 -39.12 21.71
N GLY D 311 -16.78 -38.53 22.81
CA GLY D 311 -15.56 -37.76 22.79
C GLY D 311 -15.80 -36.33 22.33
N SER D 312 -14.73 -35.55 22.40
CA SER D 312 -14.77 -34.14 22.02
C SER D 312 -13.34 -33.66 21.80
N LEU D 313 -13.22 -32.51 21.15
CA LEU D 313 -11.92 -31.89 20.86
C LEU D 313 -12.03 -30.40 21.13
N THR D 314 -11.31 -29.94 22.15
CA THR D 314 -11.30 -28.53 22.54
C THR D 314 -9.96 -27.91 22.18
N ILE D 315 -10.00 -26.77 21.50
CA ILE D 315 -8.81 -26.05 21.08
C ILE D 315 -8.95 -24.60 21.55
N ILE D 316 -8.08 -24.17 22.46
CA ILE D 316 -8.08 -22.81 22.96
C ILE D 316 -6.78 -22.17 22.51
N ALA D 317 -6.86 -21.33 21.48
CA ALA D 317 -5.70 -20.67 20.91
C ALA D 317 -5.63 -19.22 21.38
N THR D 318 -4.42 -18.73 21.62
CA THR D 318 -4.18 -17.36 22.07
C THR D 318 -3.62 -16.56 20.89
N ALA D 319 -4.39 -15.60 20.41
CA ALA D 319 -3.98 -14.77 19.29
C ALA D 319 -3.26 -13.53 19.77
N LEU D 320 -2.33 -13.04 18.96
CA LEU D 320 -1.53 -11.87 19.27
C LEU D 320 -2.01 -10.67 18.46
N ILE D 321 -2.19 -9.54 19.13
CA ILE D 321 -2.61 -8.29 18.50
C ILE D 321 -1.69 -7.17 19.00
N ASP D 322 -1.70 -6.07 18.26
CA ASP D 322 -0.93 -4.87 18.61
C ASP D 322 0.55 -5.19 18.74
N THR D 323 1.04 -6.08 17.89
CA THR D 323 2.44 -6.48 17.90
C THR D 323 3.31 -5.64 16.96
N GLY D 324 2.73 -4.61 16.33
CA GLY D 324 3.47 -3.78 15.42
C GLY D 324 3.61 -4.31 14.01
N SER D 325 3.16 -5.53 13.75
CA SER D 325 3.22 -6.15 12.42
C SER D 325 1.82 -6.24 11.85
N LYS D 326 1.66 -5.76 10.62
CA LYS D 326 0.34 -5.80 9.98
C LYS D 326 -0.07 -7.22 9.63
N MET D 327 0.89 -8.12 9.45
CA MET D 327 0.57 -9.51 9.14
C MET D 327 -0.21 -10.17 10.27
N ASP D 328 0.25 -9.96 11.51
CA ASP D 328 -0.48 -10.51 12.65
C ASP D 328 -1.86 -9.89 12.79
N GLU D 329 -1.99 -8.59 12.47
CA GLU D 329 -3.30 -7.96 12.52
C GLU D 329 -4.25 -8.57 11.49
N VAL D 330 -3.75 -8.83 10.27
CA VAL D 330 -4.58 -9.46 9.25
C VAL D 330 -4.97 -10.87 9.69
N ILE D 331 -4.02 -11.61 10.27
CA ILE D 331 -4.32 -12.97 10.74
C ILE D 331 -5.39 -12.95 11.81
N TYR D 332 -5.07 -12.24 12.90
CA TYR D 332 -5.94 -12.28 14.11
C TYR D 332 -7.42 -12.20 13.73
N GLU D 333 -7.80 -11.13 13.03
CA GLU D 333 -9.24 -10.95 12.77
C GLU D 333 -9.69 -11.91 11.65
N GLU D 334 -8.85 -12.17 10.64
CA GLU D 334 -9.25 -13.20 9.64
C GLU D 334 -9.75 -14.38 10.47
N PHE D 335 -9.11 -14.63 11.60
CA PHE D 335 -9.51 -15.68 12.54
C PHE D 335 -10.58 -15.21 13.52
N LYS D 336 -10.88 -13.91 13.56
CA LYS D 336 -11.89 -13.42 14.51
C LYS D 336 -13.27 -13.95 14.17
N GLY D 337 -13.62 -13.95 12.88
CA GLY D 337 -14.91 -14.56 12.48
C GLY D 337 -14.94 -16.03 12.85
N THR D 338 -13.87 -16.54 13.47
CA THR D 338 -13.80 -17.98 13.83
C THR D 338 -14.11 -18.16 15.32
N GLY D 339 -13.13 -18.61 16.12
CA GLY D 339 -13.32 -18.85 17.57
C GLY D 339 -14.71 -18.53 18.08
N ASN D 340 -15.55 -19.54 18.32
CA ASN D 340 -16.91 -19.33 18.90
C ASN D 340 -16.75 -18.86 20.35
N MET D 341 -15.81 -17.97 20.62
CA MET D 341 -15.52 -17.50 21.98
C MET D 341 -14.31 -16.59 21.94
N GLU D 342 -14.46 -15.37 22.45
CA GLU D 342 -13.39 -14.40 22.49
C GLU D 342 -13.22 -13.90 23.91
N LEU D 343 -12.02 -14.07 24.47
CA LEU D 343 -11.70 -13.60 25.82
C LEU D 343 -10.61 -12.54 25.67
N HIS D 344 -11.04 -11.28 25.58
CA HIS D 344 -10.11 -10.17 25.37
C HIS D 344 -9.47 -9.73 26.67
N LEU D 345 -8.20 -9.36 26.59
CA LEU D 345 -7.45 -8.82 27.72
C LEU D 345 -7.00 -7.41 27.40
N SER D 346 -7.11 -6.51 28.39
CA SER D 346 -6.82 -5.10 28.19
C SER D 346 -5.41 -4.80 28.69
N ARG D 347 -4.63 -4.12 27.86
CA ARG D 347 -3.29 -3.71 28.26
C ARG D 347 -3.34 -2.58 29.29
N LYS D 348 -4.35 -1.71 29.18
CA LYS D 348 -4.47 -0.60 30.12
C LYS D 348 -4.70 -1.11 31.55
N ILE D 349 -5.46 -2.19 31.69
CA ILE D 349 -5.68 -2.77 33.01
C ILE D 349 -4.44 -3.51 33.49
N ALA D 350 -3.67 -4.11 32.57
CA ALA D 350 -2.46 -4.81 32.97
C ALA D 350 -1.38 -3.84 33.42
N GLU D 351 -1.35 -2.64 32.83
CA GLU D 351 -0.39 -1.63 33.25
C GLU D 351 -0.64 -1.14 34.66
N LYS D 352 -1.89 -1.21 35.14
CA LYS D 352 -2.23 -0.82 36.50
C LYS D 352 -1.96 -1.94 37.50
N ARG D 353 -1.36 -3.05 37.07
CA ARG D 353 -1.05 -4.18 37.93
C ARG D 353 -2.31 -4.75 38.58
N VAL D 354 -3.40 -4.81 37.82
CA VAL D 354 -4.66 -5.36 38.28
C VAL D 354 -4.84 -6.71 37.60
N PHE D 355 -4.50 -7.78 38.30
CA PHE D 355 -4.59 -9.13 37.76
C PHE D 355 -5.81 -9.83 38.31
N PRO D 356 -6.61 -10.51 37.46
CA PRO D 356 -6.38 -10.60 36.02
C PRO D 356 -6.91 -9.38 35.26
N ALA D 357 -6.27 -9.06 34.13
CA ALA D 357 -6.68 -7.93 33.30
C ALA D 357 -7.53 -8.47 32.15
N ILE D 358 -8.80 -8.74 32.45
CA ILE D 358 -9.72 -9.33 31.50
C ILE D 358 -10.74 -8.28 31.09
N ASP D 359 -10.99 -8.17 29.78
CA ASP D 359 -12.00 -7.27 29.25
C ASP D 359 -13.34 -7.98 29.33
N TYR D 360 -14.08 -7.72 30.40
CA TYR D 360 -15.34 -8.42 30.63
C TYR D 360 -16.40 -7.99 29.62
N ASN D 361 -16.30 -6.75 29.12
CA ASN D 361 -17.32 -6.23 28.21
C ASN D 361 -17.32 -6.98 26.89
N ARG D 362 -16.16 -7.10 26.25
CA ARG D 362 -16.09 -7.74 24.93
C ARG D 362 -16.07 -9.26 25.01
N SER D 363 -15.92 -9.82 26.20
CA SER D 363 -15.94 -11.27 26.35
C SER D 363 -17.37 -11.79 26.23
N GLY D 364 -17.49 -13.10 26.10
CA GLY D 364 -18.78 -13.74 25.98
C GLY D 364 -18.68 -15.07 25.27
N THR D 365 -19.77 -15.82 25.34
CA THR D 365 -19.87 -17.14 24.72
C THR D 365 -21.23 -17.29 24.06
N ARG D 366 -21.22 -17.79 22.82
CA ARG D 366 -22.45 -18.03 22.10
C ARG D 366 -23.09 -19.34 22.54
N LYS D 367 -24.42 -19.35 22.58
CA LYS D 367 -25.20 -20.51 23.04
C LYS D 367 -24.79 -20.90 24.46
N GLU D 368 -24.63 -19.89 25.32
CA GLU D 368 -24.23 -20.14 26.70
C GLU D 368 -25.33 -20.81 27.52
N GLU D 369 -26.58 -20.78 27.04
CA GLU D 369 -27.67 -21.41 27.78
C GLU D 369 -27.57 -22.92 27.78
N LEU D 370 -26.77 -23.50 26.90
CA LEU D 370 -26.58 -24.95 26.85
C LEU D 370 -25.59 -25.45 27.89
N LEU D 371 -24.90 -24.56 28.59
CA LEU D 371 -23.93 -24.94 29.61
C LEU D 371 -24.27 -24.42 30.99
N THR D 372 -25.29 -23.58 31.12
CA THR D 372 -25.69 -23.02 32.40
C THR D 372 -27.19 -23.18 32.59
N THR D 373 -27.61 -23.15 33.84
CA THR D 373 -29.02 -23.28 34.16
C THR D 373 -29.75 -21.95 33.89
N GLN D 374 -31.06 -21.97 34.11
CA GLN D 374 -31.87 -20.78 33.86
C GLN D 374 -31.53 -19.66 34.86
N GLU D 375 -31.51 -19.99 36.15
CA GLU D 375 -31.21 -18.98 37.16
C GLU D 375 -29.78 -18.48 37.04
N GLU D 376 -28.84 -19.39 36.71
CA GLU D 376 -27.45 -18.97 36.53
C GLU D 376 -27.32 -18.03 35.34
N LEU D 377 -28.01 -18.34 34.24
CA LEU D 377 -27.98 -17.47 33.06
C LEU D 377 -28.61 -16.11 33.38
N GLN D 378 -29.70 -16.10 34.14
CA GLN D 378 -30.32 -14.83 34.51
C GLN D 378 -29.41 -14.00 35.40
N LYS D 379 -28.73 -14.64 36.35
CA LYS D 379 -27.79 -13.92 37.21
C LYS D 379 -26.61 -13.38 36.40
N MET D 380 -26.11 -14.15 35.45
CA MET D 380 -25.02 -13.66 34.60
C MET D 380 -25.48 -12.49 33.74
N TRP D 381 -26.72 -12.55 33.22
CA TRP D 381 -27.25 -11.44 32.45
C TRP D 381 -27.39 -10.18 33.30
N ILE D 382 -27.87 -10.33 34.54
CA ILE D 382 -27.98 -9.18 35.43
C ILE D 382 -26.61 -8.61 35.76
N LEU D 383 -25.63 -9.48 36.01
CA LEU D 383 -24.28 -9.02 36.30
C LEU D 383 -23.68 -8.28 35.11
N ARG D 384 -23.94 -8.76 33.89
CA ARG D 384 -23.44 -8.08 32.71
C ARG D 384 -24.12 -6.73 32.52
N LYS D 385 -25.43 -6.66 32.78
CA LYS D 385 -26.14 -5.39 32.64
C LYS D 385 -25.72 -4.38 33.70
N ILE D 386 -25.28 -4.87 34.86
CA ILE D 386 -24.78 -3.95 35.90
C ILE D 386 -23.35 -3.51 35.58
N ILE D 387 -22.54 -4.42 35.04
CA ILE D 387 -21.13 -4.11 34.78
C ILE D 387 -20.97 -3.23 33.55
N HIS D 388 -21.82 -3.40 32.54
CA HIS D 388 -21.68 -2.69 31.26
C HIS D 388 -21.57 -1.18 31.40
N PRO D 389 -22.38 -0.47 32.21
CA PRO D 389 -22.23 0.99 32.29
C PRO D 389 -20.89 1.43 32.84
N MET D 390 -20.34 0.70 33.82
CA MET D 390 -19.08 1.09 34.43
C MET D 390 -17.91 0.89 33.47
N GLY D 391 -16.84 1.63 33.71
CA GLY D 391 -15.64 1.49 32.91
C GLY D 391 -14.94 0.17 33.15
N GLU D 392 -13.98 -0.13 32.27
CA GLU D 392 -13.28 -1.41 32.33
C GLU D 392 -12.52 -1.56 33.64
N ILE D 393 -11.68 -0.59 33.98
CA ILE D 393 -10.89 -0.67 35.22
C ILE D 393 -11.81 -0.65 36.42
N ASP D 394 -12.82 0.22 36.41
CA ASP D 394 -13.76 0.29 37.52
C ASP D 394 -14.54 -1.01 37.68
N ALA D 395 -14.98 -1.60 36.57
CA ALA D 395 -15.72 -2.86 36.64
C ALA D 395 -14.83 -3.98 37.17
N MET D 396 -13.56 -4.01 36.74
CA MET D 396 -12.64 -5.03 37.23
C MET D 396 -12.38 -4.87 38.72
N GLU D 397 -12.19 -3.63 39.18
CA GLU D 397 -12.00 -3.39 40.61
C GLU D 397 -13.22 -3.80 41.40
N PHE D 398 -14.41 -3.46 40.91
CA PHE D 398 -15.66 -3.84 41.58
C PHE D 398 -15.78 -5.35 41.66
N LEU D 399 -15.51 -6.05 40.56
CA LEU D 399 -15.62 -7.50 40.54
C LEU D 399 -14.62 -8.15 41.49
N ILE D 400 -13.40 -7.63 41.53
CA ILE D 400 -12.40 -8.19 42.43
C ILE D 400 -12.79 -7.96 43.89
N ASN D 401 -13.25 -6.74 44.22
CA ASN D 401 -13.62 -6.45 45.59
C ASN D 401 -14.85 -7.23 46.03
N LYS D 402 -15.73 -7.56 45.09
CA LYS D 402 -16.91 -8.34 45.44
C LYS D 402 -16.63 -9.84 45.51
N LEU D 403 -15.68 -10.34 44.72
CA LEU D 403 -15.33 -11.75 44.78
C LEU D 403 -14.38 -12.05 45.93
N ALA D 404 -13.64 -11.04 46.43
CA ALA D 404 -12.77 -11.26 47.56
C ALA D 404 -13.55 -11.45 48.86
N MET D 405 -14.80 -11.00 48.91
CA MET D 405 -15.58 -11.11 50.14
C MET D 405 -16.03 -12.55 50.42
N THR D 406 -16.31 -13.31 49.38
CA THR D 406 -16.81 -14.67 49.51
C THR D 406 -15.89 -15.65 48.78
N LYS D 407 -16.21 -16.93 48.92
CA LYS D 407 -15.45 -17.99 48.27
C LYS D 407 -16.09 -18.47 46.98
N THR D 408 -17.42 -18.58 46.95
CA THR D 408 -18.14 -19.05 45.79
C THR D 408 -18.92 -17.91 45.15
N ASN D 409 -19.15 -18.04 43.84
CA ASN D 409 -19.87 -17.00 43.11
C ASN D 409 -21.36 -17.04 43.41
N ASP D 410 -21.86 -18.18 43.92
CA ASP D 410 -23.27 -18.27 44.27
C ASP D 410 -23.63 -17.30 45.39
N ASP D 411 -22.75 -17.17 46.39
CA ASP D 411 -22.99 -16.20 47.46
C ASP D 411 -22.98 -14.77 46.92
N PHE D 412 -22.08 -14.47 45.99
CA PHE D 412 -22.06 -13.14 45.38
C PHE D 412 -23.36 -12.86 44.63
N PHE D 413 -23.83 -13.84 43.84
CA PHE D 413 -25.07 -13.66 43.11
C PHE D 413 -26.25 -13.50 44.06
N GLU D 414 -26.25 -14.23 45.17
CA GLU D 414 -27.34 -14.11 46.14
C GLU D 414 -27.30 -12.77 46.86
N MET D 415 -26.11 -12.22 47.09
CA MET D 415 -26.00 -10.93 47.76
C MET D 415 -26.27 -9.77 46.79
N MET D 416 -26.12 -9.99 45.49
CA MET D 416 -26.41 -8.92 44.53
C MET D 416 -27.90 -8.60 44.50
N LYS D 417 -28.75 -9.61 44.69
CA LYS D 417 -30.19 -9.39 44.71
C LYS D 417 -30.64 -8.73 46.00
N MET E 1 -38.16 -50.17 -6.44
CA MET E 1 -36.71 -50.09 -6.41
C MET E 1 -36.22 -48.69 -6.73
N ASN E 2 -36.10 -47.86 -5.71
CA ASN E 2 -35.65 -46.48 -5.85
C ASN E 2 -34.37 -46.27 -5.06
N LEU E 3 -33.50 -45.40 -5.57
CA LEU E 3 -32.21 -45.16 -4.92
C LEU E 3 -32.40 -44.44 -3.59
N THR E 4 -33.23 -43.40 -3.57
CA THR E 4 -33.43 -42.64 -2.34
C THR E 4 -34.09 -43.48 -1.26
N GLU E 5 -34.96 -44.41 -1.65
CA GLU E 5 -35.60 -45.27 -0.66
C GLU E 5 -34.58 -46.16 0.03
N LEU E 6 -33.62 -46.70 -0.73
CA LEU E 6 -32.56 -47.51 -0.12
C LEU E 6 -31.57 -46.65 0.64
N LYS E 7 -31.40 -45.39 0.25
CA LYS E 7 -30.54 -44.48 0.99
C LYS E 7 -31.14 -44.08 2.32
N ASN E 8 -32.47 -44.00 2.42
CA ASN E 8 -33.10 -43.62 3.68
C ASN E 8 -33.19 -44.78 4.65
N THR E 9 -33.08 -46.01 4.17
CA THR E 9 -33.13 -47.17 5.06
C THR E 9 -31.90 -47.20 5.96
N PRO E 10 -32.04 -47.73 7.17
CA PRO E 10 -30.88 -47.81 8.08
C PRO E 10 -29.90 -48.88 7.64
N VAL E 11 -28.77 -48.92 8.35
CA VAL E 11 -27.69 -49.84 7.99
C VAL E 11 -28.06 -51.27 8.38
N SER E 12 -28.72 -51.43 9.53
CA SER E 12 -29.01 -52.77 10.04
C SER E 12 -29.97 -53.52 9.12
N GLU E 13 -31.04 -52.84 8.68
CA GLU E 13 -31.99 -53.48 7.78
C GLU E 13 -31.37 -53.81 6.43
N LEU E 14 -30.49 -52.95 5.93
CA LEU E 14 -29.81 -53.25 4.67
C LEU E 14 -28.88 -54.44 4.81
N ILE E 15 -28.16 -54.53 5.93
CA ILE E 15 -27.30 -55.68 6.18
C ILE E 15 -28.13 -56.96 6.26
N THR E 16 -29.26 -56.89 6.94
CA THR E 16 -30.14 -58.06 7.05
C THR E 16 -30.66 -58.48 5.69
N LEU E 17 -31.10 -57.51 4.88
CA LEU E 17 -31.61 -57.82 3.55
C LEU E 17 -30.51 -58.44 2.68
N GLY E 18 -29.30 -57.89 2.74
CA GLY E 18 -28.21 -58.44 1.97
C GLY E 18 -27.83 -59.84 2.40
N GLU E 19 -27.85 -60.11 3.70
CA GLU E 19 -27.58 -61.47 4.19
C GLU E 19 -28.68 -62.43 3.77
N ASN E 20 -29.93 -61.96 3.72
CA ASN E 20 -31.01 -62.82 3.24
C ASN E 20 -30.90 -63.08 1.75
N MET E 21 -30.37 -62.13 0.98
CA MET E 21 -30.21 -62.33 -0.46
C MET E 21 -29.10 -63.30 -0.77
N GLY E 22 -28.24 -63.61 0.20
CA GLY E 22 -27.17 -64.56 -0.01
C GLY E 22 -25.98 -64.00 -0.76
N LEU E 23 -25.32 -63.00 -0.17
CA LEU E 23 -24.15 -62.36 -0.76
C LEU E 23 -23.00 -62.42 0.23
N GLU E 24 -21.91 -61.74 -0.11
CA GLU E 24 -20.76 -61.67 0.78
C GLU E 24 -21.12 -60.92 2.06
N ASN E 25 -20.35 -61.18 3.11
CA ASN E 25 -20.58 -60.57 4.42
C ASN E 25 -20.63 -59.05 4.32
N LEU E 26 -21.78 -58.48 4.67
CA LEU E 26 -22.01 -57.04 4.54
C LEU E 26 -21.74 -56.28 5.83
N ALA E 27 -21.41 -56.98 6.92
CA ALA E 27 -21.10 -56.28 8.17
C ALA E 27 -19.85 -55.44 8.02
N ARG E 28 -18.81 -55.98 7.41
CA ARG E 28 -17.59 -55.23 7.11
C ARG E 28 -17.64 -54.62 5.72
N MET E 29 -18.71 -53.87 5.43
CA MET E 29 -18.88 -53.26 4.13
C MET E 29 -19.56 -51.90 4.30
N ARG E 30 -19.29 -51.00 3.36
CA ARG E 30 -19.91 -49.69 3.38
C ARG E 30 -21.38 -49.78 2.97
N LYS E 31 -22.18 -48.83 3.45
CA LYS E 31 -23.60 -48.81 3.12
C LYS E 31 -23.83 -48.65 1.63
N GLN E 32 -23.01 -47.81 0.98
CA GLN E 32 -23.14 -47.62 -0.46
C GLN E 32 -22.81 -48.91 -1.21
N ASP E 33 -21.77 -49.63 -0.76
CA ASP E 33 -21.44 -50.91 -1.38
C ASP E 33 -22.54 -51.94 -1.14
N ILE E 34 -23.16 -51.90 0.04
CA ILE E 34 -24.28 -52.79 0.33
C ILE E 34 -25.44 -52.52 -0.63
N ILE E 35 -25.77 -51.24 -0.81
CA ILE E 35 -26.85 -50.88 -1.72
C ILE E 35 -26.51 -51.30 -3.15
N PHE E 36 -25.25 -51.12 -3.55
CA PHE E 36 -24.82 -51.50 -4.89
C PHE E 36 -24.96 -53.00 -5.10
N ALA E 37 -24.54 -53.80 -4.12
CA ALA E 37 -24.65 -55.25 -4.24
C ALA E 37 -26.10 -55.69 -4.24
N ILE E 38 -26.95 -55.04 -3.44
CA ILE E 38 -28.37 -55.38 -3.42
C ILE E 38 -29.00 -55.06 -4.77
N LEU E 39 -28.65 -53.93 -5.37
CA LEU E 39 -29.18 -53.59 -6.69
C LEU E 39 -28.70 -54.57 -7.75
N LYS E 40 -27.44 -54.97 -7.69
CA LYS E 40 -26.93 -55.97 -8.62
C LYS E 40 -27.71 -57.29 -8.49
N GLN E 41 -27.87 -57.76 -7.25
CA GLN E 41 -28.56 -59.03 -7.04
C GLN E 41 -30.03 -58.95 -7.45
N HIS E 42 -30.65 -57.78 -7.28
CA HIS E 42 -32.05 -57.64 -7.65
C HIS E 42 -32.21 -57.52 -9.17
N ALA E 43 -31.22 -56.93 -9.85
CA ALA E 43 -31.27 -56.85 -11.31
C ALA E 43 -30.88 -58.17 -11.97
N LYS E 44 -30.13 -59.02 -11.28
CA LYS E 44 -29.84 -60.35 -11.84
C LYS E 44 -31.10 -61.18 -11.98
N SER E 45 -32.12 -60.90 -11.18
CA SER E 45 -33.39 -61.62 -11.27
C SER E 45 -34.27 -61.13 -12.42
N GLY E 46 -33.91 -60.01 -13.05
CA GLY E 46 -34.67 -59.48 -14.17
C GLY E 46 -35.54 -58.28 -13.86
N GLU E 47 -35.63 -57.87 -12.59
CA GLU E 47 -36.46 -56.74 -12.24
C GLU E 47 -35.79 -55.43 -12.64
N ASP E 48 -36.59 -54.37 -12.70
CA ASP E 48 -36.09 -53.06 -13.09
C ASP E 48 -35.67 -52.25 -11.88
N ILE E 49 -34.74 -51.33 -12.10
CA ILE E 49 -34.23 -50.44 -11.06
C ILE E 49 -34.45 -49.00 -11.50
N PHE E 50 -34.89 -48.17 -10.56
CA PHE E 50 -35.17 -46.76 -10.84
C PHE E 50 -34.29 -45.88 -9.95
N GLY E 51 -33.97 -44.70 -10.47
CA GLY E 51 -33.16 -43.74 -9.75
C GLY E 51 -33.54 -42.33 -10.13
N ASP E 52 -32.89 -41.37 -9.48
CA ASP E 52 -33.16 -39.95 -9.72
C ASP E 52 -31.96 -39.15 -9.24
N GLY E 53 -31.96 -37.87 -9.59
CA GLY E 53 -30.88 -36.97 -9.19
C GLY E 53 -30.82 -35.78 -10.10
N VAL E 54 -29.97 -34.83 -9.70
CA VAL E 54 -29.75 -33.60 -10.45
C VAL E 54 -28.64 -33.82 -11.46
N LEU E 55 -28.86 -33.39 -12.69
CA LEU E 55 -27.89 -33.61 -13.77
C LEU E 55 -26.75 -32.62 -13.68
N GLU E 56 -25.52 -33.12 -13.87
CA GLU E 56 -24.30 -32.31 -13.90
C GLU E 56 -23.54 -32.65 -15.17
N ILE E 57 -23.78 -31.88 -16.23
CA ILE E 57 -23.12 -32.14 -17.50
C ILE E 57 -21.66 -31.75 -17.41
N LEU E 58 -20.78 -32.67 -17.77
CA LEU E 58 -19.35 -32.42 -17.75
C LEU E 58 -18.92 -31.66 -19.01
N GLN E 59 -17.66 -31.26 -19.02
CA GLN E 59 -17.14 -30.49 -20.15
C GLN E 59 -16.99 -31.36 -21.39
N ASP E 60 -16.75 -32.65 -21.22
CA ASP E 60 -16.57 -33.54 -22.37
C ASP E 60 -17.87 -33.75 -23.12
N GLY E 61 -18.99 -33.86 -22.39
CA GLY E 61 -20.27 -34.06 -23.03
C GLY E 61 -21.20 -34.99 -22.27
N PHE E 62 -20.64 -35.81 -21.39
CA PHE E 62 -21.42 -36.73 -20.58
C PHE E 62 -21.79 -36.05 -19.26
N GLY E 63 -22.41 -36.79 -18.35
CA GLY E 63 -22.81 -36.22 -17.08
C GLY E 63 -23.23 -37.30 -16.11
N PHE E 64 -23.51 -36.85 -14.88
CA PHE E 64 -23.93 -37.74 -13.81
C PHE E 64 -25.15 -37.14 -13.11
N LEU E 65 -25.79 -37.95 -12.28
CA LEU E 65 -26.95 -37.55 -11.49
C LEU E 65 -26.54 -37.49 -10.03
N ARG E 66 -26.18 -36.29 -9.58
CA ARG E 66 -25.75 -36.10 -8.20
C ARG E 66 -26.94 -36.28 -7.24
N SER E 67 -26.61 -36.55 -5.98
CA SER E 67 -27.61 -36.74 -4.94
C SER E 67 -27.58 -35.56 -3.97
N ALA E 68 -28.75 -35.25 -3.40
CA ALA E 68 -28.86 -34.09 -2.52
C ALA E 68 -28.38 -34.40 -1.10
N ASP E 69 -28.46 -35.66 -0.68
CA ASP E 69 -28.04 -36.01 0.68
C ASP E 69 -26.53 -35.94 0.86
N SER E 70 -25.76 -35.93 -0.23
CA SER E 70 -24.31 -35.86 -0.18
C SER E 70 -23.77 -34.50 -0.61
N SER E 71 -24.64 -33.48 -0.65
CA SER E 71 -24.25 -32.13 -1.05
C SER E 71 -23.63 -32.11 -2.44
N TYR E 72 -24.20 -32.91 -3.34
CA TYR E 72 -23.78 -32.97 -4.74
C TYR E 72 -22.30 -33.34 -4.86
N LEU E 73 -21.87 -34.31 -4.05
CA LEU E 73 -20.51 -34.80 -4.09
C LEU E 73 -20.40 -36.00 -5.01
N ALA E 74 -19.23 -36.14 -5.65
CA ALA E 74 -18.99 -37.25 -6.57
C ALA E 74 -19.05 -38.57 -5.84
N GLY E 75 -20.07 -39.38 -6.14
CA GLY E 75 -20.24 -40.66 -5.50
C GLY E 75 -20.14 -41.82 -6.48
N PRO E 76 -19.86 -43.02 -5.95
CA PRO E 76 -19.79 -44.18 -6.84
C PRO E 76 -21.15 -44.59 -7.42
N ASP E 77 -22.25 -44.21 -6.76
CA ASP E 77 -23.59 -44.58 -7.20
C ASP E 77 -24.21 -43.54 -8.12
N ASP E 78 -23.40 -42.72 -8.77
CA ASP E 78 -23.91 -41.74 -9.72
C ASP E 78 -24.36 -42.43 -11.00
N ILE E 79 -25.46 -41.95 -11.57
CA ILE E 79 -26.02 -42.53 -12.78
C ILE E 79 -25.41 -41.84 -13.99
N TYR E 80 -24.75 -42.62 -14.83
CA TYR E 80 -24.14 -42.08 -16.04
C TYR E 80 -25.22 -41.69 -17.05
N VAL E 81 -25.04 -40.53 -17.68
CA VAL E 81 -25.96 -40.02 -18.68
C VAL E 81 -25.18 -39.83 -19.97
N SER E 82 -25.50 -40.62 -20.99
CA SER E 82 -24.79 -40.55 -22.25
C SER E 82 -25.08 -39.22 -22.95
N PRO E 83 -24.13 -38.69 -23.72
CA PRO E 83 -24.39 -37.43 -24.44
C PRO E 83 -25.44 -37.58 -25.53
N SER E 84 -25.67 -38.80 -26.01
CA SER E 84 -26.69 -39.02 -27.02
C SER E 84 -28.07 -38.66 -26.49
N GLN E 85 -28.40 -39.12 -25.28
CA GLN E 85 -29.69 -38.77 -24.67
C GLN E 85 -29.75 -37.28 -24.37
N ILE E 86 -28.62 -36.68 -23.99
CA ILE E 86 -28.59 -35.24 -23.71
C ILE E 86 -28.95 -34.46 -24.97
N ARG E 87 -28.40 -34.90 -26.11
CA ARG E 87 -28.60 -34.27 -27.43
C ARG E 87 -30.02 -34.58 -27.94
N ARG E 88 -30.61 -35.69 -27.48
CA ARG E 88 -31.96 -36.13 -27.93
C ARG E 88 -33.07 -35.42 -27.14
N PHE E 89 -32.82 -35.09 -25.88
CA PHE E 89 -33.82 -34.44 -25.04
C PHE E 89 -33.43 -33.01 -24.65
N ASN E 90 -32.32 -32.50 -25.16
CA ASN E 90 -31.85 -31.14 -24.88
C ASN E 90 -31.72 -30.92 -23.36
N LEU E 91 -31.03 -31.83 -22.71
CA LEU E 91 -30.82 -31.73 -21.27
C LEU E 91 -29.71 -30.76 -20.95
N ARG E 92 -29.84 -30.09 -19.81
CA ARG E 92 -28.84 -29.13 -19.34
C ARG E 92 -28.58 -29.37 -17.86
N THR E 93 -27.52 -28.73 -17.37
CA THR E 93 -27.15 -28.86 -15.96
C THR E 93 -28.24 -28.31 -15.06
N GLY E 94 -28.78 -29.16 -14.18
CA GLY E 94 -29.84 -28.78 -13.25
C GLY E 94 -31.15 -29.49 -13.49
N ASP E 95 -31.34 -30.10 -14.65
CA ASP E 95 -32.59 -30.79 -14.94
C ASP E 95 -32.72 -32.05 -14.09
N THR E 96 -33.80 -32.13 -13.32
CA THR E 96 -34.08 -33.31 -12.52
C THR E 96 -34.56 -34.44 -13.41
N ILE E 97 -33.84 -35.55 -13.41
CA ILE E 97 -34.15 -36.69 -14.27
C ILE E 97 -34.45 -37.89 -13.38
N SER E 98 -35.55 -38.58 -13.70
CA SER E 98 -35.97 -39.77 -12.96
C SER E 98 -36.39 -40.82 -13.98
N GLY E 99 -35.63 -41.91 -14.06
CA GLY E 99 -35.93 -42.96 -15.02
C GLY E 99 -35.31 -44.28 -14.61
N LYS E 100 -35.56 -45.29 -15.44
CA LYS E 100 -35.03 -46.62 -15.18
C LYS E 100 -33.51 -46.63 -15.35
N ILE E 101 -32.83 -47.35 -14.48
CA ILE E 101 -31.38 -47.48 -14.50
C ILE E 101 -31.01 -48.95 -14.46
N ARG E 102 -29.76 -49.25 -14.80
CA ARG E 102 -29.24 -50.61 -14.80
C ARG E 102 -27.86 -50.61 -14.18
N PRO E 103 -27.50 -51.69 -13.49
CA PRO E 103 -26.15 -51.79 -12.90
C PRO E 103 -25.09 -51.81 -13.99
N PRO E 104 -23.87 -51.39 -13.66
CA PRO E 104 -22.81 -51.38 -14.68
C PRO E 104 -22.37 -52.79 -15.05
N LYS E 105 -22.16 -52.99 -16.34
CA LYS E 105 -21.72 -54.28 -16.86
C LYS E 105 -20.21 -54.42 -16.66
N GLU E 106 -19.62 -55.44 -17.28
CA GLU E 106 -18.18 -55.65 -17.19
C GLU E 106 -17.45 -54.54 -17.93
N GLY E 107 -16.60 -53.82 -17.22
CA GLY E 107 -15.88 -52.69 -17.79
C GLY E 107 -16.52 -51.33 -17.55
N GLU E 108 -17.62 -51.29 -16.80
CA GLU E 108 -18.30 -50.04 -16.47
C GLU E 108 -18.24 -49.82 -14.96
N ARG E 109 -18.41 -48.56 -14.56
CA ARG E 109 -18.31 -48.19 -13.15
C ARG E 109 -19.53 -47.44 -12.63
N TYR E 110 -20.50 -47.09 -13.47
CA TYR E 110 -21.64 -46.31 -13.06
C TYR E 110 -22.90 -46.83 -13.73
N PHE E 111 -24.04 -46.53 -13.11
CA PHE E 111 -25.33 -46.95 -13.66
C PHE E 111 -25.63 -46.18 -14.94
N ALA E 112 -26.28 -46.86 -15.89
CA ALA E 112 -26.67 -46.27 -17.16
C ALA E 112 -28.15 -45.95 -17.16
N LEU E 113 -28.52 -44.95 -17.96
CA LEU E 113 -29.91 -44.51 -18.08
C LEU E 113 -30.49 -45.04 -19.38
N LEU E 114 -31.59 -45.80 -19.27
CA LEU E 114 -32.25 -46.38 -20.44
C LEU E 114 -33.39 -45.50 -20.94
N LYS E 115 -34.37 -45.22 -20.08
CA LYS E 115 -35.53 -44.44 -20.45
C LYS E 115 -35.85 -43.44 -19.35
N VAL E 116 -36.02 -42.18 -19.73
CA VAL E 116 -36.35 -41.12 -18.78
C VAL E 116 -37.87 -41.05 -18.64
N ASN E 117 -38.34 -41.05 -17.40
CA ASN E 117 -39.78 -41.06 -17.13
C ASN E 117 -40.32 -39.69 -16.76
N GLU E 118 -39.58 -38.91 -15.98
CA GLU E 118 -40.06 -37.60 -15.51
C GLU E 118 -38.90 -36.61 -15.53
N VAL E 119 -39.16 -35.42 -16.08
CA VAL E 119 -38.17 -34.37 -16.18
C VAL E 119 -38.65 -33.17 -15.38
N ASN E 120 -37.83 -32.74 -14.41
CA ASN E 120 -38.13 -31.58 -13.57
C ASN E 120 -39.48 -31.74 -12.86
N PHE E 121 -39.76 -32.96 -12.42
CA PHE E 121 -41.01 -33.30 -11.73
C PHE E 121 -42.22 -32.96 -12.61
N ASP E 122 -42.07 -33.20 -13.92
CA ASP E 122 -43.12 -32.89 -14.87
C ASP E 122 -42.93 -33.78 -16.09
N LYS E 123 -43.91 -33.73 -17.00
CA LYS E 123 -43.83 -34.52 -18.22
C LYS E 123 -42.75 -33.97 -19.15
N PRO E 124 -42.05 -34.83 -19.88
CA PRO E 124 -41.06 -34.32 -20.84
C PRO E 124 -41.68 -33.49 -21.95
N GLU E 125 -42.95 -33.70 -22.26
CA GLU E 125 -43.60 -32.91 -23.30
C GLU E 125 -43.78 -31.46 -22.88
N ASN E 126 -43.81 -31.19 -21.57
CA ASN E 126 -43.87 -29.82 -21.08
C ASN E 126 -42.49 -29.21 -20.91
N ALA E 127 -41.45 -30.04 -20.81
CA ALA E 127 -40.08 -29.54 -20.65
C ALA E 127 -39.39 -29.31 -21.97
N ARG E 128 -39.80 -30.04 -23.03
CA ARG E 128 -39.19 -29.85 -24.34
C ARG E 128 -39.46 -28.45 -24.88
N ASN E 129 -40.62 -27.87 -24.55
CA ASN E 129 -40.98 -26.53 -24.96
C ASN E 129 -41.01 -25.64 -23.72
N LYS E 130 -39.97 -24.81 -23.59
CA LYS E 130 -39.85 -23.95 -22.42
C LYS E 130 -39.00 -22.73 -22.78
N ILE E 131 -39.17 -21.67 -22.00
CA ILE E 131 -38.44 -20.43 -22.19
C ILE E 131 -37.25 -20.42 -21.24
N LEU E 132 -36.08 -20.05 -21.76
CA LEU E 132 -34.88 -20.03 -20.94
C LEU E 132 -34.98 -18.96 -19.87
N PHE E 133 -34.16 -19.14 -18.81
CA PHE E 133 -34.16 -18.18 -17.71
C PHE E 133 -33.58 -16.84 -18.12
N GLU E 134 -32.67 -16.83 -19.09
CA GLU E 134 -32.05 -15.59 -19.54
C GLU E 134 -33.00 -14.71 -20.35
N ASN E 135 -34.15 -15.24 -20.75
CA ASN E 135 -35.11 -14.48 -21.55
C ASN E 135 -36.30 -13.98 -20.74
N LEU E 136 -36.44 -14.41 -19.48
CA LEU E 136 -37.57 -13.97 -18.68
C LEU E 136 -37.44 -12.50 -18.31
N THR E 137 -38.57 -11.80 -18.35
CA THR E 137 -38.57 -10.37 -18.07
C THR E 137 -38.49 -10.12 -16.56
N PRO E 138 -37.46 -9.44 -16.06
CA PRO E 138 -37.38 -9.18 -14.62
C PRO E 138 -38.41 -8.15 -14.20
N LEU E 139 -38.71 -8.17 -12.90
CA LEU E 139 -39.64 -7.22 -12.29
C LEU E 139 -39.28 -7.02 -10.84
N HIS E 140 -39.88 -6.02 -10.23
CA HIS E 140 -39.67 -5.76 -8.81
C HIS E 140 -40.51 -6.70 -7.95
N ALA E 141 -40.22 -6.71 -6.65
CA ALA E 141 -40.98 -7.54 -5.73
C ALA E 141 -42.43 -7.08 -5.65
N ASN E 142 -43.34 -7.95 -6.06
CA ASN E 142 -44.77 -7.64 -6.06
C ASN E 142 -45.50 -8.36 -4.92
N SER E 143 -45.34 -9.67 -4.82
CA SER E 143 -46.00 -10.43 -3.76
C SER E 143 -45.29 -10.22 -2.43
N ARG E 144 -46.08 -10.08 -1.37
CA ARG E 144 -45.54 -9.84 -0.04
C ARG E 144 -45.29 -11.16 0.67
N LEU E 145 -44.04 -11.39 1.10
CA LEU E 145 -43.68 -12.57 1.87
C LEU E 145 -43.54 -12.16 3.33
N ARG E 146 -44.68 -12.15 4.02
CA ARG E 146 -44.69 -11.73 5.42
C ARG E 146 -43.98 -12.75 6.29
N MET E 147 -43.11 -12.27 7.18
CA MET E 147 -42.30 -13.11 8.04
C MET E 147 -42.86 -13.24 9.45
N GLU E 148 -43.92 -12.50 9.78
CA GLU E 148 -44.48 -12.53 11.12
C GLU E 148 -45.19 -13.87 11.37
N ARG E 149 -44.87 -14.50 12.50
CA ARG E 149 -45.50 -15.76 12.86
C ARG E 149 -46.99 -15.57 13.14
N GLY E 150 -47.32 -14.70 14.09
CA GLY E 150 -48.69 -14.48 14.48
C GLY E 150 -49.16 -15.32 15.66
N ASN E 151 -48.34 -16.24 16.15
CA ASN E 151 -48.70 -17.09 17.27
C ASN E 151 -48.42 -16.45 18.62
N GLY E 152 -47.90 -15.23 18.65
CA GLY E 152 -47.62 -14.57 19.90
C GLY E 152 -46.45 -15.13 20.67
N SER E 153 -45.53 -15.81 19.99
CA SER E 153 -44.38 -16.39 20.65
C SER E 153 -43.33 -15.32 20.95
N THR E 154 -42.47 -15.61 21.93
CA THR E 154 -41.42 -14.66 22.29
C THR E 154 -40.37 -14.55 21.19
N GLU E 155 -40.20 -15.59 20.38
CA GLU E 155 -39.23 -15.52 19.28
C GLU E 155 -39.76 -14.74 18.10
N ASP E 156 -41.06 -14.45 18.07
CA ASP E 156 -41.65 -13.68 16.97
C ASP E 156 -41.21 -12.22 16.98
N LEU E 157 -40.55 -11.76 18.06
CA LEU E 157 -40.09 -10.38 18.11
C LEU E 157 -39.07 -10.08 17.01
N THR E 158 -38.20 -11.05 16.72
CA THR E 158 -37.21 -10.87 15.66
C THR E 158 -37.91 -10.70 14.30
N ALA E 159 -38.90 -11.55 14.02
CA ALA E 159 -39.63 -11.44 12.75
C ALA E 159 -40.40 -10.14 12.67
N ARG E 160 -40.97 -9.69 13.79
CA ARG E 160 -41.69 -8.42 13.80
C ARG E 160 -40.75 -7.25 13.53
N VAL E 161 -39.57 -7.26 14.14
CA VAL E 161 -38.60 -6.19 13.91
C VAL E 161 -38.11 -6.23 12.46
N LEU E 162 -37.94 -7.44 11.91
CA LEU E 162 -37.52 -7.56 10.52
C LEU E 162 -38.58 -7.02 9.57
N ASP E 163 -39.85 -7.30 9.85
CA ASP E 163 -40.93 -6.78 9.03
C ASP E 163 -41.04 -5.27 9.14
N LEU E 164 -40.84 -4.71 10.34
CA LEU E 164 -40.89 -3.27 10.51
C LEU E 164 -39.68 -2.57 9.90
N ALA E 165 -38.56 -3.29 9.75
CA ALA E 165 -37.34 -2.67 9.23
C ALA E 165 -37.22 -2.86 7.73
N SER E 166 -37.43 -4.09 7.24
CA SER E 166 -37.23 -4.39 5.83
C SER E 166 -38.13 -5.56 5.44
N PRO E 167 -39.33 -5.26 4.92
CA PRO E 167 -40.20 -6.34 4.42
C PRO E 167 -39.57 -7.02 3.21
N ILE E 168 -39.80 -8.33 3.10
CA ILE E 168 -39.20 -9.15 2.06
C ILE E 168 -40.31 -9.67 1.16
N GLY E 169 -40.10 -9.56 -0.16
CA GLY E 169 -41.03 -10.07 -1.13
C GLY E 169 -40.38 -11.08 -2.05
N ARG E 170 -41.18 -11.61 -2.98
CA ARG E 170 -40.68 -12.59 -3.93
C ARG E 170 -39.74 -11.93 -4.93
N GLY E 171 -38.59 -12.56 -5.16
CA GLY E 171 -37.60 -12.03 -6.07
C GLY E 171 -36.67 -11.01 -5.46
N GLN E 172 -36.70 -10.82 -4.14
CA GLN E 172 -35.85 -9.84 -3.49
C GLN E 172 -34.39 -10.29 -3.50
N ARG E 173 -33.49 -9.31 -3.60
CA ARG E 173 -32.05 -9.55 -3.63
C ARG E 173 -31.42 -8.64 -2.56
N GLY E 174 -31.33 -9.15 -1.34
CA GLY E 174 -30.87 -8.40 -0.20
C GLY E 174 -29.51 -8.85 0.31
N LEU E 175 -29.08 -8.18 1.37
CA LEU E 175 -27.79 -8.45 2.01
C LEU E 175 -27.94 -8.29 3.52
N ILE E 176 -27.37 -9.23 4.27
CA ILE E 176 -27.37 -9.18 5.72
C ILE E 176 -25.94 -8.83 6.13
N VAL E 177 -25.68 -7.55 6.32
CA VAL E 177 -24.36 -7.07 6.70
C VAL E 177 -24.26 -7.08 8.22
N ALA E 178 -23.23 -7.76 8.74
CA ALA E 178 -23.06 -7.89 10.17
C ALA E 178 -21.62 -8.30 10.46
N PRO E 179 -20.98 -7.68 11.46
CA PRO E 179 -19.66 -8.13 11.89
C PRO E 179 -19.75 -9.49 12.56
N PRO E 180 -18.63 -10.19 12.73
CA PRO E 180 -18.66 -11.49 13.38
C PRO E 180 -19.09 -11.38 14.85
N LYS E 181 -19.57 -12.51 15.37
CA LYS E 181 -20.06 -12.60 16.75
C LYS E 181 -21.20 -11.62 17.01
N ALA E 182 -22.12 -11.50 16.05
CA ALA E 182 -23.26 -10.61 16.20
C ALA E 182 -24.58 -11.34 16.40
N GLY E 183 -24.70 -12.57 15.92
CA GLY E 183 -25.94 -13.31 16.04
C GLY E 183 -26.53 -13.69 14.69
N LYS E 184 -25.66 -13.83 13.69
CA LYS E 184 -26.13 -14.16 12.34
C LYS E 184 -26.75 -15.56 12.30
N THR E 185 -26.23 -16.48 13.11
CA THR E 185 -26.74 -17.85 13.10
C THR E 185 -28.18 -17.91 13.59
N MET E 186 -28.46 -17.31 14.75
CA MET E 186 -29.81 -17.31 15.28
C MET E 186 -30.77 -16.56 14.37
N LEU E 187 -30.30 -15.45 13.78
CA LEU E 187 -31.15 -14.68 12.88
C LEU E 187 -31.51 -15.50 11.64
N LEU E 188 -30.53 -16.20 11.07
CA LEU E 188 -30.79 -17.04 9.90
C LEU E 188 -31.72 -18.19 10.25
N GLN E 189 -31.54 -18.78 11.44
CA GLN E 189 -32.43 -19.86 11.88
C GLN E 189 -33.86 -19.35 12.02
N ASN E 190 -34.03 -18.17 12.62
CA ASN E 190 -35.36 -17.60 12.78
C ASN E 190 -35.99 -17.29 11.42
N ILE E 191 -35.20 -16.75 10.49
CA ILE E 191 -35.71 -16.45 9.16
C ILE E 191 -36.16 -17.73 8.47
N ALA E 192 -35.35 -18.78 8.55
CA ALA E 192 -35.69 -20.04 7.89
C ALA E 192 -36.94 -20.65 8.51
N GLN E 193 -37.05 -20.61 9.84
CA GLN E 193 -38.24 -21.16 10.49
C GLN E 193 -39.49 -20.37 10.14
N SER E 194 -39.39 -19.03 10.09
CA SER E 194 -40.53 -18.23 9.71
C SER E 194 -40.94 -18.46 8.26
N ILE E 195 -39.97 -18.67 7.37
CA ILE E 195 -40.30 -18.97 5.98
C ILE E 195 -40.98 -20.33 5.87
N ALA E 196 -40.48 -21.32 6.60
CA ALA E 196 -41.08 -22.66 6.54
C ALA E 196 -42.46 -22.68 7.18
N TYR E 197 -42.71 -21.81 8.15
CA TYR E 197 -44.00 -21.78 8.83
C TYR E 197 -45.05 -20.98 8.06
N ASN E 198 -44.69 -19.77 7.61
CA ASN E 198 -45.66 -18.91 6.95
C ASN E 198 -45.90 -19.32 5.50
N HIS E 199 -44.83 -19.65 4.77
CA HIS E 199 -44.91 -19.99 3.35
C HIS E 199 -44.29 -21.36 3.12
N PRO E 200 -45.02 -22.43 3.45
CA PRO E 200 -44.48 -23.78 3.24
C PRO E 200 -44.46 -24.21 1.78
N ASP E 201 -45.15 -23.49 0.89
CA ASP E 201 -45.19 -23.86 -0.52
C ASP E 201 -43.92 -23.51 -1.27
N CYS E 202 -43.14 -22.54 -0.77
CA CYS E 202 -41.92 -22.13 -1.45
C CYS E 202 -40.81 -23.14 -1.21
N VAL E 203 -39.93 -23.26 -2.22
CA VAL E 203 -38.80 -24.18 -2.14
C VAL E 203 -37.66 -23.47 -1.41
N LEU E 204 -37.37 -23.91 -0.19
CA LEU E 204 -36.32 -23.30 0.63
C LEU E 204 -35.03 -24.07 0.46
N MET E 205 -33.94 -23.35 0.17
CA MET E 205 -32.62 -23.94 0.00
C MET E 205 -31.62 -23.11 0.78
N VAL E 206 -30.93 -23.75 1.73
CA VAL E 206 -29.95 -23.09 2.58
C VAL E 206 -28.57 -23.54 2.14
N LEU E 207 -27.75 -22.59 1.70
CA LEU E 207 -26.39 -22.86 1.24
C LEU E 207 -25.41 -22.37 2.30
N LEU E 208 -24.57 -23.29 2.80
CA LEU E 208 -23.57 -22.97 3.82
C LEU E 208 -22.21 -23.44 3.29
N ILE E 209 -21.41 -22.50 2.81
CA ILE E 209 -20.11 -22.79 2.22
C ILE E 209 -19.02 -22.40 3.22
N ASP E 210 -18.06 -23.31 3.44
CA ASP E 210 -16.91 -23.05 4.30
C ASP E 210 -17.33 -22.73 5.73
N GLU E 211 -18.09 -23.64 6.32
CA GLU E 211 -18.57 -23.50 7.69
C GLU E 211 -18.19 -24.75 8.48
N ARG E 212 -18.49 -24.73 9.78
CA ARG E 212 -18.10 -25.82 10.65
C ARG E 212 -19.09 -26.98 10.50
N PRO E 213 -18.62 -28.24 10.62
CA PRO E 213 -19.54 -29.37 10.48
C PRO E 213 -20.63 -29.38 11.55
N GLU E 214 -20.32 -28.95 12.78
CA GLU E 214 -21.34 -28.88 13.82
C GLU E 214 -22.48 -27.93 13.44
N GLU E 215 -22.16 -26.75 12.92
CA GLU E 215 -23.20 -25.84 12.46
C GLU E 215 -23.97 -26.42 11.28
N VAL E 216 -23.30 -27.17 10.40
CA VAL E 216 -23.98 -27.79 9.28
C VAL E 216 -25.02 -28.80 9.76
N THR E 217 -24.61 -29.71 10.65
CA THR E 217 -25.52 -30.73 11.13
C THR E 217 -26.59 -30.14 12.04
N GLU E 218 -26.30 -28.98 12.64
CA GLU E 218 -27.32 -28.27 13.40
C GLU E 218 -28.39 -27.69 12.48
N MET E 219 -27.96 -26.98 11.44
CA MET E 219 -28.92 -26.40 10.50
C MET E 219 -29.72 -27.48 9.77
N GLN E 220 -29.08 -28.62 9.49
CA GLN E 220 -29.77 -29.68 8.77
C GLN E 220 -30.89 -30.30 9.60
N ARG E 221 -30.73 -30.33 10.93
CA ARG E 221 -31.71 -30.92 11.82
C ARG E 221 -32.62 -29.89 12.47
N LEU E 222 -32.59 -28.64 12.00
CA LEU E 222 -33.38 -27.57 12.58
C LEU E 222 -34.41 -26.98 11.63
N VAL E 223 -34.03 -26.74 10.38
CA VAL E 223 -34.92 -26.11 9.40
C VAL E 223 -35.70 -27.20 8.68
N LYS E 224 -36.89 -26.82 8.19
CA LYS E 224 -37.76 -27.74 7.45
C LYS E 224 -37.59 -27.49 5.95
N GLY E 225 -36.49 -28.00 5.43
CA GLY E 225 -36.20 -27.82 4.02
C GLY E 225 -34.93 -28.54 3.61
N GLU E 226 -34.41 -28.16 2.45
CA GLU E 226 -33.20 -28.74 1.90
C GLU E 226 -31.99 -27.95 2.38
N VAL E 227 -30.95 -28.68 2.77
CA VAL E 227 -29.71 -28.06 3.26
C VAL E 227 -28.54 -28.64 2.47
N VAL E 228 -27.92 -27.81 1.64
CA VAL E 228 -26.73 -28.17 0.89
C VAL E 228 -25.58 -27.33 1.42
N ALA E 229 -24.59 -27.99 2.02
CA ALA E 229 -23.48 -27.31 2.67
C ALA E 229 -22.16 -27.93 2.25
N SER E 230 -21.07 -27.19 2.51
CA SER E 230 -19.72 -27.64 2.19
C SER E 230 -18.78 -27.08 3.26
N THR E 231 -18.30 -27.96 4.13
CA THR E 231 -17.47 -27.55 5.25
C THR E 231 -16.12 -27.04 4.73
N PHE E 232 -15.36 -26.42 5.65
CA PHE E 232 -14.06 -25.87 5.31
C PHE E 232 -13.03 -26.93 4.97
N ASP E 233 -13.28 -28.20 5.34
CA ASP E 233 -12.34 -29.28 5.01
C ASP E 233 -12.28 -29.58 3.52
N GLU E 234 -13.18 -29.01 2.72
CA GLU E 234 -13.20 -29.23 1.30
C GLU E 234 -12.52 -28.07 0.56
N PRO E 235 -11.89 -28.33 -0.57
CA PRO E 235 -11.24 -27.25 -1.32
C PRO E 235 -12.26 -26.30 -1.93
N ALA E 236 -11.74 -25.17 -2.44
CA ALA E 236 -12.62 -24.17 -3.03
C ALA E 236 -13.26 -24.67 -4.32
N SER E 237 -12.66 -25.67 -4.96
CA SER E 237 -13.25 -26.24 -6.17
C SER E 237 -14.62 -26.85 -5.88
N ARG E 238 -14.74 -27.58 -4.77
CA ARG E 238 -16.03 -28.15 -4.40
C ARG E 238 -17.02 -27.04 -4.05
N HIS E 239 -16.54 -25.96 -3.45
CA HIS E 239 -17.40 -24.82 -3.16
C HIS E 239 -17.98 -24.25 -4.45
N VAL E 240 -17.13 -24.02 -5.45
CA VAL E 240 -17.58 -23.49 -6.73
C VAL E 240 -18.56 -24.45 -7.39
N GLN E 241 -18.25 -25.74 -7.34
CA GLN E 241 -19.12 -26.74 -7.95
C GLN E 241 -20.50 -26.76 -7.29
N VAL E 242 -20.53 -26.70 -5.96
CA VAL E 242 -21.80 -26.71 -5.23
C VAL E 242 -22.60 -25.45 -5.54
N ALA E 243 -21.92 -24.29 -5.58
CA ALA E 243 -22.62 -23.05 -5.90
C ALA E 243 -23.21 -23.11 -7.30
N GLU E 244 -22.45 -23.62 -8.28
CA GLU E 244 -22.95 -23.73 -9.64
C GLU E 244 -24.13 -24.68 -9.73
N MET E 245 -24.05 -25.84 -9.07
CA MET E 245 -25.16 -26.79 -9.10
C MET E 245 -26.41 -26.18 -8.46
N VAL E 246 -26.25 -25.48 -7.34
CA VAL E 246 -27.40 -24.90 -6.66
C VAL E 246 -28.05 -23.82 -7.53
N ILE E 247 -27.23 -22.95 -8.13
CA ILE E 247 -27.83 -21.88 -8.92
C ILE E 247 -28.46 -22.44 -10.20
N GLU E 248 -27.88 -23.50 -10.77
CA GLU E 248 -28.48 -24.10 -11.96
C GLU E 248 -29.80 -24.78 -11.63
N LYS E 249 -29.86 -25.48 -10.49
CA LYS E 249 -31.12 -26.08 -10.07
C LYS E 249 -32.16 -25.01 -9.78
N ALA E 250 -31.75 -23.88 -9.18
CA ALA E 250 -32.68 -22.80 -8.92
C ALA E 250 -33.23 -22.22 -10.23
N LYS E 251 -32.35 -22.02 -11.22
CA LYS E 251 -32.79 -21.52 -12.50
C LYS E 251 -33.75 -22.48 -13.18
N ARG E 252 -33.43 -23.78 -13.14
CA ARG E 252 -34.31 -24.77 -13.77
C ARG E 252 -35.66 -24.84 -13.08
N LEU E 253 -35.69 -24.64 -11.76
CA LEU E 253 -36.97 -24.62 -11.04
C LEU E 253 -37.77 -23.36 -11.37
N VAL E 254 -37.10 -22.21 -11.44
CA VAL E 254 -37.80 -20.96 -11.79
C VAL E 254 -38.35 -21.04 -13.20
N GLU E 255 -37.65 -21.73 -14.10
CA GLU E 255 -38.14 -21.90 -15.46
C GLU E 255 -39.47 -22.63 -15.51
N HIS E 256 -39.80 -23.43 -14.48
CA HIS E 256 -41.08 -24.10 -14.38
C HIS E 256 -42.05 -23.37 -13.45
N LYS E 257 -41.88 -22.06 -13.31
CA LYS E 257 -42.77 -21.21 -12.50
C LYS E 257 -42.82 -21.67 -11.05
N LYS E 258 -41.64 -21.85 -10.44
CA LYS E 258 -41.52 -22.21 -9.05
C LYS E 258 -40.90 -21.07 -8.25
N ASP E 259 -41.26 -21.00 -6.97
CA ASP E 259 -40.78 -19.97 -6.06
C ASP E 259 -39.59 -20.54 -5.28
N VAL E 260 -38.38 -20.17 -5.69
CA VAL E 260 -37.16 -20.65 -5.07
C VAL E 260 -36.65 -19.59 -4.09
N ILE E 261 -36.22 -20.04 -2.92
CA ILE E 261 -35.66 -19.17 -1.90
C ILE E 261 -34.30 -19.71 -1.50
N ILE E 262 -33.26 -18.90 -1.65
CA ILE E 262 -31.88 -19.28 -1.35
C ILE E 262 -31.39 -18.41 -0.21
N LEU E 263 -31.05 -19.03 0.92
CA LEU E 263 -30.52 -18.32 2.08
C LEU E 263 -29.02 -18.56 2.13
N LEU E 264 -28.27 -17.66 1.50
CA LEU E 264 -26.82 -17.77 1.46
C LEU E 264 -26.22 -17.15 2.72
N ASP E 265 -25.22 -17.81 3.29
CA ASP E 265 -24.54 -17.35 4.49
C ASP E 265 -23.04 -17.19 4.29
N SER E 266 -22.56 -17.27 3.05
CA SER E 266 -21.13 -17.29 2.78
C SER E 266 -20.74 -16.55 1.52
N ILE E 267 -21.43 -15.46 1.18
CA ILE E 267 -21.11 -14.69 -0.02
C ILE E 267 -19.65 -14.26 0.00
N THR E 268 -19.16 -13.86 1.18
CA THR E 268 -17.76 -13.52 1.34
C THR E 268 -16.87 -14.74 1.12
N ARG E 269 -17.25 -15.86 1.73
CA ARG E 269 -16.48 -17.09 1.55
C ARG E 269 -16.54 -17.57 0.10
N LEU E 270 -17.68 -17.39 -0.56
CA LEU E 270 -17.79 -17.75 -1.97
C LEU E 270 -16.88 -16.89 -2.83
N ALA E 271 -16.83 -15.59 -2.54
CA ALA E 271 -15.94 -14.70 -3.27
C ALA E 271 -14.48 -15.07 -3.03
N ARG E 272 -14.14 -15.44 -1.80
CA ARG E 272 -12.78 -15.89 -1.51
C ARG E 272 -12.45 -17.17 -2.29
N ALA E 273 -13.40 -18.10 -2.35
CA ALA E 273 -13.17 -19.33 -3.11
C ALA E 273 -12.96 -19.03 -4.59
N TYR E 274 -13.77 -18.12 -5.15
CA TYR E 274 -13.62 -17.77 -6.55
C TYR E 274 -12.30 -17.06 -6.81
N ASN E 275 -11.87 -16.21 -5.87
CA ASN E 275 -10.56 -15.56 -6.01
C ASN E 275 -9.41 -16.55 -5.85
N THR E 276 -9.64 -17.66 -5.14
CA THR E 276 -8.60 -18.67 -5.00
C THR E 276 -8.52 -19.57 -6.23
N VAL E 277 -9.66 -19.90 -6.84
CA VAL E 277 -9.67 -20.83 -7.98
C VAL E 277 -9.37 -20.14 -9.31
N VAL E 278 -9.33 -18.82 -9.35
CA VAL E 278 -9.06 -18.11 -10.60
C VAL E 278 -7.56 -18.10 -10.85
N PRO E 279 -7.11 -18.37 -12.07
CA PRO E 279 -5.67 -18.34 -12.35
C PRO E 279 -5.11 -16.94 -12.20
N ALA E 280 -3.86 -16.86 -11.73
CA ALA E 280 -3.22 -15.57 -11.54
C ALA E 280 -2.93 -14.91 -12.88
N SER E 281 -3.23 -13.61 -12.97
CA SER E 281 -3.03 -12.83 -14.18
C SER E 281 -1.96 -11.77 -14.03
N GLY E 282 -1.19 -11.81 -12.95
CA GLY E 282 -0.15 -10.83 -12.73
C GLY E 282 -0.62 -9.44 -12.36
N LYS E 283 -1.91 -9.27 -12.07
CA LYS E 283 -2.47 -7.98 -11.69
C LYS E 283 -3.33 -8.17 -10.46
N VAL E 284 -2.92 -7.58 -9.35
CA VAL E 284 -3.62 -7.70 -8.07
C VAL E 284 -4.08 -6.32 -7.64
N LEU E 285 -5.36 -6.20 -7.28
CA LEU E 285 -5.92 -4.94 -6.83
C LEU E 285 -5.66 -4.74 -5.34
N THR E 286 -6.21 -3.65 -4.82
CA THR E 286 -6.05 -3.33 -3.40
C THR E 286 -6.77 -4.35 -2.53
N GLY E 287 -6.03 -4.95 -1.60
CA GLY E 287 -6.58 -5.93 -0.69
C GLY E 287 -6.37 -7.37 -1.10
N GLY E 288 -5.80 -7.63 -2.27
CA GLY E 288 -5.58 -8.99 -2.71
C GLY E 288 -6.74 -9.59 -3.50
N VAL E 289 -7.47 -8.77 -4.24
CA VAL E 289 -8.61 -9.22 -5.03
C VAL E 289 -8.23 -9.17 -6.51
N ASP E 290 -8.50 -10.25 -7.22
CA ASP E 290 -8.23 -10.28 -8.66
C ASP E 290 -9.27 -9.47 -9.41
N ALA E 291 -8.88 -8.98 -10.59
CA ALA E 291 -9.79 -8.14 -11.38
C ALA E 291 -10.97 -8.93 -11.91
N ASN E 292 -10.78 -10.22 -12.20
CA ASN E 292 -11.84 -11.07 -12.74
C ASN E 292 -12.33 -12.10 -11.74
N ALA E 293 -12.08 -11.89 -10.45
CA ALA E 293 -12.51 -12.86 -9.44
C ALA E 293 -13.94 -12.60 -8.96
N LEU E 294 -14.36 -11.34 -8.93
CA LEU E 294 -15.68 -10.99 -8.44
C LEU E 294 -16.78 -11.12 -9.48
N HIS E 295 -16.44 -11.48 -10.72
CA HIS E 295 -17.45 -11.57 -11.77
C HIS E 295 -18.41 -12.74 -11.52
N ARG E 296 -17.87 -13.91 -11.15
CA ARG E 296 -18.72 -15.06 -10.89
C ARG E 296 -19.63 -14.85 -9.68
N PRO E 297 -19.15 -14.35 -8.52
CA PRO E 297 -20.10 -14.02 -7.45
C PRO E 297 -21.06 -12.92 -7.83
N LYS E 298 -20.63 -11.96 -8.67
CA LYS E 298 -21.54 -10.92 -9.14
C LYS E 298 -22.70 -11.54 -9.90
N ARG E 299 -22.42 -12.47 -10.82
CA ARG E 299 -23.50 -13.12 -11.56
C ARG E 299 -24.34 -14.00 -10.66
N PHE E 300 -23.72 -14.72 -9.72
CA PHE E 300 -24.48 -15.57 -8.80
C PHE E 300 -25.46 -14.73 -7.98
N PHE E 301 -25.03 -13.53 -7.58
CA PHE E 301 -25.91 -12.65 -6.82
C PHE E 301 -27.01 -12.08 -7.72
N GLY E 302 -26.63 -11.59 -8.90
CA GLY E 302 -27.60 -10.99 -9.81
C GLY E 302 -28.56 -11.98 -10.45
N ALA E 303 -28.34 -13.29 -10.27
CA ALA E 303 -29.26 -14.27 -10.81
C ALA E 303 -30.65 -14.11 -10.20
N ALA E 304 -30.73 -13.64 -8.95
CA ALA E 304 -32.01 -13.43 -8.29
C ALA E 304 -32.82 -12.36 -9.02
N ARG E 305 -34.07 -12.68 -9.33
CA ARG E 305 -34.96 -11.77 -10.03
C ARG E 305 -36.38 -12.29 -9.93
N ASN E 306 -37.34 -11.39 -10.12
CA ASN E 306 -38.76 -11.74 -10.12
C ASN E 306 -39.23 -11.88 -11.56
N VAL E 307 -39.91 -12.98 -11.84
CA VAL E 307 -40.37 -13.29 -13.20
C VAL E 307 -41.84 -12.93 -13.32
N GLU E 308 -42.20 -12.25 -14.41
CA GLU E 308 -43.59 -11.87 -14.64
C GLU E 308 -44.42 -13.05 -15.13
N GLU E 309 -43.84 -13.93 -15.94
CA GLU E 309 -44.57 -15.08 -16.44
C GLU E 309 -44.91 -16.07 -15.33
N GLY E 310 -44.10 -16.13 -14.29
CA GLY E 310 -44.36 -17.04 -13.18
C GLY E 310 -43.11 -17.42 -12.41
N GLY E 311 -43.25 -17.57 -11.10
CA GLY E 311 -42.11 -17.92 -10.26
C GLY E 311 -41.28 -16.73 -9.87
N SER E 312 -40.30 -16.99 -9.00
CA SER E 312 -39.40 -15.96 -8.51
C SER E 312 -38.17 -16.63 -7.93
N LEU E 313 -37.13 -15.83 -7.71
CA LEU E 313 -35.87 -16.31 -7.14
C LEU E 313 -35.39 -15.30 -6.12
N THR E 314 -35.38 -15.69 -4.85
CA THR E 314 -34.94 -14.84 -3.76
C THR E 314 -33.61 -15.33 -3.22
N ILE E 315 -32.65 -14.42 -3.09
CA ILE E 315 -31.32 -14.73 -2.59
C ILE E 315 -31.00 -13.75 -1.47
N ILE E 316 -30.85 -14.26 -0.26
CA ILE E 316 -30.52 -13.45 0.91
C ILE E 316 -29.13 -13.89 1.37
N ALA E 317 -28.11 -13.07 1.05
CA ALA E 317 -26.73 -13.37 1.39
C ALA E 317 -26.30 -12.54 2.59
N THR E 318 -25.49 -13.15 3.45
CA THR E 318 -24.97 -12.49 4.64
C THR E 318 -23.50 -12.16 4.41
N ALA E 319 -23.19 -10.86 4.34
CA ALA E 319 -21.83 -10.40 4.11
C ALA E 319 -21.10 -10.20 5.43
N LEU E 320 -19.79 -10.40 5.40
CA LEU E 320 -18.95 -10.25 6.58
C LEU E 320 -18.13 -8.96 6.49
N ILE E 321 -18.13 -8.19 7.58
CA ILE E 321 -17.38 -6.96 7.68
C ILE E 321 -16.60 -6.97 9.00
N ASP E 322 -15.60 -6.09 9.08
CA ASP E 322 -14.78 -5.92 10.27
C ASP E 322 -14.13 -7.23 10.69
N THR E 323 -13.72 -8.02 9.70
CA THR E 323 -13.08 -9.30 9.95
C THR E 323 -11.55 -9.20 10.02
N GLY E 324 -11.00 -7.98 9.94
CA GLY E 324 -9.56 -7.80 9.98
C GLY E 324 -8.85 -7.99 8.66
N SER E 325 -9.55 -8.44 7.62
CA SER E 325 -8.96 -8.65 6.30
C SER E 325 -9.49 -7.59 5.35
N LYS E 326 -8.57 -6.92 4.64
CA LYS E 326 -8.98 -5.88 3.70
C LYS E 326 -9.69 -6.47 2.49
N MET E 327 -9.43 -7.73 2.17
CA MET E 327 -10.09 -8.36 1.03
C MET E 327 -11.60 -8.44 1.24
N ASP E 328 -12.02 -8.86 2.44
CA ASP E 328 -13.44 -8.91 2.75
C ASP E 328 -14.06 -7.51 2.74
N GLU E 329 -13.32 -6.50 3.19
CA GLU E 329 -13.82 -5.14 3.15
C GLU E 329 -14.04 -4.67 1.71
N VAL E 330 -13.09 -4.99 0.83
CA VAL E 330 -13.25 -4.62 -0.58
C VAL E 330 -14.43 -5.36 -1.20
N ILE E 331 -14.60 -6.63 -0.86
CA ILE E 331 -15.72 -7.41 -1.39
C ILE E 331 -17.04 -6.81 -0.93
N TYR E 332 -17.21 -6.89 0.40
CA TYR E 332 -18.52 -6.52 1.01
C TYR E 332 -19.15 -5.36 0.27
N GLU E 333 -18.55 -4.20 0.43
CA GLU E 333 -19.17 -3.00 -0.19
C GLU E 333 -19.08 -3.14 -1.71
N GLU E 334 -18.04 -3.81 -2.24
CA GLU E 334 -18.02 -4.00 -3.71
C GLU E 334 -19.43 -4.43 -4.12
N PHE E 335 -20.08 -5.25 -3.29
CA PHE E 335 -21.48 -5.66 -3.57
C PHE E 335 -22.43 -4.74 -2.81
N LYS E 336 -21.93 -3.79 -2.00
CA LYS E 336 -22.89 -2.91 -1.36
C LYS E 336 -23.77 -2.19 -2.37
N GLY E 337 -23.15 -1.70 -3.44
CA GLY E 337 -23.95 -1.09 -4.52
C GLY E 337 -24.70 -2.17 -5.28
N THR E 338 -24.42 -3.44 -4.98
CA THR E 338 -25.09 -4.58 -5.66
C THR E 338 -26.04 -5.27 -4.70
N GLY E 339 -27.14 -4.62 -4.34
CA GLY E 339 -28.15 -5.21 -3.44
C GLY E 339 -29.18 -4.18 -3.05
N ASN E 340 -30.46 -4.46 -3.28
CA ASN E 340 -31.47 -3.44 -3.00
C ASN E 340 -32.06 -3.57 -1.59
N MET E 341 -31.34 -4.21 -0.67
CA MET E 341 -31.81 -4.35 0.71
C MET E 341 -30.61 -4.61 1.60
N GLU E 342 -30.44 -3.78 2.63
CA GLU E 342 -29.34 -3.93 3.58
C GLU E 342 -29.91 -3.97 4.98
N LEU E 343 -29.63 -5.05 5.71
CA LEU E 343 -30.06 -5.22 7.09
C LEU E 343 -28.81 -5.27 7.95
N HIS E 344 -28.40 -4.11 8.46
CA HIS E 344 -27.17 -4.01 9.23
C HIS E 344 -27.40 -4.43 10.68
N LEU E 345 -26.40 -5.08 11.26
CA LEU E 345 -26.42 -5.48 12.66
C LEU E 345 -25.26 -4.80 13.38
N SER E 346 -25.52 -4.31 14.59
CA SER E 346 -24.55 -3.55 15.36
C SER E 346 -23.87 -4.45 16.38
N ARG E 347 -22.53 -4.42 16.39
CA ARG E 347 -21.78 -5.20 17.38
C ARG E 347 -21.92 -4.59 18.78
N LYS E 348 -22.05 -3.26 18.86
CA LYS E 348 -22.19 -2.62 20.16
C LYS E 348 -23.47 -3.05 20.86
N ILE E 349 -24.55 -3.24 20.10
CA ILE E 349 -25.79 -3.70 20.68
C ILE E 349 -25.70 -5.19 21.04
N ALA E 350 -24.95 -5.97 20.26
CA ALA E 350 -24.81 -7.39 20.56
C ALA E 350 -23.97 -7.60 21.81
N GLU E 351 -23.01 -6.72 22.07
CA GLU E 351 -22.20 -6.82 23.29
C GLU E 351 -23.02 -6.56 24.55
N LYS E 352 -24.11 -5.80 24.44
CA LYS E 352 -25.00 -5.54 25.57
C LYS E 352 -26.02 -6.66 25.77
N ARG E 353 -25.91 -7.75 25.01
CA ARG E 353 -26.82 -8.89 25.10
C ARG E 353 -28.27 -8.47 24.86
N VAL E 354 -28.46 -7.58 23.88
CA VAL E 354 -29.79 -7.11 23.50
C VAL E 354 -30.10 -7.76 22.15
N PHE E 355 -30.87 -8.85 22.17
CA PHE E 355 -31.22 -9.57 20.97
C PHE E 355 -32.66 -9.26 20.58
N PRO E 356 -32.92 -8.98 19.29
CA PRO E 356 -31.91 -8.94 18.23
C PRO E 356 -31.15 -7.61 18.17
N ALA E 357 -29.90 -7.65 17.74
CA ALA E 357 -29.07 -6.45 17.61
C ALA E 357 -29.11 -5.99 16.16
N ILE E 358 -30.19 -5.31 15.81
CA ILE E 358 -30.44 -4.86 14.45
C ILE E 358 -30.28 -3.35 14.39
N ASP E 359 -29.53 -2.86 13.41
CA ASP E 359 -29.37 -1.42 13.19
C ASP E 359 -30.58 -0.94 12.38
N TYR E 360 -31.59 -0.43 13.09
CA TYR E 360 -32.82 -0.01 12.42
C TYR E 360 -32.61 1.23 11.57
N ASN E 361 -31.63 2.06 11.94
CA ASN E 361 -31.43 3.31 11.21
C ASN E 361 -30.93 3.06 9.79
N ARG E 362 -29.88 2.25 9.63
CA ARG E 362 -29.32 2.02 8.31
C ARG E 362 -30.09 0.98 7.50
N SER E 363 -31.02 0.27 8.12
CA SER E 363 -31.83 -0.70 7.39
C SER E 363 -32.87 0.01 6.54
N GLY E 364 -33.49 -0.75 5.64
CA GLY E 364 -34.50 -0.21 4.76
C GLY E 364 -34.64 -1.05 3.51
N THR E 365 -35.70 -0.76 2.76
CA THR E 365 -36.00 -1.46 1.52
C THR E 365 -36.46 -0.46 0.48
N ARG E 366 -35.91 -0.57 -0.73
CA ARG E 366 -36.30 0.31 -1.83
C ARG E 366 -37.60 -0.18 -2.45
N LYS E 367 -38.44 0.77 -2.88
CA LYS E 367 -39.75 0.47 -3.45
C LYS E 367 -40.60 -0.34 -2.49
N GLU E 368 -40.57 0.06 -1.21
CA GLU E 368 -41.33 -0.65 -0.18
C GLU E 368 -42.83 -0.44 -0.32
N GLU E 369 -43.26 0.57 -1.08
CA GLU E 369 -44.69 0.81 -1.24
C GLU E 369 -45.36 -0.28 -2.07
N LEU E 370 -44.60 -1.09 -2.80
CA LEU E 370 -45.16 -2.16 -3.60
C LEU E 370 -45.46 -3.41 -2.77
N LEU E 371 -45.06 -3.45 -1.51
CA LEU E 371 -45.30 -4.59 -0.63
C LEU E 371 -46.15 -4.24 0.59
N THR E 372 -46.44 -2.97 0.82
CA THR E 372 -47.22 -2.54 1.97
C THR E 372 -48.32 -1.59 1.51
N THR E 373 -49.36 -1.50 2.33
CA THR E 373 -50.47 -0.62 2.02
C THR E 373 -50.10 0.84 2.33
N GLN E 374 -51.04 1.74 2.05
CA GLN E 374 -50.79 3.16 2.27
C GLN E 374 -50.69 3.48 3.76
N GLU E 375 -51.65 3.01 4.55
CA GLU E 375 -51.62 3.28 5.99
C GLU E 375 -50.45 2.58 6.66
N GLU E 376 -50.11 1.37 6.22
CA GLU E 376 -48.96 0.67 6.78
C GLU E 376 -47.66 1.43 6.46
N LEU E 377 -47.52 1.92 5.24
CA LEU E 377 -46.34 2.69 4.87
C LEU E 377 -46.26 3.99 5.66
N GLN E 378 -47.41 4.65 5.88
CA GLN E 378 -47.41 5.88 6.66
C GLN E 378 -47.01 5.60 8.10
N LYS E 379 -47.52 4.51 8.69
CA LYS E 379 -47.16 4.16 10.05
C LYS E 379 -45.68 3.80 10.16
N MET E 380 -45.13 3.09 9.16
CA MET E 380 -43.71 2.79 9.18
C MET E 380 -42.87 4.06 9.04
N TRP E 381 -43.31 5.00 8.21
CA TRP E 381 -42.60 6.28 8.08
C TRP E 381 -42.62 7.06 9.40
N ILE E 382 -43.77 7.08 10.07
CA ILE E 382 -43.85 7.77 11.36
C ILE E 382 -42.96 7.08 12.39
N LEU E 383 -42.95 5.75 12.40
CA LEU E 383 -42.10 5.03 13.34
C LEU E 383 -40.63 5.30 13.08
N ARG E 384 -40.24 5.39 11.81
CA ARG E 384 -38.85 5.70 11.48
C ARG E 384 -38.49 7.13 11.88
N LYS E 385 -39.42 8.07 11.67
CA LYS E 385 -39.14 9.45 12.04
C LYS E 385 -39.08 9.62 13.56
N ILE E 386 -39.79 8.77 14.31
CA ILE E 386 -39.70 8.83 15.76
C ILE E 386 -38.43 8.14 16.27
N ILE E 387 -38.02 7.05 15.61
CA ILE E 387 -36.87 6.29 16.07
C ILE E 387 -35.56 6.98 15.70
N HIS E 388 -35.52 7.67 14.56
CA HIS E 388 -34.27 8.27 14.06
C HIS E 388 -33.56 9.17 15.06
N PRO E 389 -34.23 10.08 15.79
CA PRO E 389 -33.49 10.92 16.74
C PRO E 389 -32.82 10.14 17.86
N MET E 390 -33.46 9.09 18.35
CA MET E 390 -32.90 8.32 19.46
C MET E 390 -31.69 7.52 19.01
N GLY E 391 -30.83 7.18 19.98
CA GLY E 391 -29.67 6.37 19.71
C GLY E 391 -30.03 4.93 19.37
N GLU E 392 -29.04 4.20 18.85
CA GLU E 392 -29.27 2.83 18.40
C GLU E 392 -29.73 1.94 19.55
N ILE E 393 -28.97 1.92 20.64
CA ILE E 393 -29.32 1.07 21.78
C ILE E 393 -30.63 1.53 22.40
N ASP E 394 -30.81 2.84 22.54
CA ASP E 394 -32.05 3.37 23.11
C ASP E 394 -33.24 3.04 22.21
N ALA E 395 -33.10 3.17 20.89
CA ALA E 395 -34.19 2.85 19.99
C ALA E 395 -34.52 1.37 20.04
N MET E 396 -33.50 0.51 20.13
CA MET E 396 -33.76 -0.92 20.22
C MET E 396 -34.48 -1.28 21.51
N GLU E 397 -34.05 -0.68 22.64
CA GLU E 397 -34.73 -0.93 23.91
C GLU E 397 -36.17 -0.44 23.86
N PHE E 398 -36.41 0.74 23.29
CA PHE E 398 -37.76 1.26 23.15
C PHE E 398 -38.63 0.33 22.30
N LEU E 399 -38.10 -0.13 21.17
CA LEU E 399 -38.85 -1.01 20.30
C LEU E 399 -39.17 -2.34 20.98
N ILE E 400 -38.21 -2.89 21.71
CA ILE E 400 -38.44 -4.16 22.41
C ILE E 400 -39.50 -3.98 23.49
N ASN E 401 -39.40 -2.90 24.28
CA ASN E 401 -40.35 -2.68 25.35
C ASN E 401 -41.75 -2.39 24.82
N LYS E 402 -41.84 -1.81 23.63
CA LYS E 402 -43.15 -1.53 23.06
C LYS E 402 -43.75 -2.73 22.35
N LEU E 403 -42.90 -3.61 21.80
CA LEU E 403 -43.43 -4.81 21.15
C LEU E 403 -43.73 -5.92 22.16
N ALA E 404 -43.11 -5.87 23.35
CA ALA E 404 -43.42 -6.85 24.37
C ALA E 404 -44.80 -6.65 24.98
N MET E 405 -45.37 -5.45 24.85
CA MET E 405 -46.68 -5.18 25.45
C MET E 405 -47.81 -5.86 24.69
N THR E 406 -47.68 -5.98 23.37
CA THR E 406 -48.74 -6.54 22.53
C THR E 406 -48.19 -7.72 21.73
N LYS E 407 -49.08 -8.38 20.99
CA LYS E 407 -48.72 -9.52 20.17
C LYS E 407 -48.52 -9.13 18.70
N THR E 408 -49.36 -8.24 18.17
CA THR E 408 -49.29 -7.81 16.79
C THR E 408 -48.80 -6.38 16.70
N ASN E 409 -48.15 -6.06 15.57
CA ASN E 409 -47.63 -4.72 15.37
C ASN E 409 -48.73 -3.72 15.08
N ASP E 410 -49.91 -4.20 14.64
CA ASP E 410 -51.02 -3.30 14.38
C ASP E 410 -51.48 -2.60 15.66
N ASP E 411 -51.53 -3.33 16.77
CA ASP E 411 -51.88 -2.71 18.04
C ASP E 411 -50.85 -1.67 18.46
N PHE E 412 -49.57 -1.95 18.24
CA PHE E 412 -48.53 -0.96 18.55
C PHE E 412 -48.70 0.29 17.71
N PHE E 413 -48.95 0.12 16.40
CA PHE E 413 -49.15 1.28 15.55
C PHE E 413 -50.38 2.07 15.95
N GLU E 414 -51.45 1.39 16.37
CA GLU E 414 -52.66 2.08 16.80
C GLU E 414 -52.44 2.81 18.11
N MET E 415 -51.61 2.26 19.00
CA MET E 415 -51.34 2.92 20.28
C MET E 415 -50.34 4.06 20.12
N MET E 416 -49.52 4.04 19.07
CA MET E 416 -48.57 5.14 18.86
C MET E 416 -49.29 6.44 18.53
N LYS E 417 -50.41 6.35 17.81
CA LYS E 417 -51.18 7.54 17.45
C LYS E 417 -51.97 8.07 18.66
N MET F 1 -42.27 -4.83 -47.07
CA MET F 1 -41.40 -5.84 -46.49
C MET F 1 -40.24 -5.21 -45.76
N ASN F 2 -40.44 -4.91 -44.47
CA ASN F 2 -39.43 -4.30 -43.62
C ASN F 2 -39.09 -5.23 -42.47
N LEU F 3 -37.84 -5.19 -42.04
CA LEU F 3 -37.40 -6.08 -40.96
C LEU F 3 -38.03 -5.70 -39.63
N THR F 4 -38.03 -4.40 -39.31
CA THR F 4 -38.59 -3.95 -38.04
C THR F 4 -40.09 -4.20 -37.96
N GLU F 5 -40.79 -4.11 -39.10
CA GLU F 5 -42.23 -4.39 -39.09
C GLU F 5 -42.50 -5.85 -38.74
N LEU F 6 -41.70 -6.78 -39.26
CA LEU F 6 -41.86 -8.18 -38.91
C LEU F 6 -41.38 -8.46 -37.48
N LYS F 7 -40.41 -7.68 -37.00
CA LYS F 7 -39.97 -7.83 -35.61
C LYS F 7 -41.00 -7.34 -34.61
N ASN F 8 -41.80 -6.34 -34.98
CA ASN F 8 -42.81 -5.83 -34.06
C ASN F 8 -44.06 -6.71 -34.03
N THR F 9 -44.27 -7.53 -35.06
CA THR F 9 -45.43 -8.39 -35.09
C THR F 9 -45.33 -9.47 -34.00
N PRO F 10 -46.45 -9.92 -33.46
CA PRO F 10 -46.41 -10.96 -32.43
C PRO F 10 -46.05 -12.33 -33.01
N VAL F 11 -45.87 -13.30 -32.12
CA VAL F 11 -45.45 -14.62 -32.52
C VAL F 11 -46.60 -15.37 -33.19
N SER F 12 -47.82 -15.19 -32.67
CA SER F 12 -48.96 -15.96 -33.17
C SER F 12 -49.27 -15.59 -34.62
N GLU F 13 -49.30 -14.30 -34.92
CA GLU F 13 -49.57 -13.88 -36.30
C GLU F 13 -48.48 -14.33 -37.27
N LEU F 14 -47.22 -14.32 -36.82
CA LEU F 14 -46.13 -14.79 -37.68
C LEU F 14 -46.25 -16.29 -37.93
N ILE F 15 -46.61 -17.06 -36.89
CA ILE F 15 -46.81 -18.50 -37.07
C ILE F 15 -47.96 -18.75 -38.04
N THR F 16 -49.05 -17.99 -37.91
CA THR F 16 -50.19 -18.15 -38.80
C THR F 16 -49.81 -17.82 -40.24
N LEU F 17 -49.07 -16.73 -40.43
CA LEU F 17 -48.64 -16.35 -41.78
C LEU F 17 -47.72 -17.40 -42.39
N GLY F 18 -46.79 -17.93 -41.59
CA GLY F 18 -45.90 -18.97 -42.08
C GLY F 18 -46.63 -20.25 -42.43
N GLU F 19 -47.64 -20.63 -41.64
CA GLU F 19 -48.44 -21.80 -41.96
C GLU F 19 -49.27 -21.58 -43.22
N ASN F 20 -49.75 -20.35 -43.43
CA ASN F 20 -50.47 -20.05 -44.67
C ASN F 20 -49.55 -20.06 -45.88
N MET F 21 -48.28 -19.68 -45.69
CA MET F 21 -47.35 -19.69 -46.82
C MET F 21 -46.95 -21.10 -47.21
N GLY F 22 -47.24 -22.09 -46.37
CA GLY F 22 -46.93 -23.47 -46.68
C GLY F 22 -45.47 -23.83 -46.49
N LEU F 23 -44.99 -23.75 -45.25
CA LEU F 23 -43.61 -24.09 -44.90
C LEU F 23 -43.62 -25.12 -43.79
N GLU F 24 -42.43 -25.40 -43.26
CA GLU F 24 -42.31 -26.35 -42.15
C GLU F 24 -43.00 -25.80 -40.91
N ASN F 25 -43.37 -26.70 -40.01
CA ASN F 25 -44.06 -26.35 -38.78
C ASN F 25 -43.30 -25.29 -38.00
N LEU F 26 -43.93 -24.12 -37.83
CA LEU F 26 -43.30 -22.98 -37.18
C LEU F 26 -43.62 -22.89 -35.69
N ALA F 27 -44.48 -23.76 -35.17
CA ALA F 27 -44.79 -23.73 -33.74
C ALA F 27 -43.55 -24.06 -32.91
N ARG F 28 -42.80 -25.08 -33.31
CA ARG F 28 -41.53 -25.42 -32.66
C ARG F 28 -40.35 -24.75 -33.36
N MET F 29 -40.44 -23.43 -33.51
CA MET F 29 -39.40 -22.66 -34.19
C MET F 29 -39.26 -21.31 -33.52
N ARG F 30 -38.05 -20.75 -33.60
CA ARG F 30 -37.80 -19.42 -33.05
C ARG F 30 -38.44 -18.35 -33.93
N LYS F 31 -38.76 -17.22 -33.31
CA LYS F 31 -39.37 -16.11 -34.05
C LYS F 31 -38.44 -15.59 -35.14
N GLN F 32 -37.14 -15.51 -34.85
CA GLN F 32 -36.18 -15.06 -35.85
C GLN F 32 -36.12 -16.04 -37.02
N ASP F 33 -36.14 -17.34 -36.74
CA ASP F 33 -36.16 -18.33 -37.81
C ASP F 33 -37.45 -18.26 -38.62
N ILE F 34 -38.56 -17.98 -37.95
CA ILE F 34 -39.83 -17.80 -38.65
C ILE F 34 -39.76 -16.62 -39.61
N ILE F 35 -39.21 -15.50 -39.14
CA ILE F 35 -39.08 -14.31 -39.98
C ILE F 35 -38.15 -14.61 -41.15
N PHE F 36 -37.06 -15.34 -40.89
CA PHE F 36 -36.12 -15.67 -41.94
C PHE F 36 -36.77 -16.54 -43.01
N ALA F 37 -37.55 -17.54 -42.59
CA ALA F 37 -38.23 -18.41 -43.55
C ALA F 37 -39.30 -17.64 -44.33
N ILE F 38 -40.00 -16.73 -43.66
CA ILE F 38 -41.01 -15.92 -44.36
C ILE F 38 -40.34 -15.03 -45.40
N LEU F 39 -39.20 -14.42 -45.05
CA LEU F 39 -38.48 -13.59 -46.01
C LEU F 39 -37.98 -14.42 -47.19
N LYS F 40 -37.47 -15.63 -46.93
CA LYS F 40 -37.04 -16.50 -48.01
C LYS F 40 -38.20 -16.83 -48.94
N GLN F 41 -39.34 -17.23 -48.37
CA GLN F 41 -40.48 -17.61 -49.18
C GLN F 41 -41.03 -16.42 -49.97
N HIS F 42 -40.96 -15.22 -49.39
CA HIS F 42 -41.47 -14.04 -50.08
C HIS F 42 -40.51 -13.60 -51.19
N ALA F 43 -39.20 -13.81 -51.00
CA ALA F 43 -38.24 -13.48 -52.04
C ALA F 43 -38.20 -14.52 -53.15
N LYS F 44 -38.62 -15.75 -52.87
CA LYS F 44 -38.72 -16.75 -53.94
C LYS F 44 -39.77 -16.37 -54.96
N SER F 45 -40.75 -15.57 -54.58
CA SER F 45 -41.77 -15.11 -55.51
C SER F 45 -41.30 -13.95 -56.38
N GLY F 46 -40.14 -13.36 -56.08
CA GLY F 46 -39.60 -12.27 -56.88
C GLY F 46 -39.74 -10.90 -56.26
N GLU F 47 -40.44 -10.77 -55.14
CA GLU F 47 -40.61 -9.47 -54.51
C GLU F 47 -39.33 -9.02 -53.81
N ASP F 48 -39.26 -7.72 -53.54
CA ASP F 48 -38.09 -7.14 -52.90
C ASP F 48 -38.24 -7.12 -51.39
N ILE F 49 -37.12 -7.15 -50.69
CA ILE F 49 -37.08 -7.09 -49.23
C ILE F 49 -36.22 -5.91 -48.82
N PHE F 50 -36.69 -5.19 -47.79
CA PHE F 50 -36.01 -4.01 -47.29
C PHE F 50 -35.66 -4.21 -45.82
N GLY F 51 -34.56 -3.57 -45.40
CA GLY F 51 -34.10 -3.65 -44.04
C GLY F 51 -33.40 -2.36 -43.64
N ASP F 52 -32.99 -2.31 -42.38
CA ASP F 52 -32.32 -1.13 -41.84
C ASP F 52 -31.55 -1.55 -40.59
N GLY F 53 -30.71 -0.64 -40.11
CA GLY F 53 -29.92 -0.90 -38.93
C GLY F 53 -28.70 0.01 -38.88
N VAL F 54 -28.01 -0.05 -37.74
CA VAL F 54 -26.82 0.74 -37.51
C VAL F 54 -25.61 -0.05 -37.98
N LEU F 55 -24.72 0.60 -38.72
CA LEU F 55 -23.57 -0.07 -39.29
C LEU F 55 -22.47 -0.26 -38.25
N GLU F 56 -21.87 -1.45 -38.24
CA GLU F 56 -20.75 -1.80 -37.36
C GLU F 56 -19.63 -2.38 -38.23
N ILE F 57 -18.71 -1.51 -38.65
CA ILE F 57 -17.62 -1.95 -39.50
C ILE F 57 -16.63 -2.78 -38.68
N LEU F 58 -16.33 -3.98 -39.17
CA LEU F 58 -15.38 -4.85 -38.50
C LEU F 58 -13.95 -4.44 -38.82
N GLN F 59 -13.00 -5.09 -38.16
CA GLN F 59 -11.59 -4.77 -38.37
C GLN F 59 -11.10 -5.26 -39.73
N ASP F 60 -11.69 -6.32 -40.26
CA ASP F 60 -11.25 -6.85 -41.55
C ASP F 60 -11.63 -5.92 -42.69
N GLY F 61 -12.80 -5.30 -42.62
CA GLY F 61 -13.24 -4.38 -43.66
C GLY F 61 -14.72 -4.45 -43.96
N PHE F 62 -15.37 -5.56 -43.58
CA PHE F 62 -16.79 -5.73 -43.79
C PHE F 62 -17.55 -5.22 -42.57
N GLY F 63 -18.86 -5.43 -42.54
CA GLY F 63 -19.65 -4.96 -41.43
C GLY F 63 -21.06 -5.54 -41.47
N PHE F 64 -21.81 -5.24 -40.41
CA PHE F 64 -23.19 -5.69 -40.28
C PHE F 64 -24.07 -4.52 -39.86
N LEU F 65 -25.38 -4.74 -39.94
CA LEU F 65 -26.38 -3.76 -39.55
C LEU F 65 -27.06 -4.26 -38.29
N ARG F 66 -26.58 -3.80 -37.14
CA ARG F 66 -27.15 -4.22 -35.87
C ARG F 66 -28.55 -3.63 -35.69
N SER F 67 -29.32 -4.25 -34.80
CA SER F 67 -30.67 -3.83 -34.49
C SER F 67 -30.72 -3.23 -33.09
N ALA F 68 -31.63 -2.26 -32.90
CA ALA F 68 -31.73 -1.56 -31.63
C ALA F 68 -32.52 -2.35 -30.59
N ASP F 69 -33.44 -3.20 -31.03
CA ASP F 69 -34.26 -3.96 -30.08
C ASP F 69 -33.46 -5.04 -29.38
N SER F 70 -32.29 -5.42 -29.90
CA SER F 70 -31.45 -6.43 -29.29
C SER F 70 -30.20 -5.86 -28.65
N SER F 71 -30.19 -4.55 -28.40
CA SER F 71 -29.06 -3.86 -27.77
C SER F 71 -27.77 -4.06 -28.57
N TYR F 72 -27.90 -4.02 -29.90
CA TYR F 72 -26.77 -4.15 -30.82
C TYR F 72 -26.00 -5.45 -30.58
N LEU F 73 -26.73 -6.54 -30.39
CA LEU F 73 -26.15 -7.85 -30.21
C LEU F 73 -26.05 -8.58 -31.55
N ALA F 74 -25.02 -9.41 -31.68
CA ALA F 74 -24.80 -10.16 -32.90
C ALA F 74 -25.95 -11.13 -33.15
N GLY F 75 -26.73 -10.88 -34.20
CA GLY F 75 -27.87 -11.70 -34.53
C GLY F 75 -27.72 -12.39 -35.87
N PRO F 76 -28.47 -13.47 -36.08
CA PRO F 76 -28.41 -14.15 -37.38
C PRO F 76 -29.01 -13.34 -38.51
N ASP F 77 -29.90 -12.39 -38.21
CA ASP F 77 -30.58 -11.60 -39.22
C ASP F 77 -29.84 -10.30 -39.54
N ASP F 78 -28.54 -10.24 -39.24
CA ASP F 78 -27.76 -9.05 -39.57
C ASP F 78 -27.51 -8.97 -41.07
N ILE F 79 -27.55 -7.76 -41.60
CA ILE F 79 -27.37 -7.53 -43.03
C ILE F 79 -25.88 -7.33 -43.30
N TYR F 80 -25.31 -8.19 -44.14
CA TYR F 80 -23.91 -8.06 -44.50
C TYR F 80 -23.70 -6.85 -45.41
N VAL F 81 -22.63 -6.11 -45.13
CA VAL F 81 -22.26 -4.93 -45.91
C VAL F 81 -20.86 -5.17 -46.46
N SER F 82 -20.77 -5.28 -47.78
CA SER F 82 -19.49 -5.53 -48.42
C SER F 82 -18.57 -4.33 -48.27
N PRO F 83 -17.26 -4.54 -48.20
CA PRO F 83 -16.33 -3.39 -48.10
C PRO F 83 -16.30 -2.55 -49.36
N SER F 84 -16.70 -3.11 -50.50
CA SER F 84 -16.75 -2.35 -51.74
C SER F 84 -17.73 -1.19 -51.63
N GLN F 85 -18.93 -1.46 -51.12
CA GLN F 85 -19.91 -0.40 -50.94
C GLN F 85 -19.45 0.60 -49.87
N ILE F 86 -18.75 0.11 -48.85
CA ILE F 86 -18.22 1.00 -47.81
C ILE F 86 -17.23 1.98 -48.41
N ARG F 87 -16.38 1.48 -49.30
CA ARG F 87 -15.33 2.26 -50.00
C ARG F 87 -15.97 3.17 -51.05
N ARG F 88 -17.15 2.79 -51.57
CA ARG F 88 -17.85 3.56 -52.63
C ARG F 88 -18.68 4.72 -52.04
N PHE F 89 -19.21 4.54 -50.82
CA PHE F 89 -20.03 5.55 -50.18
C PHE F 89 -19.38 6.16 -48.95
N ASN F 90 -18.14 5.77 -48.62
CA ASN F 90 -17.41 6.30 -47.48
C ASN F 90 -18.22 6.11 -46.18
N LEU F 91 -18.69 4.87 -45.98
CA LEU F 91 -19.46 4.55 -44.79
C LEU F 91 -18.54 4.33 -43.60
N ARG F 92 -19.06 4.69 -42.41
CA ARG F 92 -18.32 4.51 -41.17
C ARG F 92 -19.25 3.93 -40.12
N THR F 93 -18.66 3.49 -39.00
CA THR F 93 -19.42 2.90 -37.93
C THR F 93 -20.39 3.92 -37.33
N GLY F 94 -21.67 3.60 -37.36
CA GLY F 94 -22.72 4.47 -36.83
C GLY F 94 -23.68 5.00 -37.89
N ASP F 95 -23.33 4.91 -39.16
CA ASP F 95 -24.19 5.41 -40.22
C ASP F 95 -25.42 4.53 -40.35
N THR F 96 -26.60 5.15 -40.22
CA THR F 96 -27.86 4.42 -40.40
C THR F 96 -28.09 4.18 -41.89
N ILE F 97 -28.19 2.90 -42.28
CA ILE F 97 -28.35 2.51 -43.67
C ILE F 97 -29.68 1.79 -43.82
N SER F 98 -30.45 2.19 -44.83
CA SER F 98 -31.75 1.58 -45.12
C SER F 98 -31.83 1.35 -46.63
N GLY F 99 -31.85 0.09 -47.04
CA GLY F 99 -31.90 -0.23 -48.46
C GLY F 99 -32.43 -1.63 -48.69
N LYS F 100 -32.51 -1.98 -49.97
CA LYS F 100 -33.00 -3.30 -50.35
C LYS F 100 -32.02 -4.38 -49.95
N ILE F 101 -32.54 -5.51 -49.47
CA ILE F 101 -31.74 -6.64 -49.04
C ILE F 101 -32.26 -7.89 -49.74
N ARG F 102 -31.44 -8.94 -49.70
CA ARG F 102 -31.78 -10.22 -50.30
C ARG F 102 -31.38 -11.34 -49.36
N PRO F 103 -32.13 -12.44 -49.33
CA PRO F 103 -31.78 -13.57 -48.48
C PRO F 103 -30.46 -14.18 -48.91
N PRO F 104 -29.76 -14.85 -48.00
CA PRO F 104 -28.47 -15.44 -48.35
C PRO F 104 -28.64 -16.64 -49.29
N LYS F 105 -27.76 -16.72 -50.28
CA LYS F 105 -27.78 -17.81 -51.24
C LYS F 105 -27.09 -19.03 -50.65
N GLU F 106 -26.82 -20.04 -51.48
CA GLU F 106 -26.14 -21.24 -51.02
C GLU F 106 -24.70 -20.91 -50.66
N GLY F 107 -24.32 -21.17 -49.42
CA GLY F 107 -22.99 -20.84 -48.94
C GLY F 107 -22.88 -19.52 -48.21
N GLU F 108 -23.99 -18.80 -48.02
CA GLU F 108 -24.01 -17.54 -47.30
C GLU F 108 -24.86 -17.69 -46.05
N ARG F 109 -24.63 -16.79 -45.08
CA ARG F 109 -25.31 -16.85 -43.80
C ARG F 109 -26.01 -15.55 -43.42
N TYR F 110 -25.85 -14.49 -44.19
CA TYR F 110 -26.42 -13.19 -43.84
C TYR F 110 -26.97 -12.51 -45.08
N PHE F 111 -27.90 -11.58 -44.87
CA PHE F 111 -28.49 -10.83 -45.97
C PHE F 111 -27.46 -9.89 -46.58
N ALA F 112 -27.54 -9.71 -47.90
CA ALA F 112 -26.65 -8.82 -48.63
C ALA F 112 -27.37 -7.53 -48.98
N LEU F 113 -26.59 -6.47 -49.12
CA LEU F 113 -27.11 -5.14 -49.45
C LEU F 113 -26.85 -4.86 -50.93
N LEU F 114 -27.92 -4.58 -51.67
CA LEU F 114 -27.82 -4.29 -53.10
C LEU F 114 -27.74 -2.79 -53.38
N LYS F 115 -28.75 -2.03 -52.93
CA LYS F 115 -28.81 -0.60 -53.17
C LYS F 115 -29.24 0.10 -51.90
N VAL F 116 -28.49 1.14 -51.51
CA VAL F 116 -28.80 1.92 -50.32
C VAL F 116 -29.75 3.04 -50.72
N ASN F 117 -30.84 3.19 -49.96
CA ASN F 117 -31.86 4.18 -50.28
C ASN F 117 -31.77 5.44 -49.43
N GLU F 118 -31.47 5.29 -48.13
CA GLU F 118 -31.44 6.42 -47.22
C GLU F 118 -30.28 6.24 -46.25
N VAL F 119 -29.50 7.31 -46.06
CA VAL F 119 -28.34 7.30 -45.17
C VAL F 119 -28.59 8.32 -44.06
N ASN F 120 -28.53 7.84 -42.81
CA ASN F 120 -28.71 8.70 -41.63
C ASN F 120 -30.04 9.45 -41.69
N PHE F 121 -31.08 8.76 -42.16
CA PHE F 121 -32.41 9.35 -42.29
C PHE F 121 -32.39 10.60 -43.18
N ASP F 122 -31.56 10.56 -44.22
CA ASP F 122 -31.41 11.68 -45.13
C ASP F 122 -30.90 11.16 -46.47
N LYS F 123 -30.86 12.05 -47.46
CA LYS F 123 -30.40 11.66 -48.78
C LYS F 123 -28.89 11.40 -48.76
N PRO F 124 -28.41 10.44 -49.55
CA PRO F 124 -26.96 10.22 -49.61
C PRO F 124 -26.19 11.40 -50.17
N GLU F 125 -26.84 12.25 -50.98
CA GLU F 125 -26.17 13.41 -51.52
C GLU F 125 -25.85 14.44 -50.44
N ASN F 126 -26.61 14.42 -49.34
CA ASN F 126 -26.30 15.30 -48.21
C ASN F 126 -25.32 14.67 -47.23
N ALA F 127 -25.17 13.34 -47.26
CA ALA F 127 -24.24 12.65 -46.37
C ALA F 127 -22.85 12.52 -46.97
N ARG F 128 -22.75 12.51 -48.31
CA ARG F 128 -21.44 12.41 -48.95
C ARG F 128 -20.57 13.62 -48.64
N ASN F 129 -21.20 14.80 -48.49
CA ASN F 129 -20.50 16.03 -48.14
C ASN F 129 -20.90 16.41 -46.73
N LYS F 130 -20.00 16.20 -45.78
CA LYS F 130 -20.27 16.49 -44.39
C LYS F 130 -18.96 16.74 -43.65
N ILE F 131 -19.06 17.45 -42.53
CA ILE F 131 -17.92 17.77 -41.69
C ILE F 131 -17.84 16.75 -40.56
N LEU F 132 -16.64 16.24 -40.31
CA LEU F 132 -16.45 15.24 -39.27
C LEU F 132 -16.71 15.83 -37.89
N PHE F 133 -17.00 14.95 -36.93
CA PHE F 133 -17.28 15.40 -35.57
C PHE F 133 -16.03 15.94 -34.90
N GLU F 134 -14.85 15.45 -35.28
CA GLU F 134 -13.60 15.89 -34.67
C GLU F 134 -13.21 17.29 -35.10
N ASN F 135 -13.87 17.86 -36.12
CA ASN F 135 -13.55 19.19 -36.61
C ASN F 135 -14.54 20.26 -36.15
N LEU F 136 -15.65 19.87 -35.53
CA LEU F 136 -16.64 20.84 -35.08
C LEU F 136 -16.09 21.67 -33.93
N THR F 137 -16.39 22.96 -33.94
CA THR F 137 -15.90 23.86 -32.92
C THR F 137 -16.72 23.73 -31.64
N PRO F 138 -16.12 23.34 -30.52
CA PRO F 138 -16.88 23.22 -29.28
C PRO F 138 -17.28 24.59 -28.73
N LEU F 139 -18.32 24.58 -27.90
CA LEU F 139 -18.80 25.79 -27.24
C LEU F 139 -19.45 25.41 -25.92
N HIS F 140 -19.73 26.42 -25.11
CA HIS F 140 -20.41 26.20 -23.84
C HIS F 140 -21.91 26.04 -24.05
N ALA F 141 -22.59 25.61 -23.00
CA ALA F 141 -24.04 25.45 -23.06
C ALA F 141 -24.73 26.80 -23.26
N ASN F 142 -25.40 26.96 -24.40
CA ASN F 142 -26.10 28.20 -24.72
C ASN F 142 -27.61 28.06 -24.55
N SER F 143 -28.22 27.06 -25.17
CA SER F 143 -29.65 26.86 -25.06
C SER F 143 -30.01 26.27 -23.71
N ARG F 144 -31.10 26.76 -23.13
CA ARG F 144 -31.54 26.30 -21.81
C ARG F 144 -32.49 25.11 -21.97
N LEU F 145 -32.15 23.99 -21.35
CA LEU F 145 -33.01 22.81 -21.33
C LEU F 145 -33.69 22.74 -19.96
N ARG F 146 -34.80 23.46 -19.85
CA ARG F 146 -35.53 23.53 -18.59
C ARG F 146 -36.17 22.18 -18.28
N MET F 147 -36.01 21.72 -17.03
CA MET F 147 -36.50 20.43 -16.60
C MET F 147 -37.82 20.52 -15.84
N GLU F 148 -38.31 21.72 -15.54
CA GLU F 148 -39.53 21.88 -14.77
C GLU F 148 -40.73 21.48 -15.61
N ARG F 149 -41.59 20.63 -15.02
CA ARG F 149 -42.80 20.20 -15.71
C ARG F 149 -43.77 21.36 -15.93
N GLY F 150 -44.17 22.02 -14.85
CA GLY F 150 -45.13 23.10 -14.91
C GLY F 150 -46.57 22.69 -14.70
N ASN F 151 -46.84 21.39 -14.58
CA ASN F 151 -48.21 20.91 -14.37
C ASN F 151 -48.62 20.91 -12.90
N GLY F 152 -47.75 21.34 -12.00
CA GLY F 152 -48.09 21.36 -10.59
C GLY F 152 -48.18 20.01 -9.94
N SER F 153 -47.52 19.00 -10.50
CA SER F 153 -47.56 17.66 -9.93
C SER F 153 -46.63 17.57 -8.73
N THR F 154 -46.90 16.58 -7.86
CA THR F 154 -46.07 16.39 -6.68
C THR F 154 -44.68 15.89 -7.05
N GLU F 155 -44.55 15.19 -8.17
CA GLU F 155 -43.24 14.72 -8.61
C GLU F 155 -42.39 15.83 -9.22
N ASP F 156 -42.99 16.98 -9.53
CA ASP F 156 -42.25 18.09 -10.10
C ASP F 156 -41.30 18.74 -9.10
N LEU F 157 -41.40 18.39 -7.82
CA LEU F 157 -40.51 18.97 -6.82
C LEU F 157 -39.05 18.60 -7.10
N THR F 158 -38.81 17.37 -7.55
CA THR F 158 -37.45 16.95 -7.88
C THR F 158 -36.90 17.79 -9.03
N ALA F 159 -37.69 18.00 -10.08
CA ALA F 159 -37.24 18.80 -11.21
C ALA F 159 -37.01 20.26 -10.80
N ARG F 160 -37.86 20.77 -9.91
CA ARG F 160 -37.68 22.15 -9.44
C ARG F 160 -36.39 22.29 -8.64
N VAL F 161 -36.11 21.32 -7.76
CA VAL F 161 -34.88 21.36 -6.98
C VAL F 161 -33.67 21.22 -7.89
N LEU F 162 -33.78 20.38 -8.93
CA LEU F 162 -32.68 20.22 -9.87
C LEU F 162 -32.42 21.52 -10.64
N ASP F 163 -33.49 22.20 -11.04
CA ASP F 163 -33.33 23.48 -11.74
C ASP F 163 -32.75 24.55 -10.83
N LEU F 164 -33.15 24.56 -9.55
CA LEU F 164 -32.60 25.53 -8.61
C LEU F 164 -31.16 25.21 -8.24
N ALA F 165 -30.75 23.95 -8.35
CA ALA F 165 -29.40 23.56 -7.95
C ALA F 165 -28.43 23.60 -9.13
N SER F 166 -28.82 23.01 -10.26
CA SER F 166 -27.93 22.90 -11.41
C SER F 166 -28.75 22.85 -12.69
N PRO F 167 -28.98 24.00 -13.32
CA PRO F 167 -29.67 23.99 -14.62
C PRO F 167 -28.83 23.29 -15.67
N ILE F 168 -29.51 22.61 -16.59
CA ILE F 168 -28.88 21.80 -17.61
C ILE F 168 -29.18 22.40 -18.97
N GLY F 169 -28.15 22.54 -19.80
CA GLY F 169 -28.30 23.05 -21.15
C GLY F 169 -27.79 22.04 -22.18
N ARG F 170 -27.91 22.44 -23.45
CA ARG F 170 -27.46 21.58 -24.53
C ARG F 170 -25.94 21.50 -24.55
N GLY F 171 -25.42 20.29 -24.68
CA GLY F 171 -23.98 20.07 -24.69
C GLY F 171 -23.35 19.97 -23.32
N GLN F 172 -24.15 19.89 -22.25
CA GLN F 172 -23.61 19.82 -20.91
C GLN F 172 -22.96 18.46 -20.66
N ARG F 173 -21.90 18.47 -19.84
CA ARG F 173 -21.15 17.26 -19.49
C ARG F 173 -21.05 17.23 -17.95
N GLY F 174 -22.06 16.62 -17.31
CA GLY F 174 -22.16 16.61 -15.88
C GLY F 174 -21.91 15.23 -15.28
N LEU F 175 -22.04 15.19 -13.94
CA LEU F 175 -21.84 13.96 -13.19
C LEU F 175 -22.84 13.92 -12.04
N ILE F 176 -23.43 12.76 -11.82
CA ILE F 176 -24.38 12.55 -10.71
C ILE F 176 -23.64 11.67 -9.70
N VAL F 177 -23.00 12.31 -8.74
CA VAL F 177 -22.24 11.60 -7.70
C VAL F 177 -23.18 11.27 -6.56
N ALA F 178 -23.24 9.98 -6.20
CA ALA F 178 -24.16 9.53 -5.16
C ALA F 178 -23.69 8.17 -4.66
N PRO F 179 -23.69 7.95 -3.35
CA PRO F 179 -23.40 6.61 -2.82
C PRO F 179 -24.54 5.66 -3.15
N PRO F 180 -24.32 4.35 -3.01
CA PRO F 180 -25.40 3.40 -3.29
C PRO F 180 -26.56 3.55 -2.31
N LYS F 181 -27.72 3.06 -2.73
CA LYS F 181 -28.96 3.13 -1.95
C LYS F 181 -29.33 4.56 -1.60
N ALA F 182 -29.18 5.48 -2.57
CA ALA F 182 -29.52 6.88 -2.36
C ALA F 182 -30.78 7.31 -3.10
N GLY F 183 -31.12 6.66 -4.21
CA GLY F 183 -32.27 7.05 -4.98
C GLY F 183 -31.91 7.44 -6.40
N LYS F 184 -30.81 6.89 -6.92
CA LYS F 184 -30.36 7.23 -8.26
C LYS F 184 -31.37 6.77 -9.31
N THR F 185 -32.04 5.64 -9.06
CA THR F 185 -32.98 5.11 -10.04
C THR F 185 -34.17 6.04 -10.23
N MET F 186 -34.81 6.44 -9.12
CA MET F 186 -35.95 7.34 -9.21
C MET F 186 -35.55 8.69 -9.79
N LEU F 187 -34.36 9.18 -9.43
CA LEU F 187 -33.91 10.45 -9.96
C LEU F 187 -33.68 10.38 -11.46
N LEU F 188 -33.08 9.29 -11.94
CA LEU F 188 -32.87 9.13 -13.37
C LEU F 188 -34.20 8.98 -14.11
N GLN F 189 -35.15 8.25 -13.51
CA GLN F 189 -36.47 8.12 -14.12
C GLN F 189 -37.16 9.48 -14.24
N ASN F 190 -37.08 10.29 -13.18
CA ASN F 190 -37.69 11.60 -13.21
C ASN F 190 -37.02 12.50 -14.25
N ILE F 191 -35.69 12.43 -14.34
CA ILE F 191 -34.98 13.23 -15.35
C ILE F 191 -35.39 12.82 -16.75
N ALA F 192 -35.47 11.51 -17.00
CA ALA F 192 -35.84 11.04 -18.33
C ALA F 192 -37.28 11.43 -18.67
N GLN F 193 -38.19 11.33 -17.71
CA GLN F 193 -39.58 11.70 -17.96
C GLN F 193 -39.70 13.21 -18.22
N SER F 194 -38.97 14.02 -17.45
CA SER F 194 -39.00 15.47 -17.67
C SER F 194 -38.41 15.84 -19.02
N ILE F 195 -37.36 15.14 -19.45
CA ILE F 195 -36.77 15.42 -20.77
C ILE F 195 -37.75 15.02 -21.86
N ALA F 196 -38.42 13.87 -21.72
CA ALA F 196 -39.36 13.44 -22.74
C ALA F 196 -40.60 14.32 -22.78
N TYR F 197 -40.97 14.93 -21.65
CA TYR F 197 -42.16 15.77 -21.60
C TYR F 197 -41.88 17.19 -22.08
N ASN F 198 -40.80 17.81 -21.59
CA ASN F 198 -40.52 19.20 -21.94
C ASN F 198 -39.90 19.34 -23.32
N HIS F 199 -38.96 18.47 -23.66
CA HIS F 199 -38.23 18.54 -24.94
C HIS F 199 -38.38 17.21 -25.66
N PRO F 200 -39.54 16.98 -26.30
CA PRO F 200 -39.73 15.72 -27.05
C PRO F 200 -38.96 15.66 -28.36
N ASP F 201 -38.43 16.79 -28.84
CA ASP F 201 -37.72 16.80 -30.11
C ASP F 201 -36.31 16.25 -30.00
N CYS F 202 -35.72 16.23 -28.80
CA CYS F 202 -34.37 15.73 -28.63
C CYS F 202 -34.35 14.21 -28.64
N VAL F 203 -33.24 13.66 -29.13
CA VAL F 203 -33.06 12.21 -29.20
C VAL F 203 -32.53 11.73 -27.85
N LEU F 204 -33.38 11.03 -27.10
CA LEU F 204 -33.01 10.53 -25.78
C LEU F 204 -32.51 9.09 -25.88
N MET F 205 -31.35 8.83 -25.30
CA MET F 205 -30.74 7.51 -25.29
C MET F 205 -30.27 7.20 -23.88
N VAL F 206 -30.79 6.12 -23.31
CA VAL F 206 -30.46 5.71 -21.93
C VAL F 206 -29.58 4.47 -22.03
N LEU F 207 -28.36 4.58 -21.52
CA LEU F 207 -27.40 3.49 -21.53
C LEU F 207 -27.27 2.91 -20.12
N LEU F 208 -27.55 1.62 -19.97
CA LEU F 208 -27.47 0.93 -18.69
C LEU F 208 -26.57 -0.28 -18.86
N ILE F 209 -25.33 -0.17 -18.39
CA ILE F 209 -24.32 -1.21 -18.52
C ILE F 209 -24.16 -1.90 -17.18
N ASP F 210 -24.17 -3.23 -17.19
CA ASP F 210 -23.92 -4.05 -16.00
C ASP F 210 -24.97 -3.77 -14.92
N GLU F 211 -26.24 -3.91 -15.27
CA GLU F 211 -27.35 -3.71 -14.36
C GLU F 211 -28.24 -4.95 -14.35
N ARG F 212 -29.25 -4.93 -13.49
CA ARG F 212 -30.13 -6.08 -13.34
C ARG F 212 -31.15 -6.11 -14.48
N PRO F 213 -31.55 -7.30 -14.93
CA PRO F 213 -32.54 -7.36 -16.01
C PRO F 213 -33.89 -6.76 -15.63
N GLU F 214 -34.30 -6.90 -14.37
CA GLU F 214 -35.55 -6.28 -13.92
C GLU F 214 -35.51 -4.77 -14.06
N GLU F 215 -34.42 -4.11 -13.65
CA GLU F 215 -34.30 -2.68 -13.84
C GLU F 215 -34.26 -2.31 -15.32
N VAL F 216 -33.64 -3.15 -16.15
CA VAL F 216 -33.60 -2.88 -17.58
C VAL F 216 -35.01 -2.88 -18.17
N THR F 217 -35.78 -3.93 -17.90
CA THR F 217 -37.12 -4.02 -18.47
C THR F 217 -38.06 -3.00 -17.82
N GLU F 218 -37.73 -2.53 -16.62
CA GLU F 218 -38.49 -1.45 -16.01
C GLU F 218 -38.25 -0.13 -16.74
N MET F 219 -36.97 0.20 -16.95
CA MET F 219 -36.63 1.45 -17.64
C MET F 219 -37.13 1.43 -19.08
N GLN F 220 -37.13 0.25 -19.72
CA GLN F 220 -37.56 0.17 -21.10
C GLN F 220 -39.05 0.44 -21.25
N ARG F 221 -39.84 0.07 -20.24
CA ARG F 221 -41.28 0.25 -20.27
C ARG F 221 -41.75 1.50 -19.53
N LEU F 222 -40.83 2.37 -19.14
CA LEU F 222 -41.17 3.57 -18.38
C LEU F 222 -40.86 4.86 -19.11
N VAL F 223 -39.69 4.96 -19.76
CA VAL F 223 -39.29 6.18 -20.43
C VAL F 223 -39.79 6.15 -21.87
N LYS F 224 -39.98 7.34 -22.43
CA LYS F 224 -40.44 7.48 -23.81
C LYS F 224 -39.24 7.78 -24.71
N GLY F 225 -38.49 6.73 -25.00
CA GLY F 225 -37.32 6.88 -25.83
C GLY F 225 -36.66 5.54 -26.10
N GLU F 226 -35.41 5.62 -26.54
CA GLU F 226 -34.62 4.42 -26.85
C GLU F 226 -33.83 4.00 -25.62
N VAL F 227 -33.82 2.68 -25.37
CA VAL F 227 -33.14 2.10 -24.22
C VAL F 227 -32.21 1.02 -24.72
N VAL F 228 -30.91 1.25 -24.62
CA VAL F 228 -29.88 0.27 -24.96
C VAL F 228 -29.16 -0.11 -23.67
N ALA F 229 -29.29 -1.37 -23.27
CA ALA F 229 -28.75 -1.83 -21.99
C ALA F 229 -27.99 -3.14 -22.19
N SER F 230 -27.18 -3.48 -21.19
CA SER F 230 -26.38 -4.71 -21.20
C SER F 230 -26.28 -5.19 -19.75
N THR F 231 -26.99 -6.27 -19.44
CA THR F 231 -27.03 -6.79 -18.09
C THR F 231 -25.66 -7.34 -17.69
N PHE F 232 -25.52 -7.64 -16.39
CA PHE F 232 -24.27 -8.16 -15.86
C PHE F 232 -23.97 -9.57 -16.35
N ASP F 233 -24.94 -10.29 -16.90
CA ASP F 233 -24.70 -11.63 -17.42
C ASP F 233 -23.84 -11.63 -18.67
N GLU F 234 -23.57 -10.47 -19.25
CA GLU F 234 -22.74 -10.37 -20.44
C GLU F 234 -21.32 -9.96 -20.07
N PRO F 235 -20.32 -10.41 -20.83
CA PRO F 235 -18.93 -10.04 -20.53
C PRO F 235 -18.68 -8.56 -20.80
N ALA F 236 -17.51 -8.10 -20.35
CA ALA F 236 -17.14 -6.70 -20.51
C ALA F 236 -16.92 -6.35 -21.98
N SER F 237 -16.62 -7.35 -22.81
CA SER F 237 -16.45 -7.10 -24.23
C SER F 237 -17.73 -6.56 -24.86
N ARG F 238 -18.88 -7.14 -24.51
CA ARG F 238 -20.14 -6.64 -25.03
C ARG F 238 -20.43 -5.24 -24.49
N HIS F 239 -20.03 -4.97 -23.25
CA HIS F 239 -20.18 -3.63 -22.69
C HIS F 239 -19.40 -2.61 -23.52
N VAL F 240 -18.14 -2.92 -23.82
CA VAL F 240 -17.31 -2.02 -24.61
C VAL F 240 -17.91 -1.84 -26.00
N GLN F 241 -18.39 -2.93 -26.60
CA GLN F 241 -18.96 -2.85 -27.94
C GLN F 241 -20.20 -1.98 -27.95
N VAL F 242 -21.07 -2.14 -26.95
CA VAL F 242 -22.29 -1.34 -26.88
C VAL F 242 -21.96 0.13 -26.66
N ALA F 243 -20.98 0.42 -25.78
CA ALA F 243 -20.59 1.81 -25.56
C ALA F 243 -20.04 2.43 -26.84
N GLU F 244 -19.21 1.68 -27.57
CA GLU F 244 -18.65 2.21 -28.81
C GLU F 244 -19.75 2.46 -29.85
N MET F 245 -20.68 1.51 -30.00
CA MET F 245 -21.76 1.69 -30.95
C MET F 245 -22.63 2.90 -30.59
N VAL F 246 -22.94 3.06 -29.30
CA VAL F 246 -23.77 4.17 -28.88
C VAL F 246 -23.06 5.51 -29.13
N ILE F 247 -21.78 5.60 -28.78
CA ILE F 247 -21.09 6.87 -28.97
C ILE F 247 -20.89 7.17 -30.45
N GLU F 248 -20.68 6.14 -31.28
CA GLU F 248 -20.54 6.38 -32.71
C GLU F 248 -21.86 6.83 -33.32
N LYS F 249 -22.97 6.22 -32.91
CA LYS F 249 -24.27 6.67 -33.39
C LYS F 249 -24.56 8.10 -32.94
N ALA F 250 -24.18 8.44 -31.71
CA ALA F 250 -24.38 9.80 -31.22
C ALA F 250 -23.57 10.80 -32.04
N LYS F 251 -22.31 10.45 -32.35
CA LYS F 251 -21.48 11.33 -33.16
C LYS F 251 -22.06 11.49 -34.57
N ARG F 252 -22.53 10.39 -35.17
CA ARG F 252 -23.10 10.47 -36.50
C ARG F 252 -24.38 11.30 -36.52
N LEU F 253 -25.16 11.24 -35.44
CA LEU F 253 -26.36 12.06 -35.36
C LEU F 253 -26.01 13.53 -35.17
N VAL F 254 -25.02 13.83 -34.32
CA VAL F 254 -24.62 15.22 -34.10
C VAL F 254 -24.05 15.81 -35.39
N GLU F 255 -23.38 14.98 -36.19
CA GLU F 255 -22.85 15.45 -37.47
C GLU F 255 -23.96 15.95 -38.40
N HIS F 256 -25.20 15.48 -38.21
CA HIS F 256 -26.34 15.95 -38.99
C HIS F 256 -27.16 16.99 -38.24
N LYS F 257 -26.53 17.72 -37.30
CA LYS F 257 -27.18 18.79 -36.55
C LYS F 257 -28.38 18.28 -35.75
N LYS F 258 -28.17 17.21 -35.00
CA LYS F 258 -29.19 16.64 -34.13
C LYS F 258 -28.81 16.82 -32.67
N ASP F 259 -29.83 16.92 -31.82
CA ASP F 259 -29.63 17.09 -30.38
C ASP F 259 -29.73 15.72 -29.71
N VAL F 260 -28.58 15.16 -29.37
CA VAL F 260 -28.50 13.85 -28.74
C VAL F 260 -28.34 14.01 -27.24
N ILE F 261 -29.06 13.20 -26.48
CA ILE F 261 -28.99 13.21 -25.02
C ILE F 261 -28.71 11.79 -24.56
N ILE F 262 -27.62 11.60 -23.83
CA ILE F 262 -27.21 10.29 -23.34
C ILE F 262 -27.23 10.33 -21.82
N LEU F 263 -28.07 9.49 -21.23
CA LEU F 263 -28.20 9.38 -19.77
C LEU F 263 -27.46 8.11 -19.34
N LEU F 264 -26.18 8.27 -19.02
CA LEU F 264 -25.35 7.14 -18.60
C LEU F 264 -25.53 6.91 -17.10
N ASP F 265 -25.64 5.64 -16.70
CA ASP F 265 -25.80 5.27 -15.31
C ASP F 265 -24.71 4.31 -14.83
N SER F 266 -23.67 4.11 -15.62
CA SER F 266 -22.67 3.10 -15.32
C SER F 266 -21.26 3.52 -15.68
N ILE F 267 -20.91 4.81 -15.55
CA ILE F 267 -19.58 5.29 -15.88
C ILE F 267 -18.54 4.50 -15.10
N THR F 268 -18.82 4.22 -13.82
CA THR F 268 -17.94 3.40 -13.02
C THR F 268 -17.86 1.98 -13.54
N ARG F 269 -19.03 1.40 -13.89
CA ARG F 269 -19.04 0.06 -14.45
C ARG F 269 -18.35 0.02 -15.81
N LEU F 270 -18.50 1.09 -16.61
CA LEU F 270 -17.81 1.15 -17.89
C LEU F 270 -16.30 1.22 -17.71
N ALA F 271 -15.85 1.99 -16.73
CA ALA F 271 -14.41 2.05 -16.43
C ALA F 271 -13.90 0.71 -15.95
N ARG F 272 -14.69 0.00 -15.13
CA ARG F 272 -14.30 -1.33 -14.70
C ARG F 272 -14.20 -2.29 -15.88
N ALA F 273 -15.16 -2.21 -16.80
CA ALA F 273 -15.12 -3.07 -17.99
C ALA F 273 -13.88 -2.78 -18.83
N TYR F 274 -13.56 -1.49 -19.01
CA TYR F 274 -12.38 -1.14 -19.79
C TYR F 274 -11.09 -1.58 -19.10
N ASN F 275 -11.05 -1.49 -17.77
CA ASN F 275 -9.89 -1.98 -17.02
C ASN F 275 -9.80 -3.50 -17.06
N THR F 276 -10.92 -4.19 -17.26
CA THR F 276 -10.89 -5.64 -17.37
C THR F 276 -10.47 -6.10 -18.76
N VAL F 277 -10.89 -5.39 -19.81
CA VAL F 277 -10.59 -5.81 -21.19
C VAL F 277 -9.21 -5.36 -21.66
N VAL F 278 -8.53 -4.49 -20.91
CA VAL F 278 -7.22 -4.01 -21.33
C VAL F 278 -6.17 -5.06 -20.98
N PRO F 279 -5.24 -5.36 -21.88
CA PRO F 279 -4.19 -6.34 -21.55
C PRO F 279 -3.29 -5.84 -20.43
N ALA F 280 -2.84 -6.78 -19.60
CA ALA F 280 -1.97 -6.42 -18.49
C ALA F 280 -0.61 -5.96 -19.00
N SER F 281 -0.11 -4.86 -18.42
CA SER F 281 1.17 -4.29 -18.80
C SER F 281 2.21 -4.40 -17.70
N GLY F 282 1.93 -5.16 -16.63
CA GLY F 282 2.88 -5.30 -15.54
C GLY F 282 3.01 -4.10 -14.64
N LYS F 283 2.15 -3.09 -14.79
CA LYS F 283 2.19 -1.89 -13.96
C LYS F 283 0.79 -1.60 -13.48
N VAL F 284 0.57 -1.68 -12.16
CA VAL F 284 -0.73 -1.46 -11.55
C VAL F 284 -0.62 -0.28 -10.61
N LEU F 285 -1.55 0.66 -10.73
CA LEU F 285 -1.56 1.84 -9.87
C LEU F 285 -2.29 1.54 -8.57
N THR F 286 -2.45 2.58 -7.75
CA THR F 286 -3.12 2.43 -6.47
C THR F 286 -4.61 2.13 -6.68
N GLY F 287 -5.06 1.05 -6.07
CA GLY F 287 -6.46 0.64 -6.16
C GLY F 287 -6.75 -0.41 -7.20
N GLY F 288 -5.77 -0.80 -8.02
CA GLY F 288 -6.01 -1.78 -9.05
C GLY F 288 -6.45 -1.21 -10.37
N VAL F 289 -5.99 -0.01 -10.72
CA VAL F 289 -6.36 0.65 -11.98
C VAL F 289 -5.15 0.66 -12.89
N ASP F 290 -5.35 0.25 -14.13
CA ASP F 290 -4.27 0.26 -15.11
C ASP F 290 -4.00 1.70 -15.57
N ALA F 291 -2.76 1.94 -16.02
CA ALA F 291 -2.38 3.28 -16.44
C ALA F 291 -3.11 3.71 -17.71
N ASN F 292 -3.42 2.76 -18.58
CA ASN F 292 -4.08 3.06 -19.85
C ASN F 292 -5.52 2.56 -19.89
N ALA F 293 -6.11 2.31 -18.74
CA ALA F 293 -7.49 1.81 -18.70
C ALA F 293 -8.52 2.93 -18.71
N LEU F 294 -8.19 4.08 -18.12
CA LEU F 294 -9.11 5.19 -18.02
C LEU F 294 -9.13 6.08 -19.25
N HIS F 295 -8.30 5.79 -20.26
CA HIS F 295 -8.24 6.64 -21.44
C HIS F 295 -9.52 6.52 -22.26
N ARG F 296 -9.99 5.29 -22.47
CA ARG F 296 -11.22 5.10 -23.24
C ARG F 296 -12.45 5.71 -22.55
N PRO F 297 -12.69 5.49 -21.25
CA PRO F 297 -13.79 6.23 -20.60
C PRO F 297 -13.58 7.72 -20.60
N LYS F 298 -12.33 8.18 -20.50
CA LYS F 298 -12.05 9.60 -20.58
C LYS F 298 -12.53 10.19 -21.91
N ARG F 299 -12.20 9.51 -23.03
CA ARG F 299 -12.65 9.98 -24.33
C ARG F 299 -14.16 9.86 -24.48
N PHE F 300 -14.75 8.77 -23.97
CA PHE F 300 -16.20 8.61 -24.04
C PHE F 300 -16.91 9.74 -23.31
N PHE F 301 -16.36 10.17 -22.18
CA PHE F 301 -16.95 11.27 -21.43
C PHE F 301 -16.74 12.60 -22.15
N GLY F 302 -15.51 12.85 -22.61
CA GLY F 302 -15.19 14.09 -23.28
C GLY F 302 -15.80 14.24 -24.66
N ALA F 303 -16.41 13.18 -25.20
CA ALA F 303 -17.07 13.30 -26.49
C ALA F 303 -18.21 14.31 -26.45
N ALA F 304 -18.84 14.47 -25.29
CA ALA F 304 -19.92 15.44 -25.14
C ALA F 304 -19.42 16.85 -25.34
N ARG F 305 -20.10 17.60 -26.20
CA ARG F 305 -19.72 18.97 -26.51
C ARG F 305 -20.88 19.64 -27.24
N ASN F 306 -20.88 20.97 -27.21
CA ASN F 306 -21.88 21.77 -27.91
C ASN F 306 -21.28 22.27 -29.22
N VAL F 307 -22.01 22.08 -30.32
CA VAL F 307 -21.54 22.43 -31.66
C VAL F 307 -22.14 23.77 -32.05
N GLU F 308 -21.31 24.66 -32.59
CA GLU F 308 -21.79 25.95 -33.04
C GLU F 308 -22.52 25.86 -34.38
N GLU F 309 -22.07 24.98 -35.28
CA GLU F 309 -22.72 24.84 -36.57
C GLU F 309 -24.12 24.24 -36.44
N GLY F 310 -24.36 23.44 -35.41
CA GLY F 310 -25.66 22.83 -35.22
C GLY F 310 -25.62 21.55 -34.42
N GLY F 311 -26.64 21.33 -33.59
CA GLY F 311 -26.69 20.13 -32.77
C GLY F 311 -25.89 20.25 -31.50
N SER F 312 -26.01 19.23 -30.67
CA SER F 312 -25.31 19.17 -29.38
C SER F 312 -25.30 17.73 -28.90
N LEU F 313 -24.45 17.46 -27.91
CA LEU F 313 -24.32 16.14 -27.32
C LEU F 313 -24.21 16.28 -25.82
N THR F 314 -25.23 15.80 -25.11
CA THR F 314 -25.28 15.88 -23.66
C THR F 314 -25.10 14.49 -23.06
N ILE F 315 -24.18 14.38 -22.10
CA ILE F 315 -23.88 13.12 -21.44
C ILE F 315 -23.95 13.35 -19.94
N ILE F 316 -24.91 12.71 -19.28
CA ILE F 316 -25.09 12.81 -17.84
C ILE F 316 -24.78 11.44 -17.26
N ALA F 317 -23.61 11.29 -16.66
CA ALA F 317 -23.16 10.02 -16.09
C ALA F 317 -23.30 10.06 -14.57
N THR F 318 -23.68 8.91 -13.99
CA THR F 318 -23.84 8.78 -12.55
C THR F 318 -22.67 7.97 -12.00
N ALA F 319 -21.83 8.62 -11.21
CA ALA F 319 -20.66 7.97 -10.63
C ALA F 319 -21.00 7.37 -9.28
N LEU F 320 -20.30 6.28 -8.94
CA LEU F 320 -20.51 5.56 -7.70
C LEU F 320 -19.36 5.84 -6.73
N ILE F 321 -19.72 6.17 -5.49
CA ILE F 321 -18.75 6.43 -4.43
C ILE F 321 -19.16 5.65 -3.20
N ASP F 322 -18.20 5.49 -2.27
CA ASP F 322 -18.44 4.81 -1.00
C ASP F 322 -18.95 3.39 -1.20
N THR F 323 -18.44 2.73 -2.25
CA THR F 323 -18.84 1.36 -2.57
C THR F 323 -17.94 0.31 -1.91
N GLY F 324 -16.99 0.73 -1.08
CA GLY F 324 -16.08 -0.19 -0.43
C GLY F 324 -14.89 -0.63 -1.26
N SER F 325 -14.83 -0.25 -2.53
CA SER F 325 -13.73 -0.60 -3.42
C SER F 325 -12.91 0.65 -3.69
N LYS F 326 -11.59 0.54 -3.51
CA LYS F 326 -10.71 1.69 -3.75
C LYS F 326 -10.62 2.02 -5.23
N MET F 327 -10.85 1.04 -6.10
CA MET F 327 -10.80 1.29 -7.54
C MET F 327 -11.86 2.30 -7.97
N ASP F 328 -13.08 2.13 -7.47
CA ASP F 328 -14.14 3.09 -7.78
C ASP F 328 -13.83 4.46 -7.21
N GLU F 329 -13.21 4.52 -6.03
CA GLU F 329 -12.83 5.80 -5.46
C GLU F 329 -11.79 6.51 -6.32
N VAL F 330 -10.80 5.75 -6.82
CA VAL F 330 -9.80 6.34 -7.70
C VAL F 330 -10.44 6.83 -8.99
N ILE F 331 -11.37 6.04 -9.54
CA ILE F 331 -12.04 6.42 -10.78
C ILE F 331 -12.84 7.71 -10.57
N TYR F 332 -13.54 7.81 -9.43
CA TYR F 332 -14.31 9.01 -9.14
C TYR F 332 -13.40 10.21 -8.94
N GLU F 333 -12.30 9.99 -8.23
CA GLU F 333 -11.32 11.10 -7.99
C GLU F 333 -10.79 11.59 -9.32
N GLU F 334 -10.53 10.68 -10.26
CA GLU F 334 -9.96 11.07 -11.54
C GLU F 334 -10.99 11.78 -12.42
N PHE F 335 -12.22 11.29 -12.42
CA PHE F 335 -13.27 11.89 -13.25
C PHE F 335 -13.87 13.15 -12.62
N LYS F 336 -13.54 13.46 -11.37
CA LYS F 336 -14.12 14.63 -10.72
C LYS F 336 -13.63 15.92 -11.39
N GLY F 337 -12.33 16.02 -11.64
CA GLY F 337 -11.77 17.20 -12.25
C GLY F 337 -11.96 17.31 -13.75
N THR F 338 -12.83 16.49 -14.33
CA THR F 338 -13.05 16.47 -15.77
C THR F 338 -14.32 17.17 -16.20
N GLY F 339 -15.46 16.84 -15.59
CA GLY F 339 -16.72 17.44 -15.95
C GLY F 339 -16.87 18.85 -15.42
N ASN F 340 -18.03 19.45 -15.74
CA ASN F 340 -18.31 20.81 -15.30
C ASN F 340 -19.64 20.92 -14.55
N MET F 341 -20.14 19.82 -13.98
CA MET F 341 -21.37 19.83 -13.22
C MET F 341 -21.38 18.64 -12.29
N GLU F 342 -21.56 18.89 -10.99
CA GLU F 342 -21.61 17.84 -9.98
C GLU F 342 -22.89 18.00 -9.17
N LEU F 343 -23.71 16.94 -9.16
CA LEU F 343 -24.96 16.92 -8.40
C LEU F 343 -24.80 15.82 -7.35
N HIS F 344 -24.36 16.21 -6.16
CA HIS F 344 -24.09 15.26 -5.09
C HIS F 344 -25.37 14.92 -4.34
N LEU F 345 -25.48 13.66 -3.94
CA LEU F 345 -26.60 13.17 -3.13
C LEU F 345 -26.07 12.66 -1.80
N SER F 346 -26.78 12.97 -0.73
CA SER F 346 -26.35 12.64 0.63
C SER F 346 -27.05 11.38 1.10
N ARG F 347 -26.27 10.43 1.61
CA ARG F 347 -26.85 9.20 2.15
C ARG F 347 -27.56 9.47 3.48
N LYS F 348 -27.05 10.43 4.26
CA LYS F 348 -27.67 10.75 5.54
C LYS F 348 -29.09 11.28 5.35
N ILE F 349 -29.31 12.06 4.29
CA ILE F 349 -30.65 12.56 4.01
C ILE F 349 -31.53 11.45 3.46
N ALA F 350 -30.95 10.52 2.70
CA ALA F 350 -31.75 9.42 2.15
C ALA F 350 -32.19 8.46 3.25
N GLU F 351 -31.36 8.31 4.30
CA GLU F 351 -31.74 7.45 5.42
C GLU F 351 -32.92 8.01 6.20
N LYS F 352 -33.12 9.32 6.17
CA LYS F 352 -34.26 9.95 6.84
C LYS F 352 -35.52 9.91 5.98
N ARG F 353 -35.47 9.23 4.83
CA ARG F 353 -36.62 9.12 3.92
C ARG F 353 -37.11 10.50 3.47
N VAL F 354 -36.16 11.39 3.19
CA VAL F 354 -36.46 12.73 2.70
C VAL F 354 -36.07 12.76 1.23
N PHE F 355 -37.05 12.59 0.35
CA PHE F 355 -36.81 12.56 -1.09
C PHE F 355 -37.24 13.88 -1.71
N PRO F 356 -36.42 14.48 -2.59
CA PRO F 356 -35.11 13.94 -2.98
C PRO F 356 -34.00 14.28 -1.99
N ALA F 357 -33.00 13.42 -1.89
CA ALA F 357 -31.86 13.63 -0.99
C ALA F 357 -30.71 14.21 -1.81
N ILE F 358 -30.79 15.51 -2.07
CA ILE F 358 -29.82 16.21 -2.90
C ILE F 358 -28.97 17.11 -2.01
N ASP F 359 -27.65 17.06 -2.20
CA ASP F 359 -26.74 17.93 -1.48
C ASP F 359 -26.68 19.26 -2.22
N TYR F 360 -27.49 20.22 -1.77
CA TYR F 360 -27.58 21.51 -2.46
C TYR F 360 -26.31 22.32 -2.29
N ASN F 361 -25.57 22.10 -1.21
CA ASN F 361 -24.38 22.90 -0.94
C ASN F 361 -23.29 22.61 -1.96
N ARG F 362 -22.95 21.34 -2.17
CA ARG F 362 -21.86 20.99 -3.07
C ARG F 362 -22.28 20.99 -4.54
N SER F 363 -23.58 21.11 -4.82
CA SER F 363 -24.03 21.16 -6.20
C SER F 363 -23.74 22.54 -6.80
N GLY F 364 -23.88 22.62 -8.11
CA GLY F 364 -23.64 23.87 -8.81
C GLY F 364 -23.29 23.62 -10.26
N THR F 365 -23.29 24.70 -11.04
CA THR F 365 -22.98 24.67 -12.46
C THR F 365 -22.08 25.84 -12.81
N ARG F 366 -21.02 25.57 -13.57
CA ARG F 366 -20.12 26.62 -14.01
C ARG F 366 -20.71 27.35 -15.22
N LYS F 367 -20.47 28.66 -15.29
CA LYS F 367 -20.99 29.51 -16.35
C LYS F 367 -22.51 29.43 -16.40
N GLU F 368 -23.14 29.45 -15.22
CA GLU F 368 -24.60 29.37 -15.14
C GLU F 368 -25.29 30.62 -15.66
N GLU F 369 -24.57 31.74 -15.79
CA GLU F 369 -25.17 32.97 -16.29
C GLU F 369 -25.54 32.87 -17.76
N LEU F 370 -25.00 31.90 -18.49
CA LEU F 370 -25.32 31.71 -19.89
C LEU F 370 -26.63 30.97 -20.11
N LEU F 371 -27.25 30.44 -19.05
CA LEU F 371 -28.50 29.72 -19.16
C LEU F 371 -29.64 30.36 -18.36
N THR F 372 -29.35 31.38 -17.56
CA THR F 372 -30.35 32.05 -16.74
C THR F 372 -30.25 33.55 -16.93
N THR F 373 -31.34 34.24 -16.66
CA THR F 373 -31.38 35.69 -16.76
C THR F 373 -30.67 36.33 -15.57
N GLN F 374 -30.60 37.66 -15.59
CA GLN F 374 -29.92 38.39 -14.52
C GLN F 374 -30.68 38.27 -13.21
N GLU F 375 -32.00 38.53 -13.24
CA GLU F 375 -32.79 38.46 -12.02
C GLU F 375 -32.88 37.03 -11.49
N GLU F 376 -32.97 36.05 -12.40
CA GLU F 376 -32.99 34.65 -11.97
C GLU F 376 -31.67 34.26 -11.32
N LEU F 377 -30.55 34.69 -11.90
CA LEU F 377 -29.26 34.40 -11.29
C LEU F 377 -29.11 35.08 -9.94
N GLN F 378 -29.60 36.32 -9.81
CA GLN F 378 -29.53 37.00 -8.52
C GLN F 378 -30.38 36.29 -7.47
N LYS F 379 -31.58 35.85 -7.85
CA LYS F 379 -32.43 35.11 -6.92
C LYS F 379 -31.80 33.78 -6.52
N MET F 380 -31.16 33.08 -7.46
CA MET F 380 -30.48 31.83 -7.12
C MET F 380 -29.30 32.10 -6.18
N TRP F 381 -28.56 33.18 -6.41
CA TRP F 381 -27.47 33.53 -5.53
C TRP F 381 -27.96 33.84 -4.12
N ILE F 382 -29.06 34.58 -4.01
CA ILE F 382 -29.63 34.89 -2.70
C ILE F 382 -30.11 33.62 -2.02
N LEU F 383 -30.75 32.72 -2.77
CA LEU F 383 -31.21 31.46 -2.19
C LEU F 383 -30.04 30.61 -1.70
N ARG F 384 -28.93 30.60 -2.45
CA ARG F 384 -27.76 29.85 -2.03
C ARG F 384 -27.13 30.47 -0.79
N LYS F 385 -27.08 31.80 -0.72
CA LYS F 385 -26.51 32.47 0.45
C LYS F 385 -27.39 32.28 1.68
N ILE F 386 -28.70 32.11 1.50
CA ILE F 386 -29.58 31.85 2.63
C ILE F 386 -29.49 30.37 3.06
N ILE F 387 -29.35 29.46 2.10
CA ILE F 387 -29.33 28.04 2.40
C ILE F 387 -27.99 27.60 3.00
N HIS F 388 -26.89 28.23 2.57
CA HIS F 388 -25.55 27.80 2.99
C HIS F 388 -25.37 27.72 4.50
N PRO F 389 -25.81 28.68 5.32
CA PRO F 389 -25.58 28.54 6.76
C PRO F 389 -26.30 27.35 7.38
N MET F 390 -27.50 27.03 6.91
CA MET F 390 -28.27 25.93 7.49
C MET F 390 -27.64 24.59 7.13
N GLY F 391 -27.94 23.59 7.95
CA GLY F 391 -27.46 22.25 7.70
C GLY F 391 -28.15 21.61 6.49
N GLU F 392 -27.57 20.49 6.05
CA GLU F 392 -28.07 19.83 4.85
C GLU F 392 -29.52 19.38 5.02
N ILE F 393 -29.79 18.62 6.08
CA ILE F 393 -31.15 18.13 6.31
C ILE F 393 -32.11 19.28 6.56
N ASP F 394 -31.67 20.27 7.36
CA ASP F 394 -32.52 21.43 7.63
C ASP F 394 -32.80 22.22 6.36
N ALA F 395 -31.78 22.41 5.52
CA ALA F 395 -31.98 23.15 4.27
C ALA F 395 -32.92 22.41 3.34
N MET F 396 -32.79 21.08 3.28
CA MET F 396 -33.67 20.29 2.43
C MET F 396 -35.11 20.37 2.92
N GLU F 397 -35.32 20.27 4.24
CA GLU F 397 -36.66 20.38 4.80
C GLU F 397 -37.25 21.76 4.52
N PHE F 398 -36.44 22.81 4.70
CA PHE F 398 -36.90 24.17 4.41
C PHE F 398 -37.30 24.32 2.94
N LEU F 399 -36.45 23.82 2.04
CA LEU F 399 -36.75 23.93 0.61
C LEU F 399 -38.01 23.17 0.25
N ILE F 400 -38.19 21.97 0.80
CA ILE F 400 -39.39 21.19 0.51
C ILE F 400 -40.63 21.90 1.04
N ASN F 401 -40.58 22.42 2.26
CA ASN F 401 -41.74 23.07 2.85
C ASN F 401 -42.07 24.37 2.12
N LYS F 402 -41.06 25.02 1.54
CA LYS F 402 -41.33 26.26 0.83
C LYS F 402 -41.77 26.01 -0.61
N LEU F 403 -41.34 24.91 -1.22
CA LEU F 403 -41.80 24.59 -2.57
C LEU F 403 -43.17 23.91 -2.57
N ALA F 404 -43.56 23.29 -1.45
CA ALA F 404 -44.88 22.69 -1.37
C ALA F 404 -45.99 23.73 -1.30
N MET F 405 -45.67 24.97 -0.91
CA MET F 405 -46.69 26.00 -0.78
C MET F 405 -47.18 26.49 -2.13
N THR F 406 -46.31 26.55 -3.13
CA THR F 406 -46.63 27.07 -4.45
C THR F 406 -46.36 26.02 -5.51
N LYS F 407 -46.71 26.37 -6.75
CA LYS F 407 -46.50 25.48 -7.89
C LYS F 407 -45.24 25.84 -8.68
N THR F 408 -44.96 27.13 -8.84
CA THR F 408 -43.80 27.59 -9.60
C THR F 408 -42.77 28.20 -8.67
N ASN F 409 -41.50 28.12 -9.08
CA ASN F 409 -40.42 28.67 -8.27
C ASN F 409 -40.40 30.20 -8.31
N ASP F 410 -41.03 30.79 -9.32
CA ASP F 410 -41.08 32.25 -9.40
C ASP F 410 -41.86 32.84 -8.22
N ASP F 411 -42.96 32.20 -7.83
CA ASP F 411 -43.71 32.66 -6.67
C ASP F 411 -42.89 32.53 -5.40
N PHE F 412 -42.12 31.45 -5.26
CA PHE F 412 -41.25 31.29 -4.10
C PHE F 412 -40.19 32.39 -4.05
N PHE F 413 -39.56 32.68 -5.20
CA PHE F 413 -38.57 33.74 -5.25
C PHE F 413 -39.18 35.10 -4.93
N GLU F 414 -40.40 35.35 -5.40
CA GLU F 414 -41.06 36.62 -5.11
C GLU F 414 -41.45 36.73 -3.64
N MET F 415 -41.81 35.61 -3.01
CA MET F 415 -42.17 35.64 -1.60
C MET F 415 -40.94 35.70 -0.69
N MET F 416 -39.78 35.25 -1.18
CA MET F 416 -38.57 35.34 -0.38
C MET F 416 -38.15 36.79 -0.14
N LYS F 417 -38.37 37.66 -1.11
CA LYS F 417 -38.02 39.06 -0.96
C LYS F 417 -39.01 39.78 -0.05
N MET G 1 56.84 -14.73 24.09
CA MET G 1 56.46 -14.40 22.72
C MET G 1 54.97 -14.60 22.50
N ASN G 2 54.18 -13.56 22.78
CA ASN G 2 52.74 -13.61 22.62
C ASN G 2 52.30 -12.56 21.61
N LEU G 3 51.24 -12.86 20.87
CA LEU G 3 50.77 -11.95 19.82
C LEU G 3 50.17 -10.69 20.43
N THR G 4 49.32 -10.85 21.45
CA THR G 4 48.68 -9.69 22.06
C THR G 4 49.70 -8.78 22.74
N GLU G 5 50.78 -9.34 23.30
CA GLU G 5 51.81 -8.52 23.91
C GLU G 5 52.49 -7.63 22.89
N LEU G 6 52.78 -8.17 21.69
CA LEU G 6 53.37 -7.35 20.65
C LEU G 6 52.36 -6.38 20.05
N LYS G 7 51.07 -6.73 20.07
CA LYS G 7 50.04 -5.82 19.60
C LYS G 7 49.83 -4.65 20.54
N ASN G 8 50.05 -4.84 21.84
CA ASN G 8 49.88 -3.75 22.80
C ASN G 8 51.08 -2.81 22.82
N THR G 9 52.23 -3.27 22.36
CA THR G 9 53.42 -2.41 22.34
C THR G 9 53.25 -1.27 21.34
N PRO G 10 53.83 -0.11 21.61
CA PRO G 10 53.72 1.02 20.69
C PRO G 10 54.53 0.79 19.41
N VAL G 11 54.36 1.73 18.48
CA VAL G 11 55.03 1.60 17.18
C VAL G 11 56.51 1.90 17.30
N SER G 12 56.87 2.89 18.13
CA SER G 12 58.26 3.32 18.22
C SER G 12 59.14 2.21 18.79
N GLU G 13 58.69 1.56 19.86
CA GLU G 13 59.47 0.48 20.44
C GLU G 13 59.60 -0.71 19.49
N LEU G 14 58.54 -1.02 18.74
CA LEU G 14 58.62 -2.11 17.77
C LEU G 14 59.59 -1.77 16.64
N ILE G 15 59.59 -0.52 16.18
CA ILE G 15 60.55 -0.10 15.15
C ILE G 15 61.97 -0.20 15.67
N THR G 16 62.18 0.23 16.92
CA THR G 16 63.51 0.15 17.52
C THR G 16 63.97 -1.30 17.65
N LEU G 17 63.08 -2.18 18.10
CA LEU G 17 63.42 -3.59 18.24
C LEU G 17 63.74 -4.22 16.89
N GLY G 18 62.94 -3.89 15.87
CA GLY G 18 63.21 -4.41 14.53
C GLY G 18 64.53 -3.92 13.96
N GLU G 19 64.86 -2.64 14.20
CA GLU G 19 66.15 -2.12 13.75
C GLU G 19 67.30 -2.77 14.49
N ASN G 20 67.11 -3.09 15.78
CA ASN G 20 68.15 -3.79 16.52
C ASN G 20 68.31 -5.23 16.04
N MET G 21 67.22 -5.86 15.59
CA MET G 21 67.31 -7.23 15.11
C MET G 21 68.01 -7.30 13.75
N GLY G 22 68.18 -6.16 13.07
CA GLY G 22 68.87 -6.15 11.81
C GLY G 22 68.03 -6.62 10.64
N LEU G 23 66.95 -5.91 10.35
CA LEU G 23 66.05 -6.23 9.24
C LEU G 23 65.91 -5.01 8.34
N GLU G 24 65.00 -5.10 7.38
CA GLU G 24 64.72 -3.99 6.48
C GLU G 24 64.14 -2.82 7.26
N ASN G 25 64.27 -1.62 6.68
CA ASN G 25 63.79 -0.39 7.31
C ASN G 25 62.32 -0.50 7.67
N LEU G 26 62.02 -0.40 8.96
CA LEU G 26 60.67 -0.57 9.47
C LEU G 26 59.93 0.75 9.64
N ALA G 27 60.59 1.88 9.41
CA ALA G 27 59.91 3.17 9.53
C ALA G 27 58.81 3.31 8.49
N ARG G 28 59.09 2.91 7.25
CA ARG G 28 58.08 2.89 6.18
C ARG G 28 57.43 1.53 6.08
N MET G 29 56.91 1.02 7.20
CA MET G 29 56.28 -0.30 7.24
C MET G 29 55.12 -0.26 8.20
N ARG G 30 54.13 -1.12 7.95
CA ARG G 30 52.97 -1.23 8.83
C ARG G 30 53.37 -1.94 10.13
N LYS G 31 52.62 -1.65 11.19
CA LYS G 31 52.89 -2.27 12.48
C LYS G 31 52.71 -3.77 12.43
N GLN G 32 51.69 -4.23 11.71
CA GLN G 32 51.47 -5.67 11.55
C GLN G 32 52.62 -6.33 10.81
N ASP G 33 53.11 -5.68 9.76
CA ASP G 33 54.26 -6.21 9.04
C ASP G 33 55.51 -6.22 9.91
N ILE G 34 55.67 -5.20 10.76
CA ILE G 34 56.79 -5.16 11.68
C ILE G 34 56.72 -6.33 12.65
N ILE G 35 55.54 -6.59 13.20
CA ILE G 35 55.37 -7.71 14.13
C ILE G 35 55.63 -9.03 13.42
N PHE G 36 55.17 -9.15 12.17
CA PHE G 36 55.38 -10.37 11.40
C PHE G 36 56.87 -10.61 11.16
N ALA G 37 57.60 -9.56 10.79
CA ALA G 37 59.03 -9.70 10.55
C ALA G 37 59.77 -10.03 11.84
N ILE G 38 59.36 -9.42 12.96
CA ILE G 38 59.99 -9.72 14.24
C ILE G 38 59.76 -11.16 14.63
N LEU G 39 58.53 -11.66 14.42
CA LEU G 39 58.24 -13.06 14.72
C LEU G 39 59.06 -13.99 13.83
N LYS G 40 59.19 -13.67 12.55
CA LYS G 40 60.01 -14.48 11.66
C LYS G 40 61.46 -14.52 12.14
N GLN G 41 62.02 -13.35 12.45
CA GLN G 41 63.41 -13.29 12.87
C GLN G 41 63.63 -14.01 14.20
N HIS G 42 62.63 -13.96 15.09
CA HIS G 42 62.77 -14.64 16.37
C HIS G 42 62.61 -16.14 16.24
N ALA G 43 61.79 -16.61 15.29
CA ALA G 43 61.65 -18.03 15.04
C ALA G 43 62.81 -18.61 14.25
N LYS G 44 63.53 -17.78 13.49
CA LYS G 44 64.73 -18.26 12.81
C LYS G 44 65.81 -18.66 13.80
N SER G 45 65.79 -18.11 15.01
CA SER G 45 66.75 -18.47 16.03
C SER G 45 66.40 -19.77 16.74
N GLY G 46 65.20 -20.32 16.51
CA GLY G 46 64.80 -21.56 17.11
C GLY G 46 63.82 -21.44 18.27
N GLU G 47 63.51 -20.22 18.71
CA GLU G 47 62.60 -20.05 19.82
C GLU G 47 61.16 -20.29 19.38
N ASP G 48 60.30 -20.53 20.37
CA ASP G 48 58.89 -20.80 20.11
C ASP G 48 58.07 -19.51 20.13
N ILE G 49 56.96 -19.53 19.39
CA ILE G 49 56.03 -18.41 19.32
C ILE G 49 54.66 -18.87 19.75
N PHE G 50 53.98 -18.06 20.54
CA PHE G 50 52.66 -18.37 21.06
C PHE G 50 51.65 -17.32 20.61
N GLY G 51 50.40 -17.75 20.45
CA GLY G 51 49.34 -16.88 20.03
C GLY G 51 48.01 -17.32 20.62
N ASP G 52 46.97 -16.54 20.34
CA ASP G 52 45.64 -16.82 20.87
C ASP G 52 44.62 -16.09 20.00
N GLY G 53 43.36 -16.43 20.20
CA GLY G 53 42.28 -15.81 19.45
C GLY G 53 41.04 -16.68 19.47
N VAL G 54 39.96 -16.11 18.94
CA VAL G 54 38.68 -16.79 18.86
C VAL G 54 38.60 -17.53 17.53
N LEU G 55 38.17 -18.79 17.58
CA LEU G 55 38.13 -19.63 16.39
C LEU G 55 36.92 -19.29 15.53
N GLU G 56 37.14 -19.23 14.21
CA GLU G 56 36.08 -18.98 13.22
C GLU G 56 36.21 -20.07 12.15
N ILE G 57 35.44 -21.15 12.33
CA ILE G 57 35.49 -22.26 11.38
C ILE G 57 34.81 -21.85 10.09
N LEU G 58 35.51 -22.01 8.97
CA LEU G 58 34.95 -21.68 7.67
C LEU G 58 34.06 -22.81 7.17
N GLN G 59 33.39 -22.56 6.05
CA GLN G 59 32.48 -23.56 5.49
C GLN G 59 33.23 -24.74 4.89
N ASP G 60 34.46 -24.52 4.42
CA ASP G 60 35.22 -25.61 3.81
C ASP G 60 35.68 -26.62 4.85
N GLY G 61 36.05 -26.16 6.04
CA GLY G 61 36.49 -27.04 7.10
C GLY G 61 37.62 -26.50 7.93
N PHE G 62 38.35 -25.53 7.40
CA PHE G 62 39.46 -24.91 8.12
C PHE G 62 38.94 -23.70 8.89
N GLY G 63 39.84 -22.94 9.50
CA GLY G 63 39.43 -21.78 10.28
C GLY G 63 40.62 -20.92 10.64
N PHE G 64 40.31 -19.79 11.27
CA PHE G 64 41.31 -18.83 11.71
C PHE G 64 41.03 -18.41 13.14
N LEU G 65 42.00 -17.74 13.74
CA LEU G 65 41.89 -17.23 15.11
C LEU G 65 41.81 -15.70 15.02
N ARG G 66 40.59 -15.18 15.03
CA ARG G 66 40.39 -13.74 14.97
C ARG G 66 40.86 -13.06 16.25
N SER G 67 41.13 -11.76 16.15
CA SER G 67 41.57 -10.96 17.27
C SER G 67 40.46 -10.00 17.70
N ALA G 68 40.43 -9.70 19.01
CA ALA G 68 39.37 -8.85 19.54
C ALA G 68 39.63 -7.37 19.31
N ASP G 69 40.91 -6.97 19.20
CA ASP G 69 41.22 -5.56 19.01
C ASP G 69 40.85 -5.06 17.62
N SER G 70 40.62 -5.96 16.66
CA SER G 70 40.25 -5.59 15.30
C SER G 70 38.78 -5.90 15.00
N SER G 71 37.98 -6.13 16.03
CA SER G 71 36.55 -6.41 15.88
C SER G 71 36.33 -7.64 15.01
N TYR G 72 37.19 -8.66 15.20
CA TYR G 72 37.09 -9.93 14.49
C TYR G 72 37.13 -9.74 12.96
N LEU G 73 38.02 -8.86 12.52
CA LEU G 73 38.21 -8.60 11.10
C LEU G 73 39.31 -9.49 10.54
N ALA G 74 39.17 -9.85 9.27
CA ALA G 74 40.14 -10.70 8.61
C ALA G 74 41.49 -10.01 8.52
N GLY G 75 42.48 -10.52 9.26
CA GLY G 75 43.80 -9.94 9.28
C GLY G 75 44.86 -10.88 8.72
N PRO G 76 45.99 -10.32 8.30
CA PRO G 76 47.08 -11.17 7.80
C PRO G 76 47.73 -12.01 8.88
N ASP G 77 47.62 -11.62 10.15
CA ASP G 77 48.25 -12.33 11.25
C ASP G 77 47.33 -13.37 11.88
N ASP G 78 46.31 -13.82 11.14
CA ASP G 78 45.42 -14.86 11.66
C ASP G 78 46.12 -16.21 11.67
N ILE G 79 45.86 -16.99 12.71
CA ILE G 79 46.49 -18.30 12.87
C ILE G 79 45.61 -19.34 12.17
N TYR G 80 46.21 -20.04 11.19
CA TYR G 80 45.48 -21.08 10.48
C TYR G 80 45.29 -22.29 11.39
N VAL G 81 44.08 -22.85 11.34
CA VAL G 81 43.73 -24.03 12.12
C VAL G 81 43.31 -25.13 11.14
N SER G 82 44.10 -26.20 11.07
CA SER G 82 43.81 -27.28 10.15
C SER G 82 42.53 -28.01 10.57
N PRO G 83 41.78 -28.56 9.62
CA PRO G 83 40.58 -29.32 9.99
C PRO G 83 40.89 -30.61 10.73
N SER G 84 42.11 -31.13 10.59
CA SER G 84 42.49 -32.35 11.31
C SER G 84 42.46 -32.12 12.81
N GLN G 85 43.04 -31.00 13.27
CA GLN G 85 42.99 -30.69 14.70
C GLN G 85 41.57 -30.39 15.15
N ILE G 86 40.77 -29.77 14.28
CA ILE G 86 39.38 -29.50 14.62
C ILE G 86 38.63 -30.80 14.86
N ARG G 87 38.88 -31.79 14.02
CA ARG G 87 38.25 -33.14 14.08
C ARG G 87 38.82 -33.93 15.25
N ARG G 88 40.05 -33.62 15.66
CA ARG G 88 40.75 -34.34 16.77
C ARG G 88 40.32 -33.82 18.14
N PHE G 89 40.01 -32.51 18.25
CA PHE G 89 39.64 -31.91 19.51
C PHE G 89 38.18 -31.44 19.54
N ASN G 90 37.41 -31.71 18.48
CA ASN G 90 36.01 -31.32 18.40
C ASN G 90 35.84 -29.82 18.63
N LEU G 91 36.61 -29.03 17.90
CA LEU G 91 36.55 -27.59 18.03
C LEU G 91 35.37 -27.02 17.23
N ARG G 92 34.81 -25.93 17.75
CA ARG G 92 33.68 -25.26 17.10
C ARG G 92 33.93 -23.76 17.12
N THR G 93 33.11 -23.05 16.35
CA THR G 93 33.23 -21.59 16.26
C THR G 93 32.97 -20.95 17.61
N GLY G 94 33.95 -20.20 18.12
CA GLY G 94 33.85 -19.53 19.40
C GLY G 94 34.81 -20.04 20.46
N ASP G 95 35.40 -21.21 20.25
CA ASP G 95 36.32 -21.78 21.23
C ASP G 95 37.62 -20.96 21.26
N THR G 96 37.96 -20.46 22.44
CA THR G 96 39.21 -19.73 22.60
C THR G 96 40.38 -20.72 22.64
N ILE G 97 41.31 -20.57 21.71
CA ILE G 97 42.45 -21.47 21.57
C ILE G 97 43.72 -20.68 21.78
N SER G 98 44.61 -21.22 22.62
CA SER G 98 45.90 -20.59 22.91
C SER G 98 46.96 -21.68 22.87
N GLY G 99 47.86 -21.61 21.89
CA GLY G 99 48.90 -22.61 21.75
C GLY G 99 50.07 -22.08 20.95
N LYS G 100 51.07 -22.95 20.79
CA LYS G 100 52.27 -22.59 20.05
C LYS G 100 51.95 -22.43 18.57
N ILE G 101 52.55 -21.42 17.94
CA ILE G 101 52.37 -21.14 16.54
C ILE G 101 53.73 -21.03 15.87
N ARG G 102 53.73 -21.09 14.54
CA ARG G 102 54.95 -21.00 13.75
C ARG G 102 54.70 -20.08 12.56
N PRO G 103 55.71 -19.33 12.12
CA PRO G 103 55.55 -18.47 10.95
C PRO G 103 55.29 -19.31 9.70
N PRO G 104 54.63 -18.73 8.68
CA PRO G 104 54.35 -19.49 7.46
C PRO G 104 55.61 -19.76 6.67
N LYS G 105 55.70 -20.99 6.14
CA LYS G 105 56.84 -21.40 5.34
C LYS G 105 56.67 -20.89 3.91
N GLU G 106 57.50 -21.37 3.00
CA GLU G 106 57.41 -20.98 1.59
C GLU G 106 56.12 -21.54 0.99
N GLY G 107 55.27 -20.66 0.48
CA GLY G 107 53.99 -21.07 -0.07
C GLY G 107 52.82 -20.96 0.88
N GLU G 108 53.04 -20.47 2.11
CA GLU G 108 51.99 -20.28 3.08
C GLU G 108 51.84 -18.79 3.39
N ARG G 109 50.67 -18.43 3.92
CA ARG G 109 50.35 -17.04 4.19
C ARG G 109 49.90 -16.78 5.62
N TYR G 110 49.73 -17.81 6.44
CA TYR G 110 49.22 -17.64 7.80
C TYR G 110 49.97 -18.57 8.75
N PHE G 111 49.95 -18.22 10.03
CA PHE G 111 50.60 -19.03 11.05
C PHE G 111 49.86 -20.35 11.24
N ALA G 112 50.61 -21.41 11.51
CA ALA G 112 50.05 -22.72 11.75
C ALA G 112 50.05 -23.05 13.24
N LEU G 113 49.12 -23.91 13.64
CA LEU G 113 48.97 -24.31 15.03
C LEU G 113 49.56 -25.71 15.20
N LEU G 114 50.53 -25.84 16.10
CA LEU G 114 51.18 -27.12 16.36
C LEU G 114 50.54 -27.86 17.53
N LYS G 115 50.52 -27.22 18.71
CA LYS G 115 49.98 -27.84 19.91
C LYS G 115 49.14 -26.82 20.67
N VAL G 116 47.92 -27.23 21.02
CA VAL G 116 47.00 -26.37 21.77
C VAL G 116 47.27 -26.55 23.26
N ASN G 117 47.42 -25.43 23.97
CA ASN G 117 47.76 -25.48 25.39
C ASN G 117 46.54 -25.24 26.28
N GLU G 118 45.67 -24.32 25.91
CA GLU G 118 44.53 -23.96 26.74
C GLU G 118 43.31 -23.73 25.87
N VAL G 119 42.18 -24.31 26.25
CA VAL G 119 40.93 -24.19 25.52
C VAL G 119 39.90 -23.50 26.40
N ASN G 120 39.36 -22.38 25.91
CA ASN G 120 38.33 -21.62 26.63
C ASN G 120 38.81 -21.22 28.02
N PHE G 121 40.09 -20.85 28.12
CA PHE G 121 40.71 -20.46 29.39
C PHE G 121 40.60 -21.57 30.42
N ASP G 122 40.73 -22.81 29.96
CA ASP G 122 40.62 -23.97 30.83
C ASP G 122 41.37 -25.12 30.20
N LYS G 123 41.48 -26.22 30.95
CA LYS G 123 42.19 -27.38 30.46
C LYS G 123 41.37 -28.07 29.36
N PRO G 124 42.02 -28.64 28.35
CA PRO G 124 41.26 -29.36 27.31
C PRO G 124 40.53 -30.58 27.84
N GLU G 125 41.00 -31.16 28.96
CA GLU G 125 40.31 -32.31 29.53
C GLU G 125 38.96 -31.92 30.11
N ASN G 126 38.76 -30.65 30.47
CA ASN G 126 37.46 -30.18 30.93
C ASN G 126 36.58 -29.71 29.78
N ALA G 127 37.17 -29.40 28.62
CA ALA G 127 36.41 -28.94 27.47
C ALA G 127 35.97 -30.09 26.58
N ARG G 128 36.71 -31.21 26.59
CA ARG G 128 36.32 -32.36 25.78
C ARG G 128 34.99 -32.94 26.23
N ASN G 129 34.70 -32.87 27.52
CA ASN G 129 33.44 -33.34 28.08
C ASN G 129 32.65 -32.14 28.55
N LYS G 130 31.62 -31.77 27.78
CA LYS G 130 30.81 -30.60 28.10
C LYS G 130 29.43 -30.78 27.48
N ILE G 131 28.46 -30.05 28.03
CA ILE G 131 27.08 -30.07 27.57
C ILE G 131 26.88 -28.89 26.63
N LEU G 132 26.24 -29.14 25.48
CA LEU G 132 26.01 -28.09 24.51
C LEU G 132 25.04 -27.05 25.07
N PHE G 133 25.08 -25.85 24.46
CA PHE G 133 24.21 -24.77 24.91
C PHE G 133 22.75 -25.03 24.56
N GLU G 134 22.50 -25.79 23.49
CA GLU G 134 21.14 -26.09 23.08
C GLU G 134 20.44 -27.08 24.01
N ASN G 135 21.18 -27.73 24.91
CA ASN G 135 20.60 -28.70 25.82
C ASN G 135 20.42 -28.17 27.24
N LEU G 136 20.93 -26.98 27.54
CA LEU G 136 20.78 -26.43 28.88
C LEU G 136 19.33 -26.04 29.15
N THR G 137 18.88 -26.31 30.37
CA THR G 137 17.49 -26.03 30.75
C THR G 137 17.32 -24.55 31.04
N PRO G 138 16.46 -23.84 30.31
CA PRO G 138 16.26 -22.41 30.59
C PRO G 138 15.50 -22.21 31.89
N LEU G 139 15.64 -21.00 32.44
CA LEU G 139 14.95 -20.61 33.65
C LEU G 139 14.75 -19.11 33.65
N HIS G 140 13.93 -18.64 34.58
CA HIS G 140 13.70 -17.21 34.72
C HIS G 140 14.84 -16.56 35.50
N ALA G 141 14.86 -15.23 35.50
CA ALA G 141 15.88 -14.50 36.23
C ALA G 141 15.73 -14.72 37.73
N ASN G 142 16.76 -15.32 38.32
CA ASN G 142 16.77 -15.63 39.74
C ASN G 142 17.67 -14.67 40.53
N SER G 143 18.94 -14.54 40.11
CA SER G 143 19.86 -13.65 40.80
C SER G 143 19.56 -12.20 40.44
N ARG G 144 19.66 -11.33 41.44
CA ARG G 144 19.37 -9.91 41.26
C ARG G 144 20.65 -9.18 40.87
N LEU G 145 20.62 -8.49 39.72
CA LEU G 145 21.75 -7.66 39.28
C LEU G 145 21.38 -6.20 39.55
N ARG G 146 21.65 -5.77 40.77
CA ARG G 146 21.31 -4.41 41.18
C ARG G 146 22.21 -3.41 40.44
N MET G 147 21.58 -2.36 39.92
CA MET G 147 22.28 -1.34 39.15
C MET G 147 22.60 -0.08 39.94
N GLU G 148 22.12 0.01 41.17
CA GLU G 148 22.34 1.20 41.99
C GLU G 148 23.80 1.29 42.42
N ARG G 149 24.41 2.47 42.22
CA ARG G 149 25.80 2.67 42.61
C ARG G 149 25.94 2.62 44.14
N GLY G 150 25.21 3.49 44.84
CA GLY G 150 25.30 3.58 46.27
C GLY G 150 26.27 4.62 46.79
N ASN G 151 27.03 5.27 45.89
CA ASN G 151 27.99 6.29 46.29
C ASN G 151 27.37 7.67 46.45
N GLY G 152 26.07 7.81 46.22
CA GLY G 152 25.42 9.10 46.37
C GLY G 152 25.78 10.10 45.29
N SER G 153 26.21 9.63 44.12
CA SER G 153 26.56 10.53 43.02
C SER G 153 25.31 11.04 42.33
N THR G 154 25.45 12.18 41.65
CA THR G 154 24.32 12.76 40.92
C THR G 154 23.93 11.91 39.72
N GLU G 155 24.87 11.15 39.15
CA GLU G 155 24.55 10.29 38.02
C GLU G 155 23.84 9.02 38.45
N ASP G 156 23.82 8.72 39.76
CA ASP G 156 23.14 7.52 40.24
C ASP G 156 21.63 7.63 40.15
N LEU G 157 21.09 8.82 39.85
CA LEU G 157 19.65 8.98 39.72
C LEU G 157 19.09 8.12 38.59
N THR G 158 19.84 8.03 37.48
CA THR G 158 19.39 7.19 36.36
C THR G 158 19.31 5.72 36.78
N ALA G 159 20.34 5.23 37.48
CA ALA G 159 20.33 3.84 37.93
C ALA G 159 19.20 3.60 38.94
N ARG G 160 18.94 4.58 39.81
CA ARG G 160 17.86 4.43 40.78
C ARG G 160 16.51 4.37 40.09
N VAL G 161 16.30 5.23 39.09
CA VAL G 161 15.04 5.21 38.34
C VAL G 161 14.90 3.89 37.57
N LEU G 162 16.01 3.39 37.03
CA LEU G 162 15.97 2.12 36.30
C LEU G 162 15.62 0.98 37.24
N ASP G 163 16.18 0.98 38.45
CA ASP G 163 15.86 -0.07 39.42
C ASP G 163 14.41 0.03 39.88
N LEU G 164 13.89 1.25 40.06
CA LEU G 164 12.50 1.41 40.45
C LEU G 164 11.54 1.08 39.32
N ALA G 165 11.98 1.17 38.07
CA ALA G 165 11.10 0.92 36.94
C ALA G 165 11.18 -0.53 36.47
N SER G 166 12.40 -1.05 36.29
CA SER G 166 12.58 -2.39 35.75
C SER G 166 13.89 -2.97 36.28
N PRO G 167 13.84 -3.72 37.37
CA PRO G 167 15.04 -4.40 37.85
C PRO G 167 15.51 -5.45 36.86
N ILE G 168 16.83 -5.61 36.77
CA ILE G 168 17.45 -6.50 35.80
C ILE G 168 18.15 -7.62 36.55
N GLY G 169 17.94 -8.86 36.10
CA GLY G 169 18.58 -10.01 36.68
C GLY G 169 19.40 -10.78 35.65
N ARG G 170 20.03 -11.86 36.10
CA ARG G 170 20.84 -12.68 35.21
C ARG G 170 19.93 -13.45 34.26
N GLY G 171 20.30 -13.44 32.97
CA GLY G 171 19.52 -14.11 31.96
C GLY G 171 18.36 -13.31 31.42
N GLN G 172 18.25 -12.03 31.76
CA GLN G 172 17.14 -11.21 31.30
C GLN G 172 17.26 -10.92 29.81
N ARG G 173 16.12 -10.81 29.14
CA ARG G 173 16.04 -10.53 27.70
C ARG G 173 15.08 -9.36 27.53
N GLY G 174 15.62 -8.14 27.60
CA GLY G 174 14.84 -6.93 27.55
C GLY G 174 15.02 -6.14 26.26
N LEU G 175 14.32 -5.00 26.22
CA LEU G 175 14.36 -4.11 25.07
C LEU G 175 14.31 -2.67 25.56
N ILE G 176 15.13 -1.82 24.96
CA ILE G 176 15.16 -0.40 25.27
C ILE G 176 14.54 0.32 24.07
N VAL G 177 13.23 0.56 24.14
CA VAL G 177 12.50 1.21 23.07
C VAL G 177 12.57 2.72 23.28
N ALA G 178 13.04 3.44 22.27
CA ALA G 178 13.20 4.88 22.37
C ALA G 178 13.31 5.47 20.98
N PRO G 179 12.62 6.58 20.72
CA PRO G 179 12.80 7.28 19.44
C PRO G 179 14.18 7.92 19.36
N PRO G 180 14.62 8.32 18.18
CA PRO G 180 15.95 8.95 18.06
C PRO G 180 16.00 10.27 18.80
N LYS G 181 17.23 10.69 19.13
CA LYS G 181 17.49 11.93 19.86
C LYS G 181 16.79 11.95 21.21
N ALA G 182 16.82 10.82 21.92
CA ALA G 182 16.20 10.71 23.23
C ALA G 182 17.21 10.63 24.38
N GLY G 183 18.41 10.13 24.11
CA GLY G 183 19.40 9.98 25.17
C GLY G 183 19.83 8.54 25.36
N LYS G 184 19.73 7.74 24.29
CA LYS G 184 20.09 6.32 24.38
C LYS G 184 21.58 6.15 24.67
N THR G 185 22.41 7.04 24.13
CA THR G 185 23.85 6.91 24.32
C THR G 185 24.24 7.08 25.78
N MET G 186 23.77 8.16 26.41
CA MET G 186 24.10 8.40 27.82
C MET G 186 23.51 7.31 28.71
N LEU G 187 22.30 6.83 28.38
CA LEU G 187 21.69 5.77 29.18
C LEU G 187 22.50 4.48 29.07
N LEU G 188 22.95 4.13 27.87
CA LEU G 188 23.76 2.93 27.70
C LEU G 188 25.11 3.07 28.41
N GLN G 189 25.70 4.27 28.34
CA GLN G 189 26.97 4.50 29.06
C GLN G 189 26.77 4.33 30.56
N ASN G 190 25.69 4.88 31.10
CA ASN G 190 25.43 4.75 32.53
C ASN G 190 25.19 3.30 32.92
N ILE G 191 24.45 2.56 32.09
CA ILE G 191 24.19 1.15 32.36
C ILE G 191 25.51 0.37 32.37
N ALA G 192 26.36 0.62 31.38
CA ALA G 192 27.63 -0.10 31.30
C ALA G 192 28.53 0.24 32.48
N GLN G 193 28.58 1.51 32.88
CA GLN G 193 29.40 1.90 34.02
C GLN G 193 28.87 1.28 35.31
N SER G 194 27.55 1.26 35.49
CA SER G 194 26.98 0.65 36.69
C SER G 194 27.23 -0.86 36.72
N ILE G 195 27.18 -1.52 35.56
CA ILE G 195 27.46 -2.94 35.52
C ILE G 195 28.93 -3.20 35.85
N ALA G 196 29.83 -2.38 35.30
CA ALA G 196 31.25 -2.57 35.57
C ALA G 196 31.61 -2.24 37.02
N TYR G 197 30.86 -1.35 37.66
CA TYR G 197 31.15 -0.96 39.03
C TYR G 197 30.55 -1.93 40.05
N ASN G 198 29.28 -2.29 39.87
CA ASN G 198 28.60 -3.15 40.84
C ASN G 198 28.98 -4.62 40.68
N HIS G 199 29.02 -5.10 39.44
CA HIS G 199 29.31 -6.50 39.15
C HIS G 199 30.51 -6.60 38.22
N PRO G 200 31.72 -6.44 38.75
CA PRO G 200 32.92 -6.54 37.89
C PRO G 200 33.26 -7.96 37.47
N ASP G 201 32.65 -8.97 38.10
CA ASP G 201 32.96 -10.35 37.77
C ASP G 201 32.30 -10.82 36.48
N CYS G 202 31.23 -10.16 36.05
CA CYS G 202 30.53 -10.56 34.84
C CYS G 202 31.28 -10.09 33.59
N VAL G 203 31.17 -10.88 32.53
CA VAL G 203 31.83 -10.57 31.27
C VAL G 203 30.92 -9.62 30.48
N LEU G 204 31.35 -8.36 30.37
CA LEU G 204 30.58 -7.34 29.67
C LEU G 204 31.05 -7.23 28.23
N MET G 205 30.11 -7.28 27.30
CA MET G 205 30.39 -7.16 25.87
C MET G 205 29.40 -6.17 25.26
N VAL G 206 29.93 -5.11 24.66
CA VAL G 206 29.12 -4.06 24.05
C VAL G 206 29.24 -4.20 22.54
N LEU G 207 28.12 -4.45 21.87
CA LEU G 207 28.08 -4.60 20.42
C LEU G 207 27.44 -3.36 19.80
N LEU G 208 28.18 -2.69 18.93
CA LEU G 208 27.72 -1.49 18.24
C LEU G 208 27.86 -1.71 16.74
N ILE G 209 26.75 -2.01 16.08
CA ILE G 209 26.72 -2.31 14.65
C ILE G 209 26.15 -1.10 13.91
N ASP G 210 26.85 -0.68 12.84
CA ASP G 210 26.40 0.40 11.98
C ASP G 210 26.24 1.71 12.75
N GLU G 211 27.33 2.13 13.41
CA GLU G 211 27.37 3.37 14.17
C GLU G 211 28.54 4.21 13.70
N ARG G 212 28.64 5.42 14.26
CA ARG G 212 29.68 6.35 13.84
C ARG G 212 31.01 5.98 14.48
N PRO G 213 32.13 6.20 13.79
CA PRO G 213 33.43 5.87 14.41
C PRO G 213 33.74 6.66 15.66
N GLU G 214 33.31 7.93 15.70
CA GLU G 214 33.50 8.73 16.92
C GLU G 214 32.81 8.12 18.12
N GLU G 215 31.55 7.69 17.97
CA GLU G 215 30.86 7.02 19.06
C GLU G 215 31.54 5.71 19.44
N VAL G 216 32.08 4.99 18.45
CA VAL G 216 32.77 3.73 18.72
C VAL G 216 34.01 3.99 19.58
N THR G 217 34.84 4.94 19.18
CA THR G 217 36.07 5.20 19.94
C THR G 217 35.76 5.87 21.27
N GLU G 218 34.59 6.51 21.38
CA GLU G 218 34.16 7.05 22.66
C GLU G 218 33.77 5.93 23.62
N MET G 219 32.94 5.00 23.15
CA MET G 219 32.53 3.88 23.99
C MET G 219 33.71 3.00 24.36
N GLN G 220 34.68 2.85 23.45
CA GLN G 220 35.82 2.00 23.73
C GLN G 220 36.70 2.56 24.83
N ARG G 221 36.77 3.89 24.95
CA ARG G 221 37.60 4.55 25.95
C ARG G 221 36.82 4.99 27.17
N LEU G 222 35.57 4.55 27.31
CA LEU G 222 34.73 4.96 28.43
C LEU G 222 34.32 3.80 29.34
N VAL G 223 33.94 2.66 28.76
CA VAL G 223 33.47 1.52 29.54
C VAL G 223 34.66 0.65 29.91
N LYS G 224 34.52 -0.08 31.02
CA LYS G 224 35.56 -0.99 31.49
C LYS G 224 35.20 -2.42 31.07
N GLY G 225 35.44 -2.71 29.80
CA GLY G 225 35.14 -4.01 29.27
C GLY G 225 35.55 -4.15 27.83
N GLU G 226 35.00 -5.16 27.18
CA GLU G 226 35.29 -5.44 25.78
C GLU G 226 34.29 -4.72 24.89
N VAL G 227 34.79 -4.11 23.82
CA VAL G 227 33.96 -3.36 22.87
C VAL G 227 34.23 -3.90 21.47
N VAL G 228 33.24 -4.56 20.89
CA VAL G 228 33.31 -5.05 19.52
C VAL G 228 32.27 -4.28 18.71
N ALA G 229 32.74 -3.49 17.74
CA ALA G 229 31.87 -2.61 16.98
C ALA G 229 32.17 -2.74 15.49
N SER G 230 31.24 -2.25 14.67
CA SER G 230 31.37 -2.27 13.22
C SER G 230 30.68 -1.02 12.68
N THR G 231 31.48 -0.07 12.20
CA THR G 231 30.95 1.20 11.73
C THR G 231 30.14 0.98 10.45
N PHE G 232 29.42 2.04 10.05
CA PHE G 232 28.59 1.99 8.86
C PHE G 232 29.40 1.88 7.57
N ASP G 233 30.70 2.18 7.61
CA ASP G 233 31.54 2.06 6.42
C ASP G 233 31.75 0.61 5.99
N GLU G 234 31.34 -0.36 6.80
CA GLU G 234 31.48 -1.76 6.47
C GLU G 234 30.17 -2.32 5.94
N PRO G 235 30.23 -3.29 5.03
CA PRO G 235 29.01 -3.89 4.49
C PRO G 235 28.27 -4.69 5.54
N ALA G 236 27.04 -5.08 5.19
CA ALA G 236 26.20 -5.84 6.11
C ALA G 236 26.76 -7.24 6.36
N SER G 237 27.59 -7.74 5.42
CA SER G 237 28.20 -9.05 5.61
C SER G 237 29.10 -9.06 6.85
N ARG G 238 29.90 -8.01 7.03
CA ARG G 238 30.75 -7.92 8.22
C ARG G 238 29.90 -7.80 9.48
N HIS G 239 28.77 -7.09 9.38
CA HIS G 239 27.85 -6.99 10.51
C HIS G 239 27.36 -8.37 10.93
N VAL G 240 26.90 -9.16 9.95
CA VAL G 240 26.41 -10.51 10.24
C VAL G 240 27.52 -11.37 10.81
N GLN G 241 28.73 -11.26 10.25
CA GLN G 241 29.86 -12.05 10.74
C GLN G 241 30.19 -11.70 12.18
N VAL G 242 30.22 -10.40 12.50
CA VAL G 242 30.53 -9.97 13.86
C VAL G 242 29.45 -10.43 14.82
N ALA G 243 28.18 -10.32 14.44
CA ALA G 243 27.10 -10.79 15.30
C ALA G 243 27.21 -12.29 15.57
N GLU G 244 27.50 -13.06 14.52
CA GLU G 244 27.64 -14.51 14.69
C GLU G 244 28.81 -14.84 15.59
N MET G 245 29.97 -14.19 15.39
CA MET G 245 31.12 -14.46 16.24
C MET G 245 30.84 -14.10 17.70
N VAL G 246 30.17 -12.97 17.93
CA VAL G 246 29.88 -12.55 19.30
C VAL G 246 28.93 -13.53 19.96
N ILE G 247 27.87 -13.94 19.26
CA ILE G 247 26.91 -14.84 19.89
C ILE G 247 27.52 -16.23 20.11
N GLU G 248 28.41 -16.67 19.20
CA GLU G 248 29.06 -17.96 19.39
C GLU G 248 30.02 -17.91 20.57
N LYS G 249 30.78 -16.82 20.72
CA LYS G 249 31.64 -16.68 21.88
C LYS G 249 30.84 -16.63 23.17
N ALA G 250 29.69 -15.94 23.14
CA ALA G 250 28.83 -15.89 24.32
C ALA G 250 28.32 -17.27 24.70
N LYS G 251 27.89 -18.05 23.69
CA LYS G 251 27.43 -19.40 23.97
C LYS G 251 28.55 -20.28 24.52
N ARG G 252 29.75 -20.16 23.94
CA ARG G 252 30.87 -20.97 24.44
C ARG G 252 31.26 -20.59 25.86
N LEU G 253 31.13 -19.30 26.20
CA LEU G 253 31.41 -18.88 27.57
C LEU G 253 30.35 -19.38 28.53
N VAL G 254 29.07 -19.29 28.14
CA VAL G 254 28.00 -19.77 29.00
C VAL G 254 28.12 -21.27 29.21
N GLU G 255 28.60 -22.00 28.21
CA GLU G 255 28.80 -23.43 28.37
C GLU G 255 29.80 -23.77 29.46
N HIS G 256 30.68 -22.83 29.81
CA HIS G 256 31.62 -23.01 30.91
C HIS G 256 31.16 -22.32 32.19
N LYS G 257 29.85 -22.13 32.34
CA LYS G 257 29.26 -21.53 33.55
C LYS G 257 29.78 -20.13 33.79
N LYS G 258 29.74 -19.29 32.75
CA LYS G 258 30.14 -17.90 32.85
C LYS G 258 28.94 -16.98 32.68
N ASP G 259 29.01 -15.80 33.30
CA ASP G 259 27.94 -14.82 33.25
C ASP G 259 28.29 -13.79 32.17
N VAL G 260 27.66 -13.94 31.00
CA VAL G 260 27.89 -13.06 29.86
C VAL G 260 26.80 -12.01 29.81
N ILE G 261 27.20 -10.77 29.54
CA ILE G 261 26.28 -9.64 29.41
C ILE G 261 26.54 -8.96 28.07
N ILE G 262 25.52 -8.89 27.23
CA ILE G 262 25.63 -8.30 25.90
C ILE G 262 24.71 -7.09 25.85
N LEU G 263 25.31 -5.91 25.64
CA LEU G 263 24.56 -4.65 25.53
C LEU G 263 24.47 -4.28 24.06
N LEU G 264 23.41 -4.74 23.41
CA LEU G 264 23.20 -4.47 21.99
C LEU G 264 22.54 -3.11 21.82
N ASP G 265 23.01 -2.34 20.84
CA ASP G 265 22.46 -1.02 20.54
C ASP G 265 21.98 -0.90 19.10
N SER G 266 21.90 -2.00 18.37
CA SER G 266 21.61 -1.95 16.95
C SER G 266 20.73 -3.11 16.47
N ILE G 267 19.80 -3.58 17.30
CA ILE G 267 18.92 -4.68 16.92
C ILE G 267 18.19 -4.34 15.62
N THR G 268 17.75 -3.09 15.49
CA THR G 268 17.12 -2.64 14.25
C THR G 268 18.11 -2.65 13.09
N ARG G 269 19.33 -2.16 13.34
CA ARG G 269 20.36 -2.18 12.31
C ARG G 269 20.76 -3.60 11.95
N LEU G 270 20.79 -4.49 12.95
CA LEU G 270 21.10 -5.88 12.67
C LEU G 270 20.02 -6.53 11.81
N ALA G 271 18.75 -6.24 12.12
CA ALA G 271 17.67 -6.76 11.30
C ALA G 271 17.72 -6.20 9.88
N ARG G 272 18.07 -4.92 9.74
CA ARG G 272 18.24 -4.36 8.40
C ARG G 272 19.37 -5.05 7.64
N ALA G 273 20.49 -5.33 8.32
CA ALA G 273 21.60 -6.02 7.69
C ALA G 273 21.19 -7.42 7.25
N TYR G 274 20.45 -8.13 8.10
CA TYR G 274 20.01 -9.48 7.74
C TYR G 274 19.01 -9.44 6.58
N ASN G 275 18.15 -8.43 6.55
CA ASN G 275 17.23 -8.28 5.42
C ASN G 275 17.95 -7.88 4.15
N THR G 276 19.12 -7.24 4.27
CA THR G 276 19.89 -6.89 3.08
C THR G 276 20.70 -8.07 2.55
N VAL G 277 21.22 -8.92 3.44
CA VAL G 277 22.07 -10.03 3.01
C VAL G 277 21.28 -11.26 2.59
N VAL G 278 19.96 -11.29 2.84
CA VAL G 278 19.15 -12.45 2.47
C VAL G 278 18.82 -12.37 0.99
N PRO G 279 18.94 -13.47 0.25
CA PRO G 279 18.58 -13.43 -1.17
C PRO G 279 17.10 -13.16 -1.37
N ALA G 280 16.78 -12.44 -2.45
CA ALA G 280 15.39 -12.11 -2.75
C ALA G 280 14.62 -13.36 -3.14
N SER G 281 13.42 -13.49 -2.59
CA SER G 281 12.55 -14.65 -2.86
C SER G 281 11.29 -14.26 -3.63
N GLY G 282 11.22 -13.03 -4.14
CA GLY G 282 10.06 -12.60 -4.88
C GLY G 282 8.82 -12.32 -4.05
N LYS G 283 8.94 -12.32 -2.72
CA LYS G 283 7.82 -12.07 -1.83
C LYS G 283 8.25 -11.05 -0.79
N VAL G 284 7.63 -9.87 -0.82
CA VAL G 284 7.97 -8.78 0.09
C VAL G 284 6.74 -8.46 0.92
N LEU G 285 6.93 -8.37 2.24
CA LEU G 285 5.83 -8.05 3.15
C LEU G 285 5.65 -6.54 3.25
N THR G 286 4.73 -6.14 4.13
CA THR G 286 4.45 -4.72 4.33
C THR G 286 5.65 -4.04 4.97
N GLY G 287 6.13 -2.96 4.34
CA GLY G 287 7.24 -2.20 4.84
C GLY G 287 8.58 -2.55 4.23
N GLY G 288 8.65 -3.58 3.39
CA GLY G 288 9.91 -3.97 2.80
C GLY G 288 10.70 -4.99 3.60
N VAL G 289 10.03 -5.87 4.32
CA VAL G 289 10.68 -6.88 5.14
C VAL G 289 10.47 -8.25 4.50
N ASP G 290 11.55 -9.01 4.36
CA ASP G 290 11.45 -10.35 3.79
C ASP G 290 10.83 -11.30 4.81
N ALA G 291 10.21 -12.37 4.30
CA ALA G 291 9.55 -13.33 5.18
C ALA G 291 10.55 -14.10 6.04
N ASN G 292 11.75 -14.35 5.51
CA ASN G 292 12.77 -15.12 6.22
C ASN G 292 13.94 -14.25 6.67
N ALA G 293 13.74 -12.93 6.75
CA ALA G 293 14.83 -12.04 7.15
C ALA G 293 14.90 -11.87 8.66
N LEU G 294 13.77 -11.93 9.36
CA LEU G 294 13.72 -11.73 10.80
C LEU G 294 14.04 -12.98 11.60
N HIS G 295 14.25 -14.12 10.93
CA HIS G 295 14.51 -15.37 11.65
C HIS G 295 15.85 -15.33 12.36
N ARG G 296 16.89 -14.86 11.67
CA ARG G 296 18.22 -14.79 12.28
C ARG G 296 18.27 -13.80 13.45
N PRO G 297 17.74 -12.57 13.34
CA PRO G 297 17.67 -11.72 14.54
C PRO G 297 16.79 -12.29 15.62
N LYS G 298 15.72 -13.01 15.25
CA LYS G 298 14.88 -13.67 16.25
C LYS G 298 15.69 -14.67 17.06
N ARG G 299 16.48 -15.50 16.40
CA ARG G 299 17.31 -16.46 17.13
C ARG G 299 18.40 -15.76 17.93
N PHE G 300 19.01 -14.72 17.37
CA PHE G 300 20.04 -13.98 18.10
C PHE G 300 19.48 -13.39 19.38
N PHE G 301 18.24 -12.90 19.33
CA PHE G 301 17.60 -12.34 20.53
C PHE G 301 17.24 -13.45 21.51
N GLY G 302 16.62 -14.52 21.01
CA GLY G 302 16.20 -15.61 21.87
C GLY G 302 17.33 -16.45 22.44
N ALA G 303 18.56 -16.24 21.97
CA ALA G 303 19.70 -16.97 22.54
C ALA G 303 19.87 -16.66 24.02
N ALA G 304 19.49 -15.46 24.45
CA ALA G 304 19.59 -15.09 25.86
C ALA G 304 18.67 -15.96 26.71
N ARG G 305 19.24 -16.54 27.77
CA ARG G 305 18.51 -17.41 28.67
C ARG G 305 19.33 -17.61 29.94
N ASN G 306 18.65 -18.01 31.01
CA ASN G 306 19.28 -18.31 32.27
C ASN G 306 19.44 -19.82 32.41
N VAL G 307 20.64 -20.25 32.75
CA VAL G 307 20.99 -21.68 32.84
C VAL G 307 20.93 -22.11 34.29
N GLU G 308 20.28 -23.25 34.55
CA GLU G 308 20.20 -23.77 35.92
C GLU G 308 21.50 -24.43 36.35
N GLU G 309 22.21 -25.09 35.43
CA GLU G 309 23.46 -25.75 35.78
C GLU G 309 24.55 -24.75 36.12
N GLY G 310 24.49 -23.54 35.55
CA GLY G 310 25.49 -22.53 35.82
C GLY G 310 25.63 -21.51 34.71
N GLY G 311 25.87 -20.25 35.08
CA GLY G 311 26.03 -19.20 34.10
C GLY G 311 24.69 -18.62 33.65
N SER G 312 24.79 -17.58 32.84
CA SER G 312 23.61 -16.89 32.31
C SER G 312 24.04 -16.07 31.11
N LEU G 313 23.05 -15.63 30.33
CA LEU G 313 23.27 -14.81 29.15
C LEU G 313 22.24 -13.70 29.12
N THR G 314 22.69 -12.46 29.29
CA THR G 314 21.81 -11.30 29.29
C THR G 314 22.04 -10.49 28.03
N ILE G 315 20.95 -10.15 27.33
CA ILE G 315 20.99 -9.38 26.09
C ILE G 315 20.03 -8.22 26.24
N ILE G 316 20.55 -7.00 26.24
CA ILE G 316 19.74 -5.79 26.34
C ILE G 316 19.90 -5.05 25.02
N ALA G 317 18.89 -5.13 24.16
CA ALA G 317 18.89 -4.51 22.86
C ALA G 317 18.06 -3.24 22.87
N THR G 318 18.51 -2.22 22.14
CA THR G 318 17.82 -0.94 22.04
C THR G 318 17.17 -0.85 20.67
N ALA G 319 15.84 -0.86 20.64
CA ALA G 319 15.09 -0.79 19.39
C ALA G 319 14.80 0.66 19.02
N LEU G 320 14.72 0.92 17.72
CA LEU G 320 14.45 2.24 17.19
C LEU G 320 13.02 2.33 16.68
N ILE G 321 12.33 3.41 17.07
CA ILE G 321 10.96 3.66 16.65
C ILE G 321 10.86 5.11 16.18
N ASP G 322 9.80 5.40 15.44
CA ASP G 322 9.53 6.76 14.94
C ASP G 322 10.69 7.31 14.12
N THR G 323 11.32 6.42 13.35
CA THR G 323 12.44 6.79 12.50
C THR G 323 12.03 7.19 11.10
N GLY G 324 10.73 7.23 10.81
CA GLY G 324 10.24 7.58 9.50
C GLY G 324 10.20 6.44 8.50
N SER G 325 10.74 5.27 8.84
CA SER G 325 10.76 4.11 7.96
C SER G 325 9.79 3.07 8.49
N LYS G 326 8.91 2.58 7.63
CA LYS G 326 7.93 1.58 8.04
C LYS G 326 8.59 0.24 8.34
N MET G 327 9.75 -0.02 7.75
CA MET G 327 10.45 -1.27 8.00
C MET G 327 10.86 -1.39 9.47
N ASP G 328 11.42 -0.31 10.03
CA ASP G 328 11.78 -0.32 11.44
C ASP G 328 10.55 -0.45 12.33
N GLU G 329 9.44 0.15 11.93
CA GLU G 329 8.21 0.01 12.71
C GLU G 329 7.72 -1.44 12.71
N VAL G 330 7.98 -2.14 11.62
CA VAL G 330 7.66 -3.61 11.61
C VAL G 330 8.86 -4.35 12.23
N ILE G 331 10.08 -3.93 11.90
CA ILE G 331 11.33 -4.61 12.39
C ILE G 331 11.49 -4.40 13.89
N TYR G 332 11.57 -3.15 14.35
CA TYR G 332 11.64 -2.90 15.82
C TYR G 332 10.50 -3.67 16.46
N GLU G 333 9.29 -3.54 15.90
CA GLU G 333 8.15 -4.31 16.44
C GLU G 333 8.31 -5.75 15.94
N GLU G 334 7.25 -6.55 15.92
CA GLU G 334 7.44 -7.99 15.61
C GLU G 334 8.35 -8.47 16.74
N PHE G 335 9.25 -7.58 17.20
CA PHE G 335 10.09 -7.91 18.35
C PHE G 335 9.46 -7.50 19.68
N LYS G 336 8.35 -6.76 19.66
CA LYS G 336 7.73 -6.32 20.91
C LYS G 336 7.17 -7.50 21.69
N GLY G 337 6.45 -8.40 21.01
CA GLY G 337 5.89 -9.57 21.67
C GLY G 337 6.85 -10.69 21.96
N THR G 338 8.16 -10.45 21.86
CA THR G 338 9.16 -11.48 22.06
C THR G 338 9.86 -11.39 23.40
N GLY G 339 10.37 -10.21 23.77
CA GLY G 339 11.08 -10.05 25.02
C GLY G 339 10.14 -9.99 26.21
N ASN G 340 10.75 -9.83 27.39
CA ASN G 340 9.99 -9.77 28.63
C ASN G 340 10.31 -8.52 29.45
N MET G 341 10.82 -7.47 28.82
CA MET G 341 11.13 -6.23 29.53
C MET G 341 11.17 -5.11 28.50
N GLU G 342 10.39 -4.06 28.74
CA GLU G 342 10.35 -2.89 27.86
C GLU G 342 10.58 -1.64 28.69
N LEU G 343 11.61 -0.89 28.33
CA LEU G 343 11.94 0.38 28.99
C LEU G 343 11.77 1.49 27.96
N HIS G 344 10.57 2.08 27.94
CA HIS G 344 10.25 3.09 26.95
C HIS G 344 10.77 4.46 27.38
N LEU G 345 11.23 5.24 26.40
CA LEU G 345 11.69 6.60 26.62
C LEU G 345 10.82 7.55 25.81
N SER G 346 10.45 8.68 26.43
CA SER G 346 9.54 9.65 25.82
C SER G 346 10.33 10.78 25.19
N ARG G 347 10.01 11.09 23.93
CA ARG G 347 10.66 12.21 23.25
C ARG G 347 10.17 13.54 23.80
N LYS G 348 8.91 13.60 24.23
CA LYS G 348 8.37 14.84 24.78
C LYS G 348 9.10 15.24 26.05
N ILE G 349 9.47 14.27 26.87
CA ILE G 349 10.23 14.57 28.09
C ILE G 349 11.67 14.93 27.75
N ALA G 350 12.24 14.33 26.70
CA ALA G 350 13.61 14.66 26.32
C ALA G 350 13.70 16.06 25.74
N GLU G 351 12.65 16.52 25.06
CA GLU G 351 12.64 17.88 24.52
C GLU G 351 12.63 18.93 25.62
N LYS G 352 12.10 18.60 26.80
CA LYS G 352 12.10 19.51 27.94
C LYS G 352 13.41 19.49 28.71
N ARG G 353 14.41 18.76 28.21
CA ARG G 353 15.72 18.65 28.85
C ARG G 353 15.61 18.11 30.28
N VAL G 354 14.74 17.12 30.45
CA VAL G 354 14.55 16.45 31.74
C VAL G 354 15.17 15.06 31.62
N PHE G 355 16.40 14.94 32.11
CA PHE G 355 17.12 13.68 32.04
C PHE G 355 17.10 12.98 33.39
N PRO G 356 16.82 11.67 33.45
CA PRO G 356 16.51 10.86 32.26
C PRO G 356 15.05 10.97 31.82
N ALA G 357 14.80 10.81 30.53
CA ALA G 357 13.45 10.87 29.97
C ALA G 357 12.93 9.44 29.80
N ILE G 358 12.48 8.87 30.91
CA ILE G 358 12.02 7.49 30.96
C ILE G 358 10.51 7.47 31.13
N ASP G 359 9.83 6.67 30.31
CA ASP G 359 8.39 6.48 30.44
C ASP G 359 8.13 5.46 31.53
N TYR G 360 7.88 5.92 32.74
CA TYR G 360 7.71 5.02 33.88
C TYR G 360 6.40 4.24 33.76
N ASN G 361 5.40 4.79 33.08
CA ASN G 361 4.10 4.14 33.01
C ASN G 361 4.17 2.86 32.20
N ARG G 362 4.73 2.93 30.99
CA ARG G 362 4.77 1.76 30.11
C ARG G 362 5.91 0.80 30.45
N SER G 363 6.84 1.20 31.33
CA SER G 363 7.92 0.31 31.73
C SER G 363 7.40 -0.75 32.70
N GLY G 364 8.23 -1.75 32.94
CA GLY G 364 7.86 -2.83 33.83
C GLY G 364 8.65 -4.09 33.52
N THR G 365 8.56 -5.04 34.44
CA THR G 365 9.25 -6.32 34.31
C THR G 365 8.30 -7.43 34.76
N ARG G 366 8.24 -8.50 33.96
CA ARG G 366 7.42 -9.65 34.29
C ARG G 366 8.14 -10.54 35.29
N LYS G 367 7.37 -11.13 36.21
CA LYS G 367 7.90 -11.97 37.28
C LYS G 367 8.93 -11.21 38.12
N GLU G 368 8.59 -9.95 38.44
CA GLU G 368 9.50 -9.11 39.22
C GLU G 368 9.61 -9.57 40.67
N GLU G 369 8.68 -10.39 41.14
CA GLU G 369 8.74 -10.87 42.52
C GLU G 369 9.91 -11.83 42.76
N LEU G 370 10.49 -12.38 41.69
CA LEU G 370 11.63 -13.28 41.83
C LEU G 370 12.95 -12.54 42.02
N LEU G 371 12.96 -11.21 41.88
CA LEU G 371 14.16 -10.43 42.05
C LEU G 371 14.08 -9.41 43.19
N THR G 372 12.89 -9.24 43.79
CA THR G 372 12.71 -8.29 44.87
C THR G 372 11.99 -8.96 46.03
N THR G 373 12.16 -8.39 47.22
CA THR G 373 11.52 -8.92 48.40
C THR G 373 10.04 -8.53 48.43
N GLN G 374 9.34 -9.01 49.46
CA GLN G 374 7.91 -8.73 49.58
C GLN G 374 7.67 -7.26 49.86
N GLU G 375 8.36 -6.69 50.84
CA GLU G 375 8.17 -5.29 51.17
C GLU G 375 8.63 -4.38 50.04
N GLU G 376 9.72 -4.74 49.37
CA GLU G 376 10.17 -3.95 48.23
C GLU G 376 9.16 -3.98 47.10
N LEU G 377 8.59 -5.15 46.82
CA LEU G 377 7.57 -5.25 45.78
C LEU G 377 6.32 -4.45 46.16
N GLN G 378 5.93 -4.49 47.43
CA GLN G 378 4.77 -3.72 47.87
C GLN G 378 5.02 -2.21 47.74
N LYS G 379 6.23 -1.76 48.09
CA LYS G 379 6.56 -0.35 47.95
C LYS G 379 6.61 0.07 46.49
N MET G 380 7.13 -0.79 45.60
CA MET G 380 7.12 -0.48 44.18
C MET G 380 5.69 -0.41 43.64
N TRP G 381 4.83 -1.32 44.09
CA TRP G 381 3.43 -1.29 43.67
C TRP G 381 2.74 -0.01 44.13
N ILE G 382 3.00 0.41 45.37
CA ILE G 382 2.40 1.65 45.87
C ILE G 382 2.93 2.85 45.08
N LEU G 383 4.23 2.86 44.78
CA LEU G 383 4.80 3.95 44.02
C LEU G 383 4.21 4.01 42.61
N ARG G 384 3.99 2.85 42.00
CA ARG G 384 3.36 2.82 40.67
C ARG G 384 1.92 3.30 40.73
N LYS G 385 1.18 2.89 41.76
CA LYS G 385 -0.21 3.33 41.88
C LYS G 385 -0.31 4.82 42.17
N ILE G 386 0.71 5.40 42.82
CA ILE G 386 0.70 6.84 43.06
C ILE G 386 1.14 7.60 41.80
N ILE G 387 2.08 7.04 41.04
CA ILE G 387 2.60 7.72 39.87
C ILE G 387 1.63 7.66 38.69
N HIS G 388 0.89 6.56 38.57
CA HIS G 388 0.02 6.33 37.41
C HIS G 388 -0.96 7.47 37.14
N PRO G 389 -1.67 8.04 38.13
CA PRO G 389 -2.61 9.13 37.79
C PRO G 389 -1.93 10.36 37.22
N MET G 390 -0.74 10.70 37.70
CA MET G 390 -0.06 11.90 37.23
C MET G 390 0.45 11.72 35.81
N GLY G 391 0.64 12.84 35.12
CA GLY G 391 1.17 12.82 33.77
C GLY G 391 2.64 12.42 33.74
N GLU G 392 3.11 12.12 32.53
CA GLU G 392 4.47 11.63 32.36
C GLU G 392 5.50 12.65 32.84
N ILE G 393 5.41 13.88 32.33
CA ILE G 393 6.37 14.91 32.72
C ILE G 393 6.23 15.24 34.20
N ASP G 394 5.00 15.34 34.68
CA ASP G 394 4.77 15.62 36.10
C ASP G 394 5.31 14.51 36.98
N ALA G 395 5.08 13.25 36.59
CA ALA G 395 5.58 12.13 37.38
C ALA G 395 7.10 12.10 37.39
N MET G 396 7.73 12.40 36.25
CA MET G 396 9.18 12.43 36.19
C MET G 396 9.75 13.54 37.07
N GLU G 397 9.12 14.73 37.02
CA GLU G 397 9.57 15.82 37.88
C GLU G 397 9.41 15.47 39.35
N PHE G 398 8.28 14.86 39.71
CA PHE G 398 8.06 14.44 41.10
C PHE G 398 9.11 13.43 41.54
N LEU G 399 9.38 12.43 40.70
CA LEU G 399 10.36 11.41 41.04
C LEU G 399 11.75 12.01 41.20
N ILE G 400 12.12 12.92 40.31
CA ILE G 400 13.44 13.54 40.41
C ILE G 400 13.55 14.38 41.67
N ASN G 401 12.51 15.18 41.98
CA ASN G 401 12.56 16.03 43.16
C ASN G 401 12.55 15.21 44.44
N LYS G 402 11.93 14.03 44.41
CA LYS G 402 11.91 13.19 45.61
C LYS G 402 13.18 12.36 45.76
N LEU G 403 13.83 12.00 44.66
CA LEU G 403 15.08 11.26 44.75
C LEU G 403 16.27 12.17 45.01
N ALA G 404 16.15 13.46 44.68
CA ALA G 404 17.23 14.40 44.97
C ALA G 404 17.36 14.70 46.45
N MET G 405 16.30 14.44 47.23
CA MET G 405 16.35 14.75 48.66
C MET G 405 17.21 13.77 49.44
N THR G 406 17.24 12.51 49.03
CA THR G 406 17.97 11.46 49.73
C THR G 406 18.96 10.79 48.78
N LYS G 407 19.75 9.87 49.35
CA LYS G 407 20.74 9.15 48.56
C LYS G 407 20.25 7.76 48.16
N THR G 408 19.53 7.06 49.04
CA THR G 408 19.03 5.73 48.78
C THR G 408 17.52 5.75 48.61
N ASN G 409 17.03 4.79 47.83
CA ASN G 409 15.59 4.72 47.58
C ASN G 409 14.83 4.19 48.79
N ASP G 410 15.54 3.52 49.71
CA ASP G 410 14.88 3.02 50.91
C ASP G 410 14.36 4.17 51.77
N ASP G 411 15.14 5.25 51.88
CA ASP G 411 14.67 6.41 52.63
C ASP G 411 13.47 7.05 51.96
N PHE G 412 13.45 7.11 50.63
CA PHE G 412 12.29 7.64 49.92
C PHE G 412 11.05 6.78 50.17
N PHE G 413 11.21 5.46 50.10
CA PHE G 413 10.07 4.57 50.38
C PHE G 413 9.58 4.71 51.80
N GLU G 414 10.50 4.89 52.75
CA GLU G 414 10.10 5.05 54.15
C GLU G 414 9.41 6.39 54.38
N MET G 415 9.81 7.43 53.66
CA MET G 415 9.17 8.73 53.80
C MET G 415 7.84 8.81 53.07
N MET G 416 7.63 7.95 52.06
CA MET G 416 6.35 7.95 51.36
C MET G 416 5.22 7.48 52.26
N LYS G 417 5.50 6.54 53.16
CA LYS G 417 4.49 6.03 54.08
C LYS G 417 4.20 7.04 55.18
PB ADP H . 13.29 26.91 1.53
O1B ADP H . 12.45 26.68 0.29
O2B ADP H . 14.78 26.92 1.26
O3B ADP H . 12.91 26.10 2.74
PA ADP H . 13.77 29.71 1.43
O1A ADP H . 13.83 29.61 -0.07
O2A ADP H . 15.00 29.87 2.28
O3A ADP H . 12.96 28.42 1.97
O5' ADP H . 12.75 30.91 1.76
C5' ADP H . 11.71 31.22 0.82
C4' ADP H . 11.22 32.63 1.08
O4' ADP H . 11.02 32.84 2.48
C3' ADP H . 12.26 33.64 0.66
O3' ADP H . 12.05 34.03 -0.70
C2' ADP H . 12.09 34.79 1.63
O2' ADP H . 11.24 35.79 1.05
C1' ADP H . 11.41 34.19 2.84
N9 ADP H . 12.42 34.14 3.91
C8 ADP H . 13.12 33.07 4.30
N7 ADP H . 13.98 33.38 5.31
C5 ADP H . 13.84 34.70 5.56
C6 ADP H . 14.43 35.69 6.49
N6 ADP H . 15.39 35.33 7.39
N1 ADP H . 13.99 36.96 6.42
C2 ADP H . 13.05 37.34 5.54
N3 ADP H . 12.46 36.50 4.67
C4 ADP H . 12.81 35.19 4.63
MG MG I . 15.61 26.18 -0.69
BE BEF J . 12.60 25.16 -0.57
F1 BEF J . 11.53 25.14 -1.67
F2 BEF J . 12.75 23.78 0.14
F3 BEF J . 13.98 25.46 -1.20
PB ADP K . -10.99 24.89 -12.44
O1B ADP K . -10.20 25.46 -13.60
O2B ADP K . -11.73 23.62 -12.78
O3B ADP K . -10.22 24.87 -11.15
PA ADP K . -12.78 26.90 -13.33
O1A ADP K . -13.18 26.00 -14.47
O2A ADP K . -11.88 28.11 -13.52
O3A ADP K . -12.14 25.98 -12.17
O5' ADP K . -14.16 27.39 -12.64
C5' ADP K . -15.31 26.55 -12.73
C4' ADP K . -16.55 27.40 -12.47
O4' ADP K . -16.36 28.25 -11.35
C3' ADP K . -16.81 28.32 -13.65
O3' ADP K . -17.68 27.70 -14.59
C2' ADP K . -17.44 29.55 -13.01
O2' ADP K . -18.86 29.47 -13.08
C1' ADP K . -16.98 29.52 -11.57
N9 ADP K . -15.99 30.61 -11.41
C8 ADP K . -14.65 30.45 -11.38
N7 ADP K . -14.03 31.66 -11.24
C5 ADP K . -14.99 32.61 -11.20
C6 ADP K . -15.05 34.08 -11.06
N6 ADP K . -13.93 34.83 -10.95
N1 ADP K . -16.27 34.67 -11.06
C2 ADP K . -17.41 33.96 -11.18
N3 ADP K . -17.43 32.62 -11.30
C4 ADP K . -16.29 31.90 -11.32
MG MG L . -9.82 24.24 -15.45
BE BEF M . -10.83 22.19 -13.24
F1 BEF M . -11.82 21.03 -13.37
F2 BEF M . -9.49 21.77 -12.56
F3 BEF M . -10.44 22.70 -14.66
PB ADP N . 1.45 -12.55 27.54
O1B ADP N . 0.20 -11.90 26.98
O2B ADP N . 2.75 -11.99 27.02
O3B ADP N . 1.38 -14.06 27.54
PA ADP N . 2.03 -13.05 30.27
O1A ADP N . 3.44 -13.44 29.85
O2A ADP N . 1.00 -14.08 30.66
O3A ADP N . 1.41 -12.14 29.10
O5' ADP N . 2.20 -12.00 31.46
C5' ADP N . 3.38 -11.20 31.53
C4' ADP N . 3.54 -10.68 32.94
O4' ADP N . 2.30 -10.19 33.45
C3' ADP N . 3.94 -11.80 33.88
O3' ADP N . 5.36 -11.89 33.97
C2' ADP N . 3.30 -11.43 35.21
O2' ADP N . 4.25 -10.73 36.03
C1' ADP N . 2.16 -10.50 34.84
N9 ADP N . 0.92 -11.26 35.07
C8 ADP N . 0.15 -11.84 34.13
N7 ADP N . -0.91 -12.47 34.68
C5 ADP N . -0.84 -12.29 36.01
C6 ADP N . -1.64 -12.68 37.20
N6 ADP N . -2.78 -13.42 37.09
N1 ADP N . -1.21 -12.28 38.41
C2 ADP N . -0.09 -11.55 38.57
N3 ADP N . 0.69 -11.16 37.54
C4 ADP N . 0.37 -11.49 36.27
MG MG O . 2.91 -15.28 26.43
BE BEF P . 3.21 -12.31 25.36
F1 BEF P . 4.49 -11.49 25.07
F2 BEF P . 2.21 -12.28 24.16
F3 BEF P . 3.58 -13.79 25.56
PB ADP Q . -22.74 -14.37 13.38
O1B ADP Q . -23.50 -15.32 12.50
O2B ADP Q . -21.35 -14.84 13.75
O3B ADP Q . -22.82 -12.93 12.93
PA ADP Q . -24.36 -15.63 15.34
O1A ADP Q . -25.74 -15.63 14.69
O2A ADP Q . -23.44 -16.83 15.26
O3A ADP Q . -23.55 -14.35 14.77
O5' ADP Q . -24.52 -15.27 16.89
C5' ADP Q . -23.46 -15.59 17.80
C4' ADP Q . -24.01 -15.62 19.21
O4' ADP Q . -24.85 -14.49 19.44
C3' ADP Q . -24.91 -16.83 19.40
O3' ADP Q . -24.15 -17.94 19.90
C2' ADP Q . -25.96 -16.37 20.39
O2' ADP Q . -25.58 -16.73 21.72
C1' ADP Q . -25.97 -14.85 20.27
N9 ADP Q . -27.23 -14.49 19.59
C8 ADP Q . -27.37 -14.16 18.29
N7 ADP Q . -28.66 -13.91 18.00
C5 ADP Q . -29.39 -14.08 19.12
C6 ADP Q . -30.81 -13.97 19.51
N6 ADP Q . -31.77 -13.62 18.63
N1 ADP Q . -31.12 -14.25 20.80
C2 ADP Q . -30.20 -14.60 21.70
N3 ADP Q . -28.89 -14.71 21.42
C4 ADP Q . -28.43 -14.47 20.17
MG MG R . -22.47 -17.03 11.48
BE BEF S . -20.17 -15.09 12.48
F1 BEF S . -18.83 -15.42 13.15
F2 BEF S . -20.00 -14.13 11.26
F3 BEF S . -20.79 -16.38 11.91
PB ADP T . -29.16 4.46 -6.40
O1B ADP T . -29.48 4.53 -7.87
O2B ADP T . -28.81 3.07 -5.91
O3B ADP T . -28.22 5.55 -5.94
PA ADP T . -31.99 4.48 -6.27
O1A ADP T . -32.37 5.59 -7.23
O2A ADP T . -31.98 3.02 -6.68
O3A ADP T . -30.53 4.83 -5.66
O5' ADP T . -32.93 4.58 -4.97
C5' ADP T . -33.06 3.44 -4.11
C4' ADP T . -34.33 3.59 -3.29
O4' ADP T . -34.43 4.91 -2.75
C3' ADP T . -35.55 3.41 -4.16
O3' ADP T . -35.96 2.04 -4.16
C2' ADP T . -36.60 4.31 -3.53
O2' ADP T . -37.42 3.56 -2.63
C1' ADP T . -35.79 5.34 -2.76
N9 ADP T . -35.91 6.62 -3.50
C8 ADP T . -34.99 7.15 -4.32
N7 ADP T . -35.43 8.31 -4.85
C5 ADP T . -36.67 8.54 -4.38
C6 ADP T . -37.72 9.58 -4.54
N6 ADP T . -37.53 10.67 -5.33
N1 ADP T . -38.87 9.41 -3.86
C2 ADP T . -39.09 8.35 -3.06
N3 ADP T . -38.19 7.37 -2.88
C4 ADP T . -36.99 7.41 -3.49
MG MG U . -29.03 2.81 -9.23
BE BEF V . -27.41 2.26 -6.56
F1 BEF V . -27.22 0.95 -5.78
F2 BEF V . -26.05 2.98 -6.85
F3 BEF V . -28.02 1.95 -7.95
PB ADP W . 19.61 8.05 21.32
O1B ADP W . 19.81 8.72 19.97
O2B ADP W . 20.67 7.03 21.66
O3B ADP W . 18.21 7.60 21.62
PA ADP W . 21.29 9.61 23.01
O1A ADP W . 22.26 9.74 21.85
O2A ADP W . 21.55 8.70 24.18
O3A ADP W . 19.85 9.25 22.39
O5' ADP W . 21.05 11.11 23.55
C5' ADP W . 21.19 12.21 22.67
C4' ADP W . 21.41 13.48 23.48
O4' ADP W . 20.49 13.54 24.58
C3' ADP W . 22.78 13.47 24.11
O3' ADP W . 23.73 14.11 23.25
C2' ADP W . 22.60 14.22 25.42
O2' ADP W . 22.96 15.59 25.25
C1' ADP W . 21.13 14.10 25.73
N9 ADP W . 21.00 13.16 26.88
C8 ADP W . 20.65 11.87 26.80
N7 ADP W . 20.66 11.31 28.04
C5 ADP W . 21.04 12.24 28.92
C6 ADP W . 21.25 12.33 30.38
N6 ADP W . 21.07 11.25 31.19
N1 ADP W . 21.65 13.52 30.90
C2 ADP W . 21.85 14.59 30.12
N3 ADP W . 21.67 14.59 28.78
C4 ADP W . 21.27 13.47 28.14
MG MG X . 22.06 6.26 20.09
BE BEF Y . 19.73 7.73 18.53
F1 BEF Y . 19.80 8.67 17.31
F2 BEF Y . 18.70 6.58 18.33
F3 BEF Y . 21.09 7.03 18.72
#